data_2ZCI
#
_entry.id   2ZCI
#
_cell.length_a   70.336
_cell.length_b   118.055
_cell.length_c   152.931
_cell.angle_alpha   90.00
_cell.angle_beta   96.44
_cell.angle_gamma   90.00
#
_symmetry.space_group_name_H-M   'P 1 21 1'
#
loop_
_entity.id
_entity.type
_entity.pdbx_description
1 polymer 'Phosphoenolpyruvate carboxykinase [GTP]'
2 water water
#
_entity_poly.entity_id   1
_entity_poly.type   'polypeptide(L)'
_entity_poly.pdbx_seq_one_letter_code
;MTTAAIRGLQGEAPTKNKELLNWIADAVELFQPEAVVFVDGSQAEWDRMAEDLVEAGTLIKLNEEKRPNSYLARSNPSDV
ARVESRTFICSEKEEDAGPTNNWAPPQAMKDEMSKHYAGSMKGRTMYVVPFCMGPISDPDPKLGVQLTDSEYVVMSMRIM
TRMGIEALDKIGANGSFVRCLHSVGAPLEPGQEDVAWPCNDTKYITQFPETKEIWSYGSGYGGNAILAKKCYALRIASVM
AREEGWMAEHMLILKLINPEGKAYHIAAAFPSACGKTNLAMITPTIPGWTAQVVGDDIAWLKLREDGLYAVNPENGFFGV
APGTNYASNPIAMKTMEPGNTLFTNVALTDDGDIWWEGMDGDAPAHLIDWMGNDWTPESDENAAHPNSRYCVAIDQSPAA
APEFNDWEGVKIDAILFGGRRADTVPLVTQTYDWEHGTMVGALLASGQTAASAEAKVGTLRHDPMAMLPFIGYNAGEYLQ
NWIDMGNKGGDKMPSIFLVNWFRRGEDGRFLWPGFGDNSRVLKWVIDRIEGHVGADETVVGHTAKAEDLDLDGLDTPIED
VKEALTAPAEQWANDVEDNAEYLTFLGPRVPAEVHSQFDALKARISAAHA
;
_entity_poly.pdbx_strand_id   A,B,C,D
#
# COMPACT_ATOMS: atom_id res chain seq x y z
N ALA A 13 77.48 -12.36 -17.61
CA ALA A 13 76.14 -12.78 -18.09
C ALA A 13 76.29 -13.23 -19.53
N PRO A 14 75.55 -14.29 -19.91
CA PRO A 14 75.83 -14.83 -21.18
C PRO A 14 75.14 -14.09 -22.24
N THR A 15 74.60 -12.91 -21.98
CA THR A 15 73.81 -12.23 -22.99
C THR A 15 74.24 -10.78 -23.09
N LYS A 16 74.26 -10.26 -24.30
CA LYS A 16 74.55 -8.83 -24.64
C LYS A 16 73.19 -8.14 -24.97
N ASN A 17 72.11 -8.91 -24.98
CA ASN A 17 70.73 -8.47 -25.11
C ASN A 17 70.33 -7.48 -24.04
N LYS A 18 70.14 -6.25 -24.46
CA LYS A 18 70.13 -5.15 -23.53
C LYS A 18 68.71 -4.91 -23.10
N GLU A 19 67.75 -5.17 -24.00
CA GLU A 19 66.35 -5.15 -23.61
C GLU A 19 66.23 -6.18 -22.54
N LEU A 20 66.72 -7.38 -22.80
CA LEU A 20 66.72 -8.44 -21.83
C LEU A 20 67.40 -8.12 -20.51
N LEU A 21 68.60 -7.56 -20.55
CA LEU A 21 69.32 -7.14 -19.31
C LEU A 21 68.67 -6.08 -18.40
N ASN A 22 68.03 -5.10 -19.05
CA ASN A 22 67.21 -4.04 -18.44
C ASN A 22 66.04 -4.68 -17.70
N TRP A 23 65.34 -5.52 -18.41
CA TRP A 23 64.19 -6.20 -17.90
C TRP A 23 64.56 -7.03 -16.64
N ILE A 24 65.64 -7.82 -16.67
CA ILE A 24 66.09 -8.53 -15.46
C ILE A 24 66.48 -7.54 -14.32
N ALA A 25 67.29 -6.51 -14.62
CA ALA A 25 67.69 -5.42 -13.67
C ALA A 25 66.47 -4.89 -12.90
N ASP A 26 65.47 -4.46 -13.66
CA ASP A 26 64.16 -4.06 -13.19
C ASP A 26 63.37 -5.05 -12.29
N ALA A 27 63.24 -6.30 -12.70
CA ALA A 27 62.63 -7.35 -11.87
C ALA A 27 63.46 -7.62 -10.63
N VAL A 28 64.79 -7.68 -10.79
CA VAL A 28 65.74 -7.83 -9.66
C VAL A 28 65.57 -6.72 -8.63
N GLU A 29 65.64 -5.48 -9.06
CA GLU A 29 65.22 -4.32 -8.23
C GLU A 29 63.88 -4.50 -7.48
N LEU A 30 62.81 -4.85 -8.21
CA LEU A 30 61.51 -5.16 -7.57
C LEU A 30 61.60 -6.35 -6.65
N PHE A 31 61.87 -7.51 -7.21
CA PHE A 31 61.78 -8.75 -6.48
C PHE A 31 62.74 -8.97 -5.31
N GLN A 32 63.91 -8.34 -5.35
CA GLN A 32 65.00 -8.54 -4.33
C GLN A 32 65.32 -9.97 -4.06
N PRO A 33 65.77 -10.71 -5.09
CA PRO A 33 66.27 -12.07 -4.86
C PRO A 33 67.69 -12.03 -4.24
N GLU A 34 68.04 -13.06 -3.48
CA GLU A 34 69.41 -13.24 -2.96
C GLU A 34 70.42 -13.42 -4.14
N ALA A 35 69.96 -14.00 -5.27
CA ALA A 35 70.84 -14.42 -6.38
C ALA A 35 70.07 -14.50 -7.70
N VAL A 36 70.77 -14.18 -8.77
CA VAL A 36 70.26 -14.34 -10.13
C VAL A 36 71.06 -15.46 -10.86
N VAL A 37 70.34 -16.42 -11.44
CA VAL A 37 70.96 -17.58 -11.99
C VAL A 37 70.33 -17.83 -13.33
N PHE A 38 71.09 -17.65 -14.41
CA PHE A 38 70.69 -17.96 -15.76
C PHE A 38 70.71 -19.49 -15.92
N VAL A 39 69.67 -20.05 -16.51
CA VAL A 39 69.46 -21.50 -16.49
C VAL A 39 69.97 -22.01 -17.83
N ASP A 40 70.85 -23.02 -17.88
CA ASP A 40 71.36 -23.60 -19.17
C ASP A 40 70.59 -24.70 -19.96
N GLY A 41 69.67 -25.46 -19.37
CA GLY A 41 69.01 -26.56 -20.06
C GLY A 41 69.66 -27.93 -19.91
N SER A 42 70.86 -28.00 -19.29
CA SER A 42 71.61 -29.26 -19.28
C SER A 42 70.99 -30.29 -18.36
N GLN A 43 71.39 -31.53 -18.58
CA GLN A 43 71.01 -32.64 -17.76
C GLN A 43 71.60 -32.58 -16.35
N ALA A 44 72.82 -32.06 -16.23
CA ALA A 44 73.52 -31.95 -15.00
C ALA A 44 72.80 -30.91 -14.22
N GLU A 45 72.33 -29.88 -14.93
CA GLU A 45 71.60 -28.81 -14.23
C GLU A 45 70.30 -29.29 -13.62
N TRP A 46 69.50 -30.04 -14.38
CA TRP A 46 68.29 -30.76 -13.91
C TRP A 46 68.58 -31.70 -12.70
N ASP A 47 69.55 -32.58 -12.86
CA ASP A 47 70.02 -33.45 -11.75
C ASP A 47 70.25 -32.72 -10.44
N ARG A 48 70.96 -31.62 -10.60
CA ARG A 48 71.40 -30.81 -9.47
C ARG A 48 70.13 -30.09 -8.75
N MET A 49 69.06 -29.86 -9.54
CA MET A 49 67.82 -29.20 -9.09
C MET A 49 66.92 -30.23 -8.47
N ALA A 50 66.92 -31.42 -9.01
CA ALA A 50 66.16 -32.50 -8.39
C ALA A 50 66.76 -32.82 -7.05
N GLU A 51 68.09 -32.79 -6.94
CA GLU A 51 68.81 -33.00 -5.62
C GLU A 51 68.47 -31.89 -4.61
N ASP A 52 68.42 -30.64 -5.09
CA ASP A 52 67.99 -29.52 -4.27
C ASP A 52 66.57 -29.70 -3.83
N LEU A 53 65.71 -30.17 -4.70
CA LEU A 53 64.34 -30.23 -4.35
C LEU A 53 64.00 -31.43 -3.48
N VAL A 54 64.66 -32.56 -3.72
CA VAL A 54 64.62 -33.74 -2.82
C VAL A 54 65.03 -33.36 -1.34
N GLU A 55 66.12 -32.60 -1.21
CA GLU A 55 66.55 -31.94 0.04
C GLU A 55 65.49 -30.95 0.53
N ALA A 56 64.96 -30.04 -0.31
CA ALA A 56 63.95 -29.17 0.21
C ALA A 56 62.67 -29.87 0.71
N GLY A 57 62.61 -31.20 0.51
CA GLY A 57 61.49 -32.08 0.84
C GLY A 57 60.39 -31.87 -0.17
N THR A 58 60.67 -31.04 -1.18
CA THR A 58 59.70 -30.72 -2.27
C THR A 58 59.29 -31.92 -3.14
N LEU A 59 60.27 -32.73 -3.56
CA LEU A 59 60.12 -33.98 -4.33
C LEU A 59 60.62 -35.18 -3.57
N ILE A 60 60.15 -36.36 -3.97
CA ILE A 60 60.54 -37.69 -3.47
C ILE A 60 61.11 -38.41 -4.72
N LYS A 61 62.27 -39.04 -4.61
CA LYS A 61 62.84 -39.75 -5.78
C LYS A 61 62.14 -41.09 -5.77
N LEU A 62 61.72 -41.60 -6.92
CA LEU A 62 60.99 -42.85 -6.99
C LEU A 62 62.00 -43.95 -7.04
N ASN A 63 61.52 -45.18 -7.01
CA ASN A 63 62.36 -46.38 -7.08
C ASN A 63 63.14 -46.37 -8.42
N GLU A 64 64.45 -46.29 -8.39
CA GLU A 64 65.21 -46.27 -9.65
C GLU A 64 65.13 -47.53 -10.52
N GLU A 65 64.86 -48.68 -9.88
CA GLU A 65 64.83 -50.01 -10.51
C GLU A 65 63.48 -50.11 -11.23
N LYS A 66 62.55 -49.21 -10.93
CA LYS A 66 61.17 -49.24 -11.44
C LYS A 66 60.86 -47.97 -12.26
N ARG A 67 61.34 -46.79 -11.81
CA ARG A 67 61.14 -45.54 -12.52
C ARG A 67 62.39 -44.70 -12.40
N PRO A 68 63.35 -44.89 -13.35
CA PRO A 68 64.69 -44.24 -13.37
C PRO A 68 64.55 -42.76 -13.38
N ASN A 69 65.33 -42.04 -12.57
CA ASN A 69 65.45 -40.60 -12.72
C ASN A 69 64.08 -39.91 -12.66
N SER A 70 63.08 -40.50 -11.95
CA SER A 70 61.69 -39.90 -11.76
C SER A 70 61.39 -39.44 -10.32
N TYR A 71 60.42 -38.54 -10.19
CA TYR A 71 60.17 -37.76 -8.96
C TYR A 71 58.71 -37.52 -8.73
N LEU A 72 58.32 -37.51 -7.48
CA LEU A 72 56.98 -37.09 -7.03
C LEU A 72 56.98 -35.72 -6.41
N ALA A 73 56.27 -34.77 -7.02
CA ALA A 73 55.96 -33.51 -6.31
C ALA A 73 54.56 -33.60 -5.66
N ARG A 74 54.45 -33.06 -4.44
CA ARG A 74 53.16 -32.91 -3.75
C ARG A 74 53.02 -31.47 -3.38
N SER A 75 51.92 -30.92 -3.87
CA SER A 75 51.59 -29.57 -3.64
C SER A 75 50.64 -29.45 -2.37
N ASN A 76 50.65 -28.24 -1.85
CA ASN A 76 49.69 -27.81 -0.87
C ASN A 76 48.34 -27.81 -1.56
N PRO A 77 47.34 -28.55 -0.99
CA PRO A 77 45.93 -28.62 -1.29
C PRO A 77 45.40 -27.30 -1.75
N SER A 78 45.89 -26.20 -1.15
CA SER A 78 45.43 -24.80 -1.53
C SER A 78 45.87 -24.39 -2.90
N ASP A 79 46.96 -24.97 -3.42
CA ASP A 79 47.16 -24.68 -4.81
C ASP A 79 47.13 -25.77 -5.78
N VAL A 80 45.95 -26.34 -5.95
CA VAL A 80 45.95 -27.56 -6.66
C VAL A 80 45.54 -27.54 -8.10
N ALA A 81 45.20 -26.35 -8.63
CA ALA A 81 44.76 -26.17 -10.05
C ALA A 81 44.46 -24.67 -10.27
N ARG A 82 43.54 -24.41 -11.20
CA ARG A 82 42.44 -23.42 -11.03
C ARG A 82 42.71 -21.90 -11.27
N VAL A 83 42.23 -21.12 -10.30
CA VAL A 83 42.25 -19.65 -10.24
C VAL A 83 41.82 -18.92 -11.48
N GLU A 84 40.84 -19.55 -12.16
CA GLU A 84 40.08 -18.87 -13.19
C GLU A 84 39.45 -17.57 -12.73
N SER A 85 38.99 -17.51 -11.52
CA SER A 85 38.59 -16.25 -10.86
C SER A 85 39.59 -15.10 -10.93
N ARG A 86 40.88 -15.41 -11.11
CA ARG A 86 41.94 -14.38 -11.00
C ARG A 86 42.90 -14.52 -12.15
N THR A 87 42.33 -14.81 -13.32
CA THR A 87 43.08 -14.99 -14.53
C THR A 87 42.46 -13.91 -15.42
N PHE A 88 43.32 -12.99 -15.90
CA PHE A 88 42.91 -11.70 -16.45
C PHE A 88 43.54 -11.51 -17.78
N ILE A 89 42.73 -11.10 -18.73
CA ILE A 89 43.27 -10.64 -19.92
C ILE A 89 43.07 -9.19 -19.85
N CYS A 90 44.26 -8.53 -19.65
CA CYS A 90 44.41 -7.07 -19.47
C CYS A 90 44.72 -6.25 -20.76
N SER A 91 43.70 -6.19 -21.62
CA SER A 91 43.81 -5.38 -22.81
C SER A 91 43.47 -4.03 -22.29
N GLU A 92 44.00 -2.97 -22.92
CA GLU A 92 43.54 -1.63 -22.61
C GLU A 92 42.03 -1.37 -22.61
N LYS A 93 41.34 -1.92 -23.62
CA LYS A 93 39.89 -1.89 -23.79
C LYS A 93 39.30 -3.26 -23.50
N GLU A 94 38.23 -3.18 -22.73
CA GLU A 94 37.65 -4.25 -22.04
C GLU A 94 36.98 -5.21 -23.03
N GLU A 95 36.71 -4.74 -24.22
CA GLU A 95 35.95 -5.53 -25.14
C GLU A 95 36.92 -6.25 -26.07
N ASP A 96 38.18 -5.86 -25.93
CA ASP A 96 39.27 -6.58 -26.52
C ASP A 96 39.51 -7.82 -25.67
N ALA A 97 39.05 -7.82 -24.42
CA ALA A 97 39.08 -8.99 -23.58
C ALA A 97 37.79 -9.76 -23.85
N GLY A 98 36.64 -9.07 -23.89
CA GLY A 98 35.34 -9.65 -24.35
C GLY A 98 34.61 -10.59 -23.36
N PRO A 99 33.44 -11.18 -23.78
CA PRO A 99 32.52 -11.79 -22.80
C PRO A 99 32.89 -13.14 -22.22
N THR A 100 33.93 -13.76 -22.77
CA THR A 100 34.39 -15.03 -22.16
C THR A 100 35.64 -14.80 -21.28
N ASN A 101 36.08 -13.55 -21.06
CA ASN A 101 37.29 -13.33 -20.33
C ASN A 101 37.02 -12.40 -19.17
N ASN A 102 37.83 -12.57 -18.11
CA ASN A 102 37.95 -11.59 -17.00
C ASN A 102 38.81 -10.45 -17.40
N TRP A 103 38.46 -9.27 -16.92
CA TRP A 103 39.15 -8.08 -17.40
C TRP A 103 39.47 -7.18 -16.21
N ALA A 104 40.61 -6.49 -16.33
CA ALA A 104 40.95 -5.48 -15.35
C ALA A 104 41.92 -4.50 -16.00
N PRO A 105 41.88 -3.22 -15.62
CA PRO A 105 42.65 -2.28 -16.44
C PRO A 105 44.13 -2.58 -16.29
N PRO A 106 44.90 -2.67 -17.39
CA PRO A 106 46.31 -2.97 -17.40
C PRO A 106 47.17 -2.33 -16.28
N GLN A 107 47.18 -1.00 -16.18
CA GLN A 107 48.16 -0.30 -15.36
C GLN A 107 47.82 -0.65 -13.92
N ALA A 108 46.54 -0.51 -13.58
CA ALA A 108 45.99 -0.89 -12.28
C ALA A 108 46.36 -2.32 -11.87
N MET A 109 46.38 -3.19 -12.86
CA MET A 109 46.83 -4.50 -12.59
C MET A 109 48.36 -4.62 -12.30
N LYS A 110 49.22 -3.95 -13.11
CA LYS A 110 50.68 -3.90 -12.79
C LYS A 110 50.96 -3.41 -11.39
N ASP A 111 50.27 -2.36 -10.95
CA ASP A 111 50.41 -1.94 -9.55
C ASP A 111 49.92 -2.86 -8.46
N GLU A 112 48.75 -3.43 -8.63
CA GLU A 112 48.36 -4.43 -7.66
C GLU A 112 49.48 -5.44 -7.58
N MET A 113 49.79 -6.09 -8.70
CA MET A 113 50.82 -7.13 -8.66
C MET A 113 52.18 -6.67 -8.18
N SER A 114 52.64 -5.48 -8.60
CA SER A 114 53.94 -4.98 -8.07
C SER A 114 53.87 -4.79 -6.56
N LYS A 115 52.66 -4.59 -6.03
CA LYS A 115 52.56 -4.46 -4.57
C LYS A 115 52.89 -5.80 -3.89
N HIS A 116 52.49 -6.90 -4.53
CA HIS A 116 52.79 -8.26 -4.08
C HIS A 116 54.19 -8.73 -4.43
N TYR A 117 54.77 -8.23 -5.55
CA TYR A 117 56.04 -8.71 -6.15
C TYR A 117 57.17 -8.06 -5.43
N ALA A 118 56.94 -6.85 -4.99
CA ALA A 118 57.90 -6.11 -4.17
C ALA A 118 58.57 -6.93 -3.10
N GLY A 119 59.83 -7.29 -3.30
CA GLY A 119 60.50 -8.10 -2.26
C GLY A 119 60.14 -9.55 -2.13
N SER A 120 59.38 -10.16 -3.09
CA SER A 120 58.95 -11.62 -2.87
C SER A 120 60.04 -12.67 -3.06
N MET A 121 61.14 -12.24 -3.62
CA MET A 121 62.18 -13.26 -3.82
C MET A 121 63.28 -13.18 -2.77
N LYS A 122 63.05 -12.30 -1.77
CA LYS A 122 63.92 -12.20 -0.58
C LYS A 122 64.14 -13.60 -0.07
N GLY A 123 65.41 -13.90 0.22
CA GLY A 123 65.84 -15.21 0.62
C GLY A 123 65.87 -16.25 -0.51
N ARG A 124 65.54 -15.87 -1.77
CA ARG A 124 65.47 -16.93 -2.83
C ARG A 124 66.32 -16.57 -4.10
N THR A 125 66.55 -17.58 -4.93
CA THR A 125 67.14 -17.37 -6.22
C THR A 125 66.09 -17.02 -7.30
N MET A 126 66.38 -15.96 -8.05
CA MET A 126 65.68 -15.67 -9.29
C MET A 126 66.35 -16.50 -10.40
N TYR A 127 65.59 -17.43 -10.97
CA TYR A 127 66.04 -18.18 -12.16
C TYR A 127 65.55 -17.46 -13.41
N VAL A 128 66.42 -17.42 -14.40
CA VAL A 128 66.21 -16.80 -15.73
C VAL A 128 66.17 -17.97 -16.72
N VAL A 129 64.99 -18.15 -17.30
CA VAL A 129 64.73 -19.40 -18.01
C VAL A 129 64.47 -18.93 -19.43
N PRO A 130 65.52 -18.91 -20.34
CA PRO A 130 65.29 -18.68 -21.76
C PRO A 130 64.58 -19.87 -22.39
N PHE A 131 63.65 -19.59 -23.31
CA PHE A 131 62.95 -20.70 -23.88
C PHE A 131 62.40 -20.54 -25.28
N CYS A 132 62.20 -21.70 -25.94
CA CYS A 132 61.77 -21.70 -27.32
C CYS A 132 60.48 -22.47 -27.42
N MET A 133 59.56 -21.85 -28.13
CA MET A 133 58.25 -22.41 -28.36
C MET A 133 58.23 -23.06 -29.73
N GLY A 134 58.67 -24.31 -29.81
CA GLY A 134 58.55 -25.08 -31.00
C GLY A 134 59.90 -25.59 -31.36
N PRO A 135 60.02 -26.24 -32.54
CA PRO A 135 61.33 -26.66 -33.02
C PRO A 135 62.41 -25.58 -32.92
N ILE A 136 63.53 -25.92 -32.33
CA ILE A 136 64.64 -24.97 -32.15
C ILE A 136 65.34 -24.63 -33.49
N SER A 137 64.95 -25.39 -34.56
CA SER A 137 65.54 -25.36 -35.95
C SER A 137 64.89 -24.27 -36.85
N ASP A 138 63.89 -23.63 -36.28
CA ASP A 138 63.06 -22.67 -36.94
C ASP A 138 63.82 -21.35 -37.08
N PRO A 139 63.87 -20.81 -38.32
CA PRO A 139 64.55 -19.58 -38.60
C PRO A 139 63.96 -18.34 -37.90
N ASP A 140 62.64 -18.28 -37.65
CA ASP A 140 62.03 -17.23 -36.78
C ASP A 140 61.07 -17.84 -35.71
N PRO A 141 61.62 -18.27 -34.55
CA PRO A 141 60.91 -19.06 -33.52
C PRO A 141 60.17 -18.15 -32.54
N LYS A 142 59.06 -18.59 -31.96
CA LYS A 142 58.59 -17.82 -30.82
C LYS A 142 59.41 -18.23 -29.61
N LEU A 143 59.96 -17.20 -28.99
CA LEU A 143 60.90 -17.32 -27.86
C LEU A 143 60.27 -16.67 -26.62
N GLY A 144 60.80 -17.03 -25.44
CA GLY A 144 60.34 -16.45 -24.24
C GLY A 144 61.40 -16.50 -23.17
N VAL A 145 61.23 -15.70 -22.14
CA VAL A 145 62.08 -15.75 -20.96
C VAL A 145 61.20 -15.65 -19.75
N GLN A 146 61.31 -16.58 -18.81
CA GLN A 146 60.56 -16.51 -17.58
C GLN A 146 61.42 -16.32 -16.40
N LEU A 147 61.11 -15.40 -15.47
CA LEU A 147 61.90 -15.19 -14.21
C LEU A 147 61.03 -15.87 -13.16
N THR A 148 61.60 -16.76 -12.34
CA THR A 148 60.79 -17.51 -11.42
C THR A 148 61.61 -17.76 -10.18
N ASP A 149 60.96 -18.01 -9.02
CA ASP A 149 61.73 -18.37 -7.84
C ASP A 149 61.49 -19.85 -7.49
N SER A 150 61.01 -20.60 -8.49
CA SER A 150 60.69 -21.98 -8.24
C SER A 150 61.56 -22.95 -9.13
N GLU A 151 62.37 -23.87 -8.54
CA GLU A 151 63.21 -24.75 -9.34
C GLU A 151 62.34 -25.85 -9.87
N TYR A 152 61.11 -25.94 -9.38
CA TYR A 152 60.17 -26.96 -9.90
C TYR A 152 59.57 -26.44 -11.23
N VAL A 153 59.25 -25.19 -11.30
CA VAL A 153 58.96 -24.55 -12.54
C VAL A 153 60.07 -24.75 -13.55
N VAL A 154 61.32 -24.34 -13.28
CA VAL A 154 62.49 -24.64 -14.23
C VAL A 154 62.60 -26.08 -14.66
N MET A 155 62.59 -27.03 -13.71
CA MET A 155 62.50 -28.45 -14.06
C MET A 155 61.39 -28.81 -15.05
N SER A 156 60.16 -28.39 -14.73
CA SER A 156 59.03 -28.60 -15.58
C SER A 156 59.22 -27.95 -16.97
N MET A 157 59.72 -26.71 -17.05
CA MET A 157 59.96 -26.03 -18.35
C MET A 157 60.90 -26.82 -19.28
N ARG A 158 61.77 -27.65 -18.70
CA ARG A 158 62.81 -28.38 -19.46
C ARG A 158 62.19 -29.57 -20.18
N ILE A 159 61.14 -30.16 -19.56
CA ILE A 159 60.36 -31.20 -20.23
C ILE A 159 59.45 -30.52 -21.27
N MET A 160 58.84 -29.38 -20.89
CA MET A 160 57.67 -28.85 -21.57
C MET A 160 57.99 -27.92 -22.75
N THR A 161 59.19 -27.32 -22.69
CA THR A 161 59.76 -26.44 -23.70
C THR A 161 61.18 -26.84 -24.10
N ARG A 162 61.75 -26.08 -25.04
CA ARG A 162 63.17 -26.22 -25.56
C ARG A 162 63.82 -25.03 -24.81
N MET A 163 64.55 -25.34 -23.73
CA MET A 163 64.92 -24.38 -22.69
C MET A 163 66.40 -24.24 -22.52
N GLY A 164 66.89 -23.06 -22.25
CA GLY A 164 68.27 -23.00 -21.78
C GLY A 164 69.14 -22.23 -22.67
N ILE A 165 70.42 -22.46 -22.63
CA ILE A 165 71.36 -21.70 -23.50
C ILE A 165 71.06 -21.67 -25.04
N GLU A 166 70.74 -22.80 -25.66
CA GLU A 166 70.27 -22.82 -27.07
C GLU A 166 69.22 -21.70 -27.38
N ALA A 167 68.14 -21.69 -26.56
CA ALA A 167 67.11 -20.66 -26.63
C ALA A 167 67.61 -19.20 -26.44
N LEU A 168 68.56 -18.95 -25.55
CA LEU A 168 69.11 -17.62 -25.24
C LEU A 168 70.01 -17.14 -26.39
N ASP A 169 70.80 -18.06 -26.93
CA ASP A 169 71.57 -17.81 -28.22
C ASP A 169 70.65 -17.52 -29.44
N LYS A 170 69.42 -18.05 -29.47
CA LYS A 170 68.40 -17.77 -30.56
C LYS A 170 67.79 -16.39 -30.41
N ILE A 171 67.56 -15.98 -29.17
CA ILE A 171 67.17 -14.63 -28.86
C ILE A 171 68.28 -13.71 -29.33
N GLY A 172 69.49 -13.94 -28.87
CA GLY A 172 70.61 -13.20 -29.48
C GLY A 172 70.73 -11.88 -28.79
N ALA A 173 71.43 -10.96 -29.46
CA ALA A 173 71.69 -9.61 -28.91
C ALA A 173 70.52 -8.69 -29.13
N ASN A 174 69.68 -9.04 -30.11
CA ASN A 174 68.62 -8.19 -30.65
C ASN A 174 67.20 -8.85 -30.75
N GLY A 175 67.12 -10.12 -30.37
CA GLY A 175 65.89 -10.85 -30.52
C GLY A 175 64.90 -10.30 -29.50
N SER A 176 63.69 -10.26 -29.97
CA SER A 176 62.48 -10.14 -29.20
C SER A 176 62.21 -11.37 -28.40
N PHE A 177 61.36 -11.24 -27.38
CA PHE A 177 60.81 -12.39 -26.66
C PHE A 177 59.54 -12.03 -25.89
N VAL A 178 58.78 -13.03 -25.44
CA VAL A 178 57.73 -12.77 -24.46
C VAL A 178 58.29 -12.73 -23.07
N ARG A 179 57.90 -11.71 -22.29
CA ARG A 179 58.40 -11.48 -20.90
C ARG A 179 57.35 -12.06 -19.93
N CYS A 180 57.80 -13.03 -19.12
CA CYS A 180 56.97 -13.81 -18.26
C CYS A 180 57.65 -13.70 -16.94
N LEU A 181 56.91 -13.23 -15.97
CA LEU A 181 57.40 -13.02 -14.59
C LEU A 181 56.62 -13.94 -13.71
N HIS A 182 57.33 -14.55 -12.76
CA HIS A 182 56.71 -15.43 -11.84
C HIS A 182 57.35 -15.40 -10.47
N SER A 183 56.59 -15.16 -9.42
CA SER A 183 56.97 -15.50 -8.06
C SER A 183 55.90 -16.35 -7.38
N VAL A 184 56.35 -17.29 -6.52
CA VAL A 184 55.42 -18.05 -5.69
C VAL A 184 54.81 -17.18 -4.56
N GLY A 185 55.37 -16.01 -4.26
CA GLY A 185 54.90 -15.21 -3.21
C GLY A 185 55.22 -15.74 -1.81
N ALA A 186 56.37 -16.38 -1.66
CA ALA A 186 56.84 -16.80 -0.29
C ALA A 186 58.25 -16.30 0.14
N PRO A 187 58.48 -14.98 0.31
CA PRO A 187 59.81 -14.46 0.62
C PRO A 187 60.21 -14.94 1.99
N LEU A 188 61.52 -15.13 2.22
CA LEU A 188 62.01 -15.70 3.48
C LEU A 188 62.92 -14.70 4.17
N GLU A 189 62.56 -14.33 5.41
CA GLU A 189 63.38 -13.45 6.32
C GLU A 189 64.68 -14.16 6.70
N PRO A 190 65.74 -13.43 7.11
CA PRO A 190 67.00 -13.99 7.71
C PRO A 190 66.90 -15.25 8.60
N GLY A 191 66.07 -15.24 9.64
CA GLY A 191 65.80 -16.48 10.43
C GLY A 191 65.16 -17.60 9.60
N GLN A 192 63.93 -17.32 9.18
CA GLN A 192 62.92 -18.20 8.55
C GLN A 192 63.19 -19.49 7.75
N GLU A 193 62.75 -20.61 8.29
CA GLU A 193 62.84 -21.91 7.59
C GLU A 193 61.87 -21.96 6.35
N ASP A 194 62.18 -22.74 5.33
CA ASP A 194 61.28 -22.79 4.16
C ASP A 194 60.20 -23.90 4.36
N VAL A 195 59.27 -24.03 3.41
CA VAL A 195 58.21 -25.07 3.47
C VAL A 195 58.48 -25.92 2.24
N ALA A 196 58.02 -27.17 2.20
CA ALA A 196 58.09 -28.03 0.98
C ALA A 196 57.43 -27.52 -0.32
N TRP A 197 56.38 -26.71 -0.17
CA TRP A 197 55.67 -26.17 -1.31
C TRP A 197 55.28 -24.70 -1.12
N PRO A 198 56.16 -23.77 -1.44
CA PRO A 198 55.70 -22.42 -1.05
C PRO A 198 54.71 -21.79 -2.08
N CYS A 199 53.94 -20.80 -1.59
CA CYS A 199 52.91 -20.12 -2.39
C CYS A 199 52.26 -19.19 -1.47
N ASN A 200 51.20 -18.61 -1.99
CA ASN A 200 50.51 -17.54 -1.32
C ASN A 200 49.00 -17.78 -1.52
N ASP A 201 48.23 -17.43 -0.49
CA ASP A 201 46.80 -17.35 -0.56
C ASP A 201 46.25 -16.30 -1.61
N THR A 202 47.01 -15.27 -1.95
CA THR A 202 46.70 -14.34 -3.04
C THR A 202 47.39 -14.84 -4.33
N LYS A 203 46.60 -15.21 -5.35
CA LYS A 203 47.06 -15.74 -6.64
C LYS A 203 46.56 -14.90 -7.83
N TYR A 204 47.41 -14.67 -8.83
CA TYR A 204 47.02 -13.80 -10.00
C TYR A 204 47.70 -14.30 -11.22
N ILE A 205 47.05 -14.30 -12.36
CA ILE A 205 47.67 -14.70 -13.59
C ILE A 205 47.10 -13.58 -14.45
N THR A 206 47.97 -12.72 -14.96
CA THR A 206 47.60 -11.62 -15.79
C THR A 206 48.39 -11.71 -17.09
N GLN A 207 47.67 -11.61 -18.21
CA GLN A 207 48.21 -11.56 -19.56
C GLN A 207 48.04 -10.10 -19.96
N PHE A 208 49.09 -9.48 -20.49
CA PHE A 208 49.02 -8.19 -21.19
C PHE A 208 49.27 -8.36 -22.72
N PRO A 209 48.21 -8.55 -23.54
CA PRO A 209 48.29 -8.85 -24.96
C PRO A 209 49.04 -7.86 -25.86
N GLU A 210 49.04 -6.59 -25.46
CA GLU A 210 49.58 -5.57 -26.31
C GLU A 210 51.08 -5.68 -26.17
N THR A 211 51.57 -5.94 -24.96
CA THR A 211 53.00 -5.81 -24.69
C THR A 211 53.64 -7.20 -24.69
N LYS A 212 52.76 -8.21 -24.88
CA LYS A 212 53.07 -9.60 -24.89
C LYS A 212 53.85 -9.91 -23.63
N GLU A 213 53.24 -9.71 -22.46
CA GLU A 213 53.89 -10.11 -21.18
C GLU A 213 52.89 -10.88 -20.39
N ILE A 214 53.38 -11.77 -19.53
CA ILE A 214 52.51 -12.63 -18.71
C ILE A 214 53.02 -12.48 -17.32
N TRP A 215 52.15 -12.12 -16.37
CA TRP A 215 52.59 -12.07 -14.99
C TRP A 215 51.79 -13.00 -14.13
N SER A 216 52.55 -13.79 -13.41
CA SER A 216 52.04 -14.72 -12.50
C SER A 216 52.51 -14.46 -11.04
N TYR A 217 51.62 -14.66 -10.07
CA TYR A 217 51.95 -14.53 -8.64
C TYR A 217 51.16 -15.53 -7.81
N GLY A 218 51.84 -16.14 -6.86
CA GLY A 218 51.25 -16.74 -5.62
C GLY A 218 51.05 -18.25 -5.68
N SER A 219 51.27 -18.79 -6.86
CA SER A 219 51.06 -20.20 -7.14
C SER A 219 52.31 -20.87 -7.77
N GLY A 220 52.65 -22.10 -7.34
CA GLY A 220 53.76 -22.86 -7.98
C GLY A 220 53.22 -23.92 -8.92
N TYR A 221 51.92 -23.90 -9.13
CA TYR A 221 51.24 -25.07 -9.73
C TYR A 221 50.83 -25.04 -11.22
N GLY A 222 51.19 -26.10 -11.93
CA GLY A 222 50.75 -26.32 -13.27
C GLY A 222 50.83 -25.10 -14.12
N GLY A 223 49.70 -24.85 -14.79
CA GLY A 223 49.53 -23.70 -15.59
C GLY A 223 49.42 -22.38 -14.88
N ASN A 224 49.60 -22.31 -13.55
CA ASN A 224 49.71 -20.98 -12.88
C ASN A 224 51.12 -20.48 -12.88
N ALA A 225 52.09 -21.44 -12.96
CA ALA A 225 53.53 -21.27 -12.81
C ALA A 225 54.31 -21.57 -14.10
N ILE A 226 53.93 -22.65 -14.75
CA ILE A 226 54.48 -23.02 -16.05
C ILE A 226 53.87 -22.10 -17.10
N LEU A 227 54.52 -20.96 -17.33
CA LEU A 227 53.92 -19.92 -18.18
C LEU A 227 53.85 -20.25 -19.70
N ALA A 228 54.74 -21.12 -20.22
CA ALA A 228 54.67 -21.67 -21.64
C ALA A 228 53.33 -22.33 -22.03
N LYS A 229 52.89 -23.22 -21.14
CA LYS A 229 51.65 -24.00 -21.17
C LYS A 229 50.50 -23.05 -20.91
N LYS A 230 49.59 -22.96 -21.83
CA LYS A 230 48.36 -22.11 -21.61
C LYS A 230 48.54 -20.62 -21.83
N CYS A 231 49.30 -19.98 -20.94
CA CYS A 231 49.43 -18.50 -20.94
C CYS A 231 50.12 -17.97 -22.20
N TYR A 232 51.30 -18.49 -22.47
CA TYR A 232 51.98 -18.29 -23.75
C TYR A 232 51.36 -19.21 -24.82
N ALA A 233 51.47 -20.52 -24.69
CA ALA A 233 50.95 -21.36 -25.83
C ALA A 233 49.53 -21.05 -26.42
N LEU A 234 48.58 -20.61 -25.60
CA LEU A 234 47.24 -20.30 -26.16
C LEU A 234 46.84 -18.81 -26.10
N ARG A 235 47.08 -18.18 -24.95
CA ARG A 235 46.45 -16.91 -24.71
C ARG A 235 47.17 -15.80 -25.39
N ILE A 236 48.46 -15.68 -25.06
CA ILE A 236 49.30 -14.71 -25.74
C ILE A 236 49.38 -15.10 -27.19
N ALA A 237 49.40 -16.39 -27.48
CA ALA A 237 49.71 -16.91 -28.80
C ALA A 237 48.53 -16.67 -29.74
N SER A 238 47.30 -16.78 -29.27
CA SER A 238 46.10 -16.39 -30.05
C SER A 238 46.06 -14.87 -30.40
N VAL A 239 46.57 -14.05 -29.51
CA VAL A 239 46.72 -12.60 -29.77
C VAL A 239 47.69 -12.46 -30.95
N MET A 240 48.95 -12.88 -30.81
CA MET A 240 49.86 -12.99 -31.92
C MET A 240 49.23 -13.59 -33.19
N ALA A 241 48.64 -14.78 -33.10
CA ALA A 241 48.00 -15.44 -34.23
C ALA A 241 47.08 -14.43 -34.92
N ARG A 242 46.30 -13.66 -34.14
CA ARG A 242 45.24 -12.79 -34.73
C ARG A 242 45.91 -11.59 -35.37
N GLU A 243 46.99 -11.13 -34.80
CA GLU A 243 47.74 -9.97 -35.29
C GLU A 243 48.55 -10.32 -36.53
N GLU A 244 49.09 -11.56 -36.63
CA GLU A 244 49.98 -12.03 -37.70
C GLU A 244 49.37 -12.97 -38.78
N GLY A 245 48.13 -13.38 -38.63
CA GLY A 245 47.46 -14.11 -39.71
C GLY A 245 47.72 -15.61 -39.60
N TRP A 246 47.66 -16.16 -38.39
CA TRP A 246 47.75 -17.66 -38.22
C TRP A 246 46.83 -18.11 -37.08
N MET A 247 46.94 -19.34 -36.55
CA MET A 247 45.96 -19.77 -35.56
C MET A 247 46.70 -20.49 -34.46
N ALA A 248 46.35 -20.21 -33.16
CA ALA A 248 46.78 -21.02 -31.98
C ALA A 248 45.56 -21.64 -31.38
N GLU A 249 45.58 -22.97 -31.32
CA GLU A 249 44.40 -23.79 -31.08
C GLU A 249 44.68 -24.89 -30.05
N HIS A 250 43.60 -25.45 -29.53
CA HIS A 250 43.68 -26.38 -28.44
C HIS A 250 43.34 -27.72 -29.01
N MET A 251 44.24 -28.23 -29.87
CA MET A 251 44.19 -29.45 -30.70
C MET A 251 45.39 -30.35 -30.48
N LEU A 252 45.18 -31.63 -30.20
CA LEU A 252 46.19 -32.67 -30.52
C LEU A 252 46.49 -32.70 -32.07
N ILE A 253 47.48 -33.45 -32.46
CA ILE A 253 47.95 -33.54 -33.85
C ILE A 253 48.43 -34.98 -33.86
N LEU A 254 47.84 -35.73 -34.75
CA LEU A 254 48.02 -37.14 -34.78
C LEU A 254 48.50 -37.45 -36.16
N LYS A 255 49.60 -38.19 -36.29
CA LYS A 255 49.96 -38.93 -37.55
C LYS A 255 49.30 -40.33 -37.67
N LEU A 256 48.60 -40.52 -38.77
CA LEU A 256 47.95 -41.79 -38.99
C LEU A 256 48.42 -42.30 -40.33
N ILE A 257 49.01 -43.46 -40.32
CA ILE A 257 49.53 -44.03 -41.57
C ILE A 257 48.61 -45.19 -42.03
N ASN A 258 48.18 -45.14 -43.28
CA ASN A 258 47.20 -46.15 -43.68
C ASN A 258 47.89 -47.47 -44.22
N PRO A 259 47.09 -48.52 -44.57
CA PRO A 259 47.80 -49.79 -44.99
C PRO A 259 48.53 -49.70 -46.39
N GLU A 260 49.72 -50.27 -46.37
CA GLU A 260 50.77 -49.81 -47.24
C GLU A 260 50.60 -48.34 -47.66
N GLY A 261 51.39 -47.52 -46.98
CA GLY A 261 51.75 -46.24 -47.55
C GLY A 261 51.39 -45.03 -46.73
N LYS A 262 50.21 -44.49 -46.96
CA LYS A 262 49.99 -43.02 -46.94
C LYS A 262 49.95 -42.38 -45.54
N ALA A 263 50.65 -41.24 -45.33
CA ALA A 263 50.54 -40.54 -44.00
C ALA A 263 49.51 -39.41 -43.95
N TYR A 264 48.46 -39.55 -43.14
CA TYR A 264 47.63 -38.40 -42.89
C TYR A 264 47.99 -37.78 -41.54
N HIS A 265 47.55 -36.55 -41.35
CA HIS A 265 47.71 -35.81 -40.06
C HIS A 265 46.32 -35.22 -39.80
N ILE A 266 45.83 -35.44 -38.59
CA ILE A 266 44.47 -35.03 -38.15
C ILE A 266 44.72 -34.15 -36.89
N ALA A 267 44.16 -32.95 -36.85
CA ALA A 267 44.16 -32.12 -35.67
C ALA A 267 42.76 -32.29 -35.03
N ALA A 268 42.63 -32.10 -33.71
CA ALA A 268 41.38 -32.35 -33.06
C ALA A 268 41.19 -31.56 -31.76
N ALA A 269 40.16 -30.69 -31.75
CA ALA A 269 39.89 -30.00 -30.55
C ALA A 269 38.76 -30.65 -29.74
N PHE A 270 39.10 -31.21 -28.57
CA PHE A 270 38.16 -31.80 -27.60
C PHE A 270 38.27 -31.01 -26.26
N PRO A 271 37.16 -30.58 -25.61
CA PRO A 271 37.31 -30.01 -24.27
C PRO A 271 37.58 -31.08 -23.25
N SER A 272 38.86 -31.47 -23.08
CA SER A 272 39.22 -32.55 -22.11
C SER A 272 40.62 -32.35 -21.49
N ALA A 273 41.53 -33.10 -22.09
CA ALA A 273 42.91 -33.32 -21.63
C ALA A 273 43.08 -34.81 -21.96
N CYS A 274 42.40 -35.72 -21.25
CA CYS A 274 42.50 -37.15 -21.54
C CYS A 274 41.67 -37.65 -22.66
N GLY A 275 40.62 -36.94 -23.06
CA GLY A 275 39.93 -37.25 -24.30
C GLY A 275 40.88 -37.02 -25.47
N LYS A 276 41.62 -35.92 -25.44
CA LYS A 276 42.63 -35.58 -26.41
C LYS A 276 43.90 -36.44 -26.33
N THR A 277 44.40 -36.63 -25.10
CA THR A 277 45.50 -37.53 -24.77
C THR A 277 45.28 -38.91 -25.30
N ASN A 278 44.07 -39.46 -25.08
CA ASN A 278 43.70 -40.79 -25.58
C ASN A 278 43.64 -40.87 -27.11
N LEU A 279 43.14 -39.85 -27.78
CA LEU A 279 43.22 -39.82 -29.26
C LEU A 279 44.64 -39.55 -29.81
N ALA A 280 45.37 -38.54 -29.30
CA ALA A 280 46.79 -38.26 -29.81
C ALA A 280 47.73 -39.51 -29.76
N MET A 281 47.63 -40.29 -28.68
CA MET A 281 48.46 -41.51 -28.47
C MET A 281 47.67 -42.77 -28.69
N ILE A 282 46.67 -42.74 -29.59
CA ILE A 282 45.85 -43.88 -29.93
C ILE A 282 46.73 -44.96 -30.55
N THR A 283 46.48 -46.19 -30.13
CA THR A 283 47.03 -47.28 -30.91
C THR A 283 45.84 -48.00 -31.63
N PRO A 284 45.83 -47.92 -32.99
CA PRO A 284 44.74 -48.47 -33.81
C PRO A 284 44.45 -49.95 -33.60
N THR A 285 43.26 -50.25 -34.04
CA THR A 285 42.55 -51.41 -33.66
C THR A 285 42.25 -52.20 -34.92
N ILE A 286 42.69 -51.64 -36.03
CA ILE A 286 42.46 -52.13 -37.39
C ILE A 286 43.87 -52.43 -37.98
N PRO A 287 43.96 -53.56 -38.72
CA PRO A 287 45.14 -54.16 -39.35
C PRO A 287 45.86 -53.23 -40.37
N GLY A 288 47.15 -52.97 -40.10
CA GLY A 288 47.97 -52.07 -40.88
C GLY A 288 47.87 -50.55 -40.68
N TRP A 289 46.93 -50.03 -39.88
CA TRP A 289 46.96 -48.62 -39.52
C TRP A 289 47.84 -48.52 -38.30
N THR A 290 48.78 -47.59 -38.38
CA THR A 290 49.63 -47.27 -37.27
C THR A 290 49.39 -45.76 -36.94
N ALA A 291 49.58 -45.38 -35.68
CA ALA A 291 49.26 -44.01 -35.24
C ALA A 291 50.50 -43.51 -34.53
N GLN A 292 50.85 -42.24 -34.78
CA GLN A 292 51.93 -41.59 -34.05
C GLN A 292 51.52 -40.18 -33.64
N VAL A 293 51.99 -39.82 -32.45
CA VAL A 293 51.62 -38.55 -31.84
C VAL A 293 52.59 -37.48 -32.36
N VAL A 294 52.03 -36.33 -32.80
CA VAL A 294 52.82 -35.05 -32.97
C VAL A 294 52.58 -34.17 -31.81
N GLY A 295 51.36 -34.15 -31.32
CA GLY A 295 51.13 -33.33 -30.12
C GLY A 295 49.93 -33.88 -29.43
N ASP A 296 49.74 -33.59 -28.16
CA ASP A 296 48.42 -33.90 -27.55
C ASP A 296 47.64 -32.77 -26.89
N ASP A 297 47.96 -31.53 -27.22
CA ASP A 297 47.42 -30.35 -26.43
C ASP A 297 47.21 -29.04 -27.27
N ILE A 298 48.31 -28.49 -27.79
CA ILE A 298 48.30 -27.16 -28.43
C ILE A 298 48.80 -27.32 -29.91
N ALA A 299 48.13 -26.64 -30.84
CA ALA A 299 48.53 -26.64 -32.27
C ALA A 299 48.72 -25.21 -32.77
N TRP A 300 49.84 -24.94 -33.44
CA TRP A 300 50.04 -23.62 -34.06
C TRP A 300 49.90 -23.88 -35.55
N LEU A 301 48.91 -23.29 -36.22
CA LEU A 301 48.68 -23.63 -37.69
C LEU A 301 48.86 -22.44 -38.56
N LYS A 302 49.28 -22.67 -39.79
CA LYS A 302 49.62 -21.55 -40.64
C LYS A 302 49.44 -22.07 -42.03
N LEU A 303 48.87 -21.23 -42.85
CA LEU A 303 48.67 -21.62 -44.17
C LEU A 303 50.03 -21.61 -44.90
N ARG A 304 50.30 -22.70 -45.58
CA ARG A 304 51.38 -22.68 -46.55
C ARG A 304 50.82 -22.74 -47.98
N GLU A 305 51.62 -23.30 -48.88
CA GLU A 305 51.34 -23.32 -50.31
C GLU A 305 50.27 -24.32 -50.60
N ASP A 306 50.40 -25.50 -50.03
CA ASP A 306 49.45 -26.49 -50.46
C ASP A 306 48.44 -26.86 -49.38
N GLY A 307 48.32 -26.06 -48.34
CA GLY A 307 47.50 -26.44 -47.19
C GLY A 307 47.81 -25.75 -45.92
N LEU A 308 47.09 -26.18 -44.89
CA LEU A 308 47.25 -25.67 -43.52
C LEU A 308 48.16 -26.61 -42.73
N TYR A 309 49.23 -26.06 -42.20
CA TYR A 309 50.28 -26.81 -41.55
C TYR A 309 50.33 -26.50 -40.07
N ALA A 310 50.50 -27.53 -39.26
CA ALA A 310 50.58 -27.43 -37.82
C ALA A 310 51.94 -27.82 -37.14
N VAL A 311 52.47 -26.94 -36.30
CA VAL A 311 53.55 -27.29 -35.29
C VAL A 311 52.95 -27.54 -33.86
N ASN A 312 53.47 -28.51 -33.12
CA ASN A 312 53.37 -28.56 -31.69
C ASN A 312 54.40 -27.57 -31.05
N PRO A 313 53.91 -26.46 -30.47
CA PRO A 313 54.81 -25.58 -29.84
C PRO A 313 55.52 -26.15 -28.56
N GLU A 314 54.99 -27.23 -28.01
CA GLU A 314 55.38 -27.84 -26.74
C GLU A 314 56.43 -28.92 -26.93
N ASN A 315 57.17 -29.24 -25.87
CA ASN A 315 58.23 -30.25 -26.00
C ASN A 315 57.98 -31.45 -25.12
N GLY A 316 56.80 -31.54 -24.53
CA GLY A 316 56.66 -32.42 -23.39
C GLY A 316 55.20 -32.66 -23.30
N PHE A 317 54.84 -33.79 -22.69
CA PHE A 317 53.45 -34.12 -22.34
C PHE A 317 53.22 -33.79 -20.87
N PHE A 318 52.03 -33.35 -20.56
CA PHE A 318 51.70 -32.82 -19.25
C PHE A 318 50.24 -33.18 -19.06
N GLY A 319 50.01 -34.46 -18.92
CA GLY A 319 48.67 -34.97 -18.98
C GLY A 319 48.23 -35.43 -17.66
N VAL A 320 46.94 -35.70 -17.63
CA VAL A 320 46.24 -35.99 -16.41
C VAL A 320 46.54 -37.44 -16.18
N ALA A 321 47.04 -37.81 -14.99
CA ALA A 321 47.40 -39.14 -14.79
C ALA A 321 46.20 -40.02 -14.43
N PRO A 322 45.29 -39.59 -13.57
CA PRO A 322 44.24 -40.62 -13.34
C PRO A 322 43.42 -41.05 -14.58
N GLY A 323 43.20 -42.38 -14.71
CA GLY A 323 42.43 -42.94 -15.77
C GLY A 323 43.37 -43.62 -16.76
N THR A 324 44.67 -43.41 -16.51
CA THR A 324 45.73 -43.78 -17.50
C THR A 324 46.25 -45.20 -17.11
N ASN A 325 46.11 -46.12 -18.08
CA ASN A 325 46.51 -47.53 -17.91
C ASN A 325 46.90 -48.09 -19.24
N TYR A 326 47.30 -49.38 -19.25
CA TYR A 326 47.73 -50.08 -20.47
C TYR A 326 46.59 -50.55 -21.43
N ALA A 327 45.37 -50.74 -20.87
CA ALA A 327 44.15 -50.81 -21.66
C ALA A 327 43.60 -49.52 -22.29
N SER A 328 43.70 -48.34 -21.65
CA SER A 328 43.07 -47.13 -22.24
C SER A 328 44.09 -46.38 -23.04
N ASN A 329 45.31 -46.29 -22.52
CA ASN A 329 46.39 -45.55 -23.15
C ASN A 329 47.79 -46.14 -22.90
N PRO A 330 48.07 -47.34 -23.44
CA PRO A 330 49.40 -47.99 -23.31
C PRO A 330 50.62 -47.19 -23.87
N ILE A 331 50.40 -46.40 -24.90
CA ILE A 331 51.45 -45.50 -25.39
C ILE A 331 51.80 -44.49 -24.30
N ALA A 332 50.78 -43.96 -23.60
CA ALA A 332 51.01 -43.08 -22.47
C ALA A 332 51.92 -43.84 -21.48
N MET A 333 51.52 -45.09 -21.19
CA MET A 333 52.22 -45.92 -20.21
C MET A 333 53.67 -46.28 -20.62
N LYS A 334 53.85 -46.72 -21.86
CA LYS A 334 55.15 -46.98 -22.45
C LYS A 334 56.08 -45.69 -22.61
N THR A 335 55.50 -44.53 -22.93
CA THR A 335 56.28 -43.28 -22.82
C THR A 335 56.97 -43.12 -21.47
N MET A 336 56.26 -43.59 -20.42
CA MET A 336 56.70 -43.39 -19.03
C MET A 336 57.55 -44.47 -18.45
N GLU A 337 57.57 -45.64 -19.08
CA GLU A 337 58.24 -46.84 -18.63
C GLU A 337 59.74 -46.65 -18.54
N PRO A 338 60.34 -45.87 -19.45
CA PRO A 338 61.76 -45.47 -19.24
C PRO A 338 62.16 -44.52 -18.07
N GLY A 339 61.21 -43.82 -17.41
CA GLY A 339 61.52 -42.87 -16.35
C GLY A 339 61.60 -41.46 -16.86
N ASN A 340 62.50 -40.62 -16.28
CA ASN A 340 62.60 -39.21 -16.67
C ASN A 340 61.27 -38.42 -16.59
N THR A 341 60.38 -38.89 -15.71
CA THR A 341 59.05 -38.29 -15.54
C THR A 341 59.06 -37.55 -14.18
N LEU A 342 58.41 -36.42 -14.12
CA LEU A 342 58.18 -35.58 -12.98
C LEU A 342 56.65 -35.70 -12.76
N PHE A 343 56.24 -36.32 -11.65
CA PHE A 343 54.84 -36.56 -11.34
C PHE A 343 54.46 -35.55 -10.29
N THR A 344 53.22 -35.08 -10.36
CA THR A 344 52.68 -34.10 -9.38
C THR A 344 51.30 -34.65 -8.84
N ASN A 345 51.24 -34.96 -7.53
CA ASN A 345 49.99 -35.19 -6.78
C ASN A 345 49.35 -36.51 -7.10
N VAL A 346 50.16 -37.43 -7.57
CA VAL A 346 49.80 -38.80 -7.59
C VAL A 346 50.13 -39.47 -6.21
N ALA A 347 49.80 -40.74 -6.10
CA ALA A 347 49.92 -41.51 -4.87
C ALA A 347 51.28 -42.16 -4.88
N LEU A 348 51.68 -42.79 -3.81
CA LEU A 348 53.08 -43.24 -3.64
C LEU A 348 52.96 -44.56 -2.95
N THR A 349 53.58 -45.62 -3.51
CA THR A 349 53.52 -46.99 -2.96
C THR A 349 54.46 -47.13 -1.78
N ASP A 350 54.31 -48.24 -0.99
CA ASP A 350 55.21 -48.52 0.17
C ASP A 350 56.70 -48.81 -0.17
N ASP A 351 56.95 -49.29 -1.39
CA ASP A 351 58.34 -49.44 -1.87
C ASP A 351 58.82 -48.29 -2.88
N GLY A 352 58.14 -47.13 -2.93
CA GLY A 352 58.62 -46.07 -3.86
C GLY A 352 58.23 -45.97 -5.37
N ASP A 353 57.13 -46.61 -5.77
CA ASP A 353 56.61 -46.43 -7.12
C ASP A 353 55.43 -45.47 -6.93
N ILE A 354 54.67 -45.17 -8.00
CA ILE A 354 53.47 -44.29 -7.88
C ILE A 354 52.18 -45.09 -8.27
N TRP A 355 51.03 -44.49 -8.04
CA TRP A 355 49.77 -45.10 -8.37
C TRP A 355 48.83 -43.92 -8.51
N TRP A 356 47.80 -44.12 -9.28
CA TRP A 356 46.65 -43.30 -9.38
C TRP A 356 45.46 -44.18 -9.69
N GLU A 357 44.27 -43.71 -9.32
CA GLU A 357 42.98 -44.32 -9.64
C GLU A 357 42.92 -44.56 -11.16
N GLY A 358 42.27 -45.66 -11.56
CA GLY A 358 42.23 -46.12 -12.95
C GLY A 358 43.47 -46.85 -13.46
N MET A 359 44.55 -46.95 -12.63
CA MET A 359 45.71 -47.83 -12.93
C MET A 359 45.34 -49.32 -13.00
N ASP A 360 46.07 -50.10 -13.80
CA ASP A 360 45.64 -51.48 -14.08
C ASP A 360 45.95 -52.25 -12.82
N GLY A 361 47.00 -51.77 -12.15
CA GLY A 361 47.38 -52.25 -10.85
C GLY A 361 46.33 -51.85 -9.84
N ASP A 362 45.14 -52.49 -9.95
CA ASP A 362 44.06 -52.42 -8.96
C ASP A 362 44.47 -52.42 -7.45
N ALA A 363 43.50 -52.07 -6.61
CA ALA A 363 43.64 -51.82 -5.15
C ALA A 363 44.98 -52.16 -4.41
N PRO A 364 46.01 -51.29 -4.41
CA PRO A 364 47.07 -51.64 -3.45
C PRO A 364 46.51 -51.63 -2.02
N ALA A 365 46.96 -52.48 -1.09
CA ALA A 365 46.40 -52.42 0.27
C ALA A 365 46.62 -51.09 0.98
N HIS A 366 47.79 -50.48 0.76
CA HIS A 366 48.17 -49.18 1.31
C HIS A 366 49.02 -48.32 0.33
N LEU A 367 48.66 -47.03 0.29
CA LEU A 367 49.35 -45.98 -0.46
C LEU A 367 49.57 -44.83 0.49
N ILE A 368 50.50 -43.92 0.20
CA ILE A 368 50.50 -42.52 0.79
C ILE A 368 49.73 -41.74 -0.34
N ASP A 369 48.76 -40.90 0.03
CA ASP A 369 48.06 -40.10 -0.91
C ASP A 369 48.83 -38.78 -1.18
N TRP A 370 48.36 -37.99 -2.14
CA TRP A 370 49.12 -36.89 -2.62
C TRP A 370 49.22 -35.82 -1.52
N MET A 371 48.43 -36.01 -0.45
CA MET A 371 48.51 -35.18 0.75
C MET A 371 49.38 -35.73 1.92
N GLY A 372 49.89 -36.92 1.82
CA GLY A 372 50.88 -37.32 2.80
C GLY A 372 50.20 -38.23 3.81
N ASN A 373 48.95 -38.51 3.58
CA ASN A 373 48.27 -39.40 4.50
C ASN A 373 48.22 -40.77 3.91
N ASP A 374 48.18 -41.76 4.81
CA ASP A 374 48.02 -43.16 4.44
C ASP A 374 46.61 -43.34 3.93
N TRP A 375 46.49 -44.11 2.85
CA TRP A 375 45.28 -44.35 2.16
C TRP A 375 45.10 -45.86 2.03
N THR A 376 43.87 -46.34 2.17
CA THR A 376 43.45 -47.76 2.04
C THR A 376 42.42 -47.80 0.90
N PRO A 377 42.21 -48.94 0.19
CA PRO A 377 40.95 -48.90 -0.60
C PRO A 377 39.59 -48.83 0.12
N GLU A 378 39.59 -48.54 1.44
CA GLU A 378 38.41 -48.08 2.22
C GLU A 378 38.13 -46.60 2.12
N SER A 379 39.18 -45.75 1.91
CA SER A 379 39.04 -44.26 1.90
C SER A 379 38.04 -43.95 0.80
N ASP A 380 37.36 -42.79 0.93
CA ASP A 380 36.34 -42.45 -0.02
C ASP A 380 36.85 -41.35 -0.88
N GLU A 381 38.10 -40.98 -0.52
CA GLU A 381 38.94 -39.95 -1.07
C GLU A 381 40.01 -40.50 -1.96
N ASN A 382 40.19 -39.84 -3.11
CA ASN A 382 41.19 -40.20 -4.08
C ASN A 382 42.62 -40.20 -3.51
N ALA A 383 43.41 -41.23 -3.82
CA ALA A 383 44.87 -41.25 -3.58
C ALA A 383 45.64 -40.26 -4.47
N ALA A 384 45.24 -40.11 -5.74
CA ALA A 384 45.88 -39.22 -6.66
C ALA A 384 44.91 -38.06 -6.77
N HIS A 385 45.36 -36.82 -6.85
CA HIS A 385 44.35 -35.79 -6.94
C HIS A 385 43.85 -36.08 -8.34
N PRO A 386 42.57 -35.78 -8.66
CA PRO A 386 42.05 -35.94 -10.02
C PRO A 386 42.68 -35.04 -11.11
N ASN A 387 43.28 -33.93 -10.77
CA ASN A 387 44.01 -33.17 -11.80
C ASN A 387 45.48 -33.56 -11.78
N SER A 388 45.87 -34.62 -11.04
CA SER A 388 47.27 -35.06 -11.01
C SER A 388 47.89 -35.30 -12.35
N ARG A 389 49.18 -35.02 -12.46
CA ARG A 389 49.93 -34.93 -13.74
C ARG A 389 51.23 -35.78 -13.72
N TYR A 390 51.62 -36.24 -14.92
CA TYR A 390 53.01 -36.66 -15.24
C TYR A 390 53.43 -35.70 -16.34
N CYS A 391 54.70 -35.43 -16.33
CA CYS A 391 55.34 -34.57 -17.27
C CYS A 391 56.48 -35.47 -17.76
N VAL A 392 56.61 -35.62 -19.06
CA VAL A 392 57.53 -36.51 -19.64
C VAL A 392 57.72 -35.91 -21.05
N ALA A 393 58.99 -35.86 -21.48
CA ALA A 393 59.46 -35.65 -22.89
C ALA A 393 58.69 -36.38 -23.98
N ILE A 394 58.18 -35.66 -24.97
CA ILE A 394 57.63 -36.29 -26.21
C ILE A 394 58.59 -37.27 -26.86
N ASP A 395 59.87 -36.88 -26.95
CA ASP A 395 61.03 -37.68 -27.45
C ASP A 395 61.05 -39.08 -27.06
N GLN A 396 60.34 -39.40 -25.98
CA GLN A 396 60.56 -40.62 -25.21
C GLN A 396 59.46 -41.55 -25.53
N SER A 397 58.39 -40.99 -26.08
CA SER A 397 57.34 -41.83 -26.59
C SER A 397 57.83 -42.84 -27.68
N PRO A 398 57.45 -44.13 -27.51
CA PRO A 398 57.69 -45.06 -28.61
C PRO A 398 56.87 -44.69 -29.89
N ALA A 399 55.70 -44.09 -29.70
CA ALA A 399 54.81 -43.66 -30.76
C ALA A 399 55.02 -42.25 -31.30
N ALA A 400 56.09 -41.56 -30.93
CA ALA A 400 56.27 -40.18 -31.26
C ALA A 400 56.54 -40.05 -32.74
N ALA A 401 55.83 -39.18 -33.46
CA ALA A 401 56.14 -38.98 -34.89
C ALA A 401 57.54 -38.36 -35.07
N PRO A 402 58.39 -38.95 -35.92
CA PRO A 402 59.70 -38.32 -36.03
C PRO A 402 59.64 -36.83 -36.36
N GLU A 403 58.60 -36.44 -37.10
CA GLU A 403 58.48 -35.08 -37.60
C GLU A 403 57.96 -34.09 -36.57
N PHE A 404 57.64 -34.51 -35.34
CA PHE A 404 57.21 -33.48 -34.32
C PHE A 404 58.27 -32.31 -34.04
N ASN A 405 59.51 -32.55 -34.39
CA ASN A 405 60.55 -31.56 -34.29
C ASN A 405 60.80 -30.82 -35.56
N ASP A 406 60.03 -31.03 -36.66
CA ASP A 406 60.19 -30.22 -37.89
C ASP A 406 59.59 -28.82 -37.75
N TRP A 407 60.38 -27.80 -38.13
CA TRP A 407 59.95 -26.37 -38.11
C TRP A 407 58.92 -26.04 -39.23
N GLU A 408 58.80 -26.88 -40.24
CA GLU A 408 57.87 -26.56 -41.31
C GLU A 408 56.47 -27.12 -41.01
N GLY A 409 56.35 -28.09 -40.09
CA GLY A 409 55.07 -28.55 -39.63
C GLY A 409 54.56 -29.74 -40.41
N VAL A 410 53.34 -30.17 -40.03
CA VAL A 410 52.66 -31.24 -40.73
C VAL A 410 51.45 -30.68 -41.41
N LYS A 411 51.21 -31.13 -42.62
CA LYS A 411 49.93 -30.76 -43.30
C LYS A 411 48.68 -31.39 -42.69
N ILE A 412 47.73 -30.54 -42.30
CA ILE A 412 46.45 -31.03 -41.73
C ILE A 412 45.43 -31.44 -42.85
N ASP A 413 44.88 -32.64 -42.74
CA ASP A 413 43.94 -33.19 -43.78
C ASP A 413 42.51 -33.17 -43.23
N ALA A 414 42.31 -33.30 -41.93
CA ALA A 414 41.01 -33.10 -41.36
C ALA A 414 41.26 -32.51 -40.00
N ILE A 415 40.27 -31.72 -39.57
CA ILE A 415 40.13 -31.20 -38.23
C ILE A 415 38.81 -31.76 -37.61
N LEU A 416 38.91 -32.24 -36.39
CA LEU A 416 37.81 -32.83 -35.65
C LEU A 416 37.46 -31.90 -34.49
N PHE A 417 36.17 -31.70 -34.24
CA PHE A 417 35.64 -30.96 -33.06
C PHE A 417 34.88 -32.06 -32.34
N GLY A 418 34.90 -32.19 -31.02
CA GLY A 418 34.08 -33.21 -30.33
C GLY A 418 33.76 -32.75 -28.96
N GLY A 419 32.55 -33.01 -28.45
CA GLY A 419 32.20 -32.77 -27.02
C GLY A 419 31.60 -34.02 -26.45
N ARG A 420 31.40 -34.12 -25.13
CA ARG A 420 30.76 -35.31 -24.55
C ARG A 420 29.23 -35.19 -24.49
N ARG A 421 28.51 -35.76 -25.44
CA ARG A 421 27.02 -35.71 -25.47
C ARG A 421 26.35 -37.10 -25.40
N ALA A 422 25.52 -37.34 -24.41
CA ALA A 422 24.77 -38.58 -24.28
C ALA A 422 23.73 -38.78 -25.36
N ASP A 423 23.32 -37.69 -26.00
CA ASP A 423 22.32 -37.74 -27.06
C ASP A 423 22.68 -36.74 -28.16
N THR A 424 21.82 -36.70 -29.19
CA THR A 424 21.85 -35.68 -30.23
C THR A 424 23.02 -35.80 -31.24
N VAL A 425 24.26 -35.78 -30.77
CA VAL A 425 25.31 -35.50 -31.72
C VAL A 425 25.73 -36.83 -32.27
N PRO A 426 25.69 -37.00 -33.62
CA PRO A 426 26.12 -38.33 -34.22
C PRO A 426 27.55 -38.77 -33.88
N LEU A 427 27.85 -40.05 -33.95
CA LEU A 427 29.25 -40.55 -33.77
C LEU A 427 30.34 -39.83 -34.59
N VAL A 428 30.08 -39.59 -35.87
CA VAL A 428 31.00 -38.80 -36.70
C VAL A 428 30.17 -38.24 -37.86
N THR A 429 30.39 -37.00 -38.22
CA THR A 429 29.67 -36.39 -39.28
C THR A 429 30.59 -35.33 -39.95
N GLN A 430 30.52 -35.22 -41.25
CA GLN A 430 31.35 -34.24 -41.93
C GLN A 430 30.61 -32.93 -42.22
N THR A 431 31.30 -31.81 -41.96
CA THR A 431 30.69 -30.48 -42.15
C THR A 431 30.86 -30.18 -43.63
N TYR A 432 30.13 -29.17 -44.11
CA TYR A 432 29.99 -28.78 -45.54
C TYR A 432 31.19 -28.00 -46.05
N ASP A 433 31.79 -27.20 -45.22
CA ASP A 433 32.92 -26.41 -45.68
C ASP A 433 33.50 -25.74 -44.41
N TRP A 434 34.49 -24.86 -44.59
CA TRP A 434 35.18 -24.25 -43.45
C TRP A 434 34.28 -23.31 -42.64
N GLU A 435 33.28 -22.70 -43.27
CA GLU A 435 32.53 -21.69 -42.66
C GLU A 435 31.45 -22.30 -41.84
N HIS A 436 31.02 -23.48 -42.25
CA HIS A 436 30.10 -24.34 -41.52
C HIS A 436 30.70 -25.00 -40.29
N GLY A 437 31.89 -25.58 -40.53
CA GLY A 437 32.77 -26.12 -39.47
C GLY A 437 33.00 -25.13 -38.37
N THR A 438 33.28 -23.90 -38.79
CA THR A 438 33.41 -22.79 -37.89
C THR A 438 32.20 -22.54 -36.98
N MET A 439 30.97 -22.53 -37.53
CA MET A 439 29.80 -22.49 -36.70
C MET A 439 29.71 -23.79 -35.82
N VAL A 440 30.19 -24.93 -36.28
CA VAL A 440 30.00 -26.16 -35.52
C VAL A 440 30.95 -26.12 -34.30
N GLY A 441 32.16 -25.58 -34.49
CA GLY A 441 33.04 -25.36 -33.38
C GLY A 441 32.49 -24.29 -32.44
N ALA A 442 31.86 -23.27 -32.98
CA ALA A 442 31.34 -22.17 -32.10
C ALA A 442 30.35 -22.67 -31.03
N LEU A 443 29.62 -23.68 -31.45
CA LEU A 443 28.54 -24.27 -30.66
C LEU A 443 28.95 -25.54 -29.93
N LEU A 444 30.24 -25.85 -29.94
CA LEU A 444 30.65 -27.09 -29.35
C LEU A 444 30.30 -27.05 -27.82
N ALA A 445 29.63 -28.10 -27.35
CA ALA A 445 29.06 -28.20 -26.04
C ALA A 445 29.15 -29.69 -25.53
N SER A 446 29.02 -29.87 -24.22
CA SER A 446 28.97 -31.22 -23.62
C SER A 446 27.77 -31.38 -22.69
N GLY A 447 28.03 -31.28 -21.40
CA GLY A 447 27.07 -31.59 -20.31
C GLY A 447 27.77 -32.55 -19.34
N GLN A 448 28.93 -33.09 -19.74
CA GLN A 448 29.59 -34.22 -19.04
C GLN A 448 31.11 -34.02 -18.92
N VAL A 457 17.41 -26.15 -23.01
CA VAL A 457 17.13 -25.43 -21.75
C VAL A 457 18.20 -24.27 -21.57
N GLY A 458 19.04 -24.32 -20.51
CA GLY A 458 20.37 -23.62 -20.46
C GLY A 458 21.38 -24.65 -19.91
N THR A 459 21.33 -25.89 -20.40
CA THR A 459 21.98 -27.02 -19.68
C THR A 459 23.15 -27.62 -20.52
N LEU A 460 23.33 -27.12 -21.76
CA LEU A 460 24.53 -27.45 -22.53
C LEU A 460 25.69 -26.74 -21.86
N ARG A 461 26.86 -27.36 -21.83
CA ARG A 461 27.99 -26.69 -21.26
C ARG A 461 28.88 -26.40 -22.45
N HIS A 462 28.80 -25.16 -22.94
CA HIS A 462 29.53 -24.72 -24.12
C HIS A 462 31.05 -24.57 -23.88
N ASP A 463 31.85 -24.87 -24.94
CA ASP A 463 33.29 -24.71 -25.05
C ASP A 463 33.66 -24.43 -26.50
N PRO A 464 33.43 -23.20 -26.97
CA PRO A 464 33.67 -23.05 -28.42
C PRO A 464 35.12 -23.31 -28.77
N MET A 465 35.32 -24.15 -29.79
CA MET A 465 36.65 -24.63 -30.24
C MET A 465 37.50 -25.41 -29.26
N ALA A 466 36.88 -25.90 -28.15
CA ALA A 466 37.60 -26.38 -26.92
C ALA A 466 38.65 -25.41 -26.37
N MET A 467 38.31 -24.16 -26.58
CA MET A 467 39.16 -23.03 -26.28
C MET A 467 38.67 -22.20 -25.09
N LEU A 468 37.45 -22.38 -24.58
CA LEU A 468 36.86 -21.35 -23.71
C LEU A 468 37.73 -20.78 -22.56
N PRO A 469 38.45 -21.62 -21.81
CA PRO A 469 39.25 -20.78 -20.86
C PRO A 469 40.51 -20.10 -21.44
N PHE A 470 40.70 -20.12 -22.77
CA PHE A 470 42.03 -19.84 -23.34
C PHE A 470 42.08 -18.80 -24.38
N ILE A 471 40.96 -18.28 -24.80
CA ILE A 471 40.99 -17.30 -25.90
C ILE A 471 41.61 -16.02 -25.36
N GLY A 472 42.61 -15.45 -26.01
CA GLY A 472 43.27 -14.30 -25.36
C GLY A 472 42.72 -12.95 -25.76
N TYR A 473 41.61 -12.95 -26.48
CA TYR A 473 40.97 -11.70 -26.91
C TYR A 473 39.52 -12.00 -27.17
N ASN A 474 38.82 -11.02 -27.76
CA ASN A 474 37.35 -11.08 -27.92
C ASN A 474 36.96 -12.40 -28.67
N ALA A 475 36.17 -13.23 -28.00
CA ALA A 475 35.75 -14.51 -28.51
C ALA A 475 35.06 -14.50 -29.90
N GLY A 476 34.29 -13.45 -30.21
CA GLY A 476 33.56 -13.38 -31.45
C GLY A 476 34.58 -12.92 -32.48
N GLU A 477 35.54 -12.09 -32.09
CA GLU A 477 36.60 -11.74 -32.99
C GLU A 477 37.53 -12.95 -33.28
N TYR A 478 37.55 -13.95 -32.37
CA TYR A 478 38.33 -15.17 -32.57
C TYR A 478 37.62 -16.06 -33.59
N LEU A 479 36.27 -16.10 -33.52
CA LEU A 479 35.49 -16.74 -34.55
C LEU A 479 35.75 -16.04 -35.87
N GLN A 480 35.88 -14.69 -35.81
CA GLN A 480 36.19 -13.93 -36.99
C GLN A 480 37.56 -14.35 -37.53
N ASN A 481 38.50 -14.79 -36.68
CA ASN A 481 39.81 -15.30 -37.20
C ASN A 481 39.73 -16.56 -38.04
N TRP A 482 38.89 -17.52 -37.63
CA TRP A 482 38.63 -18.80 -38.33
C TRP A 482 38.12 -18.56 -39.75
N ILE A 483 37.23 -17.58 -39.83
CA ILE A 483 36.49 -17.15 -41.03
C ILE A 483 37.50 -16.54 -42.01
N ASP A 484 38.23 -15.51 -41.59
CA ASP A 484 39.33 -14.90 -42.32
C ASP A 484 40.33 -15.89 -42.82
N MET A 485 40.72 -16.82 -41.92
CA MET A 485 41.54 -18.01 -42.34
C MET A 485 40.93 -18.87 -43.47
N GLY A 486 39.62 -19.10 -43.37
CA GLY A 486 38.94 -19.92 -44.39
C GLY A 486 39.06 -19.21 -45.72
N ASN A 487 38.86 -17.88 -45.72
CA ASN A 487 38.97 -16.96 -46.86
C ASN A 487 40.35 -16.88 -47.44
N LYS A 488 41.44 -16.79 -46.64
CA LYS A 488 42.81 -16.79 -47.19
C LYS A 488 43.02 -18.14 -47.78
N GLY A 489 42.65 -19.19 -47.08
CA GLY A 489 43.07 -20.50 -47.55
C GLY A 489 42.25 -21.10 -48.65
N GLY A 490 40.96 -20.81 -48.73
CA GLY A 490 40.08 -21.31 -49.75
C GLY A 490 40.08 -22.81 -49.73
N ASP A 491 40.32 -23.42 -50.92
CA ASP A 491 40.25 -24.90 -51.08
C ASP A 491 41.43 -25.62 -50.44
N LYS A 492 42.45 -24.89 -50.01
CA LYS A 492 43.48 -25.64 -49.27
C LYS A 492 43.14 -25.97 -47.80
N MET A 493 41.91 -25.70 -47.38
CA MET A 493 41.46 -25.87 -46.03
C MET A 493 40.99 -27.32 -45.77
N PRO A 494 41.45 -27.87 -44.63
CA PRO A 494 41.17 -29.25 -44.26
C PRO A 494 39.66 -29.42 -43.95
N SER A 495 39.07 -30.58 -44.26
CA SER A 495 37.68 -30.83 -43.94
C SER A 495 37.45 -30.88 -42.42
N ILE A 496 36.42 -30.17 -41.89
CA ILE A 496 36.08 -30.21 -40.44
C ILE A 496 35.01 -31.33 -40.15
N PHE A 497 35.18 -32.06 -39.06
CA PHE A 497 34.26 -33.14 -38.63
C PHE A 497 33.82 -32.91 -37.18
N LEU A 498 32.66 -33.48 -36.79
CA LEU A 498 32.14 -33.36 -35.43
C LEU A 498 32.02 -34.78 -34.98
N VAL A 499 32.75 -35.15 -33.94
CA VAL A 499 32.64 -36.50 -33.40
C VAL A 499 32.02 -36.48 -32.02
N ASN A 500 31.57 -37.67 -31.62
CA ASN A 500 30.96 -37.86 -30.35
C ASN A 500 31.14 -39.30 -29.98
N TRP A 501 32.15 -39.54 -29.18
CA TRP A 501 32.38 -40.91 -28.62
C TRP A 501 31.38 -41.44 -27.55
N PHE A 502 30.50 -40.57 -26.99
CA PHE A 502 29.87 -40.71 -25.61
C PHE A 502 28.37 -40.87 -25.59
N ARG A 503 27.81 -41.17 -26.74
CA ARG A 503 26.39 -41.44 -26.89
C ARG A 503 25.86 -42.69 -26.15
N ARG A 504 24.62 -42.64 -25.70
CA ARG A 504 24.05 -43.66 -24.77
C ARG A 504 22.69 -44.27 -25.11
N GLY A 505 22.48 -45.55 -24.87
CA GLY A 505 21.19 -46.18 -25.27
C GLY A 505 20.07 -45.98 -24.26
N GLU A 506 18.92 -46.57 -24.55
CA GLU A 506 17.76 -46.48 -23.66
C GLU A 506 18.04 -47.00 -22.22
N ASP A 507 19.12 -47.80 -22.03
CA ASP A 507 19.50 -48.26 -20.69
C ASP A 507 20.68 -47.52 -20.03
N GLY A 508 21.15 -46.45 -20.63
CA GLY A 508 22.23 -45.68 -19.99
C GLY A 508 23.61 -46.22 -20.28
N ARG A 509 23.72 -47.15 -21.24
CA ARG A 509 25.03 -47.65 -21.63
C ARG A 509 25.58 -47.12 -23.03
N PHE A 510 26.90 -47.14 -23.19
CA PHE A 510 27.52 -46.57 -24.32
C PHE A 510 27.29 -47.42 -25.55
N LEU A 511 27.08 -46.73 -26.67
CA LEU A 511 26.74 -47.31 -27.97
C LEU A 511 28.03 -47.67 -28.79
N TRP A 512 29.13 -47.05 -28.39
CA TRP A 512 30.38 -47.06 -29.08
C TRP A 512 31.41 -47.41 -27.99
N PRO A 513 32.28 -48.40 -28.24
CA PRO A 513 33.29 -48.73 -27.27
C PRO A 513 34.43 -47.70 -27.15
N GLY A 514 34.65 -46.88 -28.16
CA GLY A 514 35.72 -45.87 -28.13
C GLY A 514 37.07 -46.44 -27.77
N PHE A 515 37.95 -45.68 -27.12
CA PHE A 515 39.31 -46.10 -26.88
C PHE A 515 39.99 -46.53 -28.16
N GLY A 516 40.48 -47.75 -28.26
CA GLY A 516 41.25 -48.09 -29.45
C GLY A 516 40.46 -47.97 -30.70
N ASP A 517 39.16 -48.24 -30.59
CA ASP A 517 38.27 -48.37 -31.74
C ASP A 517 37.81 -47.06 -32.46
N ASN A 518 37.99 -45.94 -31.79
CA ASN A 518 37.87 -44.64 -32.42
C ASN A 518 38.72 -44.59 -33.66
N SER A 519 39.71 -45.48 -33.78
CA SER A 519 40.42 -45.63 -35.05
C SER A 519 39.48 -45.99 -36.21
N ARG A 520 38.40 -46.73 -35.91
CA ARG A 520 37.45 -47.09 -36.97
C ARG A 520 36.77 -45.87 -37.55
N VAL A 521 36.40 -44.94 -36.68
CA VAL A 521 35.93 -43.61 -36.99
C VAL A 521 37.01 -42.81 -37.78
N LEU A 522 38.26 -42.90 -37.36
CA LEU A 522 39.35 -42.10 -37.96
C LEU A 522 39.61 -42.52 -39.42
N LYS A 523 39.33 -43.78 -39.64
CA LYS A 523 39.48 -44.40 -40.95
C LYS A 523 38.38 -43.94 -41.87
N TRP A 524 37.14 -43.84 -41.38
CA TRP A 524 36.04 -43.25 -42.15
C TRP A 524 36.33 -41.73 -42.41
N VAL A 525 36.91 -41.01 -41.47
CA VAL A 525 37.17 -39.61 -41.77
C VAL A 525 38.04 -39.68 -43.00
N ILE A 526 39.02 -40.59 -43.01
CA ILE A 526 39.97 -40.72 -44.15
C ILE A 526 39.41 -41.19 -45.53
N ASP A 527 38.67 -42.30 -45.53
CA ASP A 527 37.77 -42.70 -46.61
C ASP A 527 36.83 -41.60 -47.11
N ARG A 528 36.25 -40.82 -46.19
CA ARG A 528 35.44 -39.70 -46.53
C ARG A 528 36.16 -38.58 -47.21
N ILE A 529 37.35 -38.23 -46.74
CA ILE A 529 38.18 -37.19 -47.37
C ILE A 529 38.53 -37.50 -48.88
N GLU A 530 38.97 -38.77 -49.08
CA GLU A 530 39.34 -39.46 -50.33
C GLU A 530 38.17 -39.90 -51.22
N GLY A 531 36.97 -39.96 -50.64
CA GLY A 531 35.75 -39.96 -51.41
C GLY A 531 35.27 -41.34 -51.70
N HIS A 532 35.57 -42.28 -50.82
CA HIS A 532 35.37 -43.71 -51.00
C HIS A 532 34.21 -44.21 -50.19
N VAL A 533 33.56 -43.25 -49.50
CA VAL A 533 32.38 -43.52 -48.67
C VAL A 533 31.39 -42.36 -48.80
N GLY A 534 30.12 -42.77 -48.85
CA GLY A 534 28.97 -41.86 -48.96
C GLY A 534 28.67 -41.41 -47.51
N ALA A 535 27.38 -41.37 -47.16
CA ALA A 535 26.91 -40.48 -46.08
C ALA A 535 25.39 -40.42 -46.06
N ASP A 536 24.82 -40.46 -44.85
CA ASP A 536 23.44 -40.12 -44.66
C ASP A 536 23.31 -38.62 -44.35
N GLU A 537 22.56 -37.84 -45.16
CA GLU A 537 22.33 -36.43 -44.84
C GLU A 537 21.54 -36.32 -43.52
N THR A 538 22.13 -35.62 -42.54
CA THR A 538 21.41 -35.20 -41.33
C THR A 538 21.38 -33.68 -41.26
N VAL A 539 20.78 -33.20 -40.19
CA VAL A 539 20.73 -31.79 -39.88
C VAL A 539 22.12 -31.32 -39.59
N VAL A 540 22.94 -32.23 -39.11
CA VAL A 540 24.33 -31.92 -38.81
C VAL A 540 25.25 -31.73 -39.98
N GLY A 541 25.13 -32.57 -41.03
CA GLY A 541 25.89 -32.53 -42.29
C GLY A 541 25.87 -33.94 -42.84
N HIS A 542 27.02 -34.49 -43.24
CA HIS A 542 27.15 -35.84 -43.84
C HIS A 542 27.58 -36.81 -42.78
N THR A 543 26.62 -37.51 -42.18
CA THR A 543 27.01 -38.46 -41.16
C THR A 543 27.34 -39.91 -41.69
N ALA A 544 28.28 -40.62 -41.04
CA ALA A 544 28.72 -41.93 -41.47
C ALA A 544 27.50 -42.87 -41.55
N LYS A 545 27.44 -43.69 -42.61
CA LYS A 545 26.49 -44.84 -42.59
C LYS A 545 27.26 -45.94 -41.91
N ALA A 546 26.58 -46.65 -41.01
CA ALA A 546 27.21 -47.63 -40.14
C ALA A 546 27.92 -48.64 -40.97
N GLU A 547 27.26 -49.01 -42.09
CA GLU A 547 27.68 -50.05 -43.04
C GLU A 547 29.01 -49.67 -43.68
N ASP A 548 29.36 -48.36 -43.63
CA ASP A 548 30.66 -47.84 -44.11
C ASP A 548 31.83 -47.80 -43.06
N LEU A 549 31.58 -48.34 -41.89
CA LEU A 549 32.54 -48.28 -40.82
C LEU A 549 33.03 -49.67 -40.56
N ASP A 550 33.18 -49.99 -39.27
CA ASP A 550 33.83 -51.23 -38.73
C ASP A 550 35.11 -51.58 -39.37
N LEU A 551 35.11 -52.84 -39.84
CA LEU A 551 36.27 -53.74 -40.07
C LEU A 551 36.13 -55.09 -39.29
N ASP A 552 34.98 -55.30 -38.62
CA ASP A 552 34.86 -56.49 -37.80
C ASP A 552 35.92 -56.49 -36.71
N GLY A 553 35.63 -57.25 -35.68
CA GLY A 553 36.52 -57.33 -34.58
C GLY A 553 35.90 -56.54 -33.49
N LEU A 554 34.92 -55.70 -33.84
CA LEU A 554 34.55 -54.48 -33.09
C LEU A 554 34.43 -54.78 -31.62
N ASP A 555 34.28 -56.08 -31.33
CA ASP A 555 34.11 -56.66 -29.99
C ASP A 555 32.73 -56.20 -29.57
N THR A 556 31.72 -56.81 -30.20
CA THR A 556 30.42 -56.95 -29.57
C THR A 556 29.38 -55.84 -29.84
N PRO A 557 29.77 -54.58 -30.28
CA PRO A 557 28.65 -53.78 -30.74
C PRO A 557 28.05 -54.35 -31.99
N ILE A 558 26.78 -54.69 -31.81
CA ILE A 558 25.80 -54.76 -32.87
C ILE A 558 25.67 -53.36 -33.35
N GLU A 559 25.16 -53.18 -34.56
CA GLU A 559 24.49 -51.91 -34.89
C GLU A 559 23.57 -51.34 -33.74
N ASP A 560 24.20 -51.18 -32.53
CA ASP A 560 24.09 -50.05 -31.57
C ASP A 560 24.81 -48.86 -32.20
N VAL A 561 25.91 -49.13 -32.88
CA VAL A 561 26.46 -48.20 -33.88
C VAL A 561 25.43 -47.32 -34.66
N LYS A 562 24.29 -47.86 -35.11
CA LYS A 562 23.33 -47.13 -35.90
C LYS A 562 22.68 -46.09 -35.01
N GLU A 563 22.38 -46.51 -33.78
CA GLU A 563 21.77 -45.60 -32.84
C GLU A 563 22.66 -44.38 -32.56
N ALA A 564 23.92 -44.58 -32.16
CA ALA A 564 24.96 -43.54 -32.03
C ALA A 564 25.15 -42.56 -33.23
N LEU A 565 24.69 -42.93 -34.44
CA LEU A 565 24.97 -42.18 -35.71
C LEU A 565 23.72 -41.39 -36.08
N THR A 566 22.70 -41.62 -35.27
CA THR A 566 21.45 -40.88 -35.28
C THR A 566 21.53 -39.37 -34.93
N ALA A 567 20.69 -38.56 -35.55
CA ALA A 567 20.65 -37.09 -35.25
C ALA A 567 19.19 -36.73 -35.19
N PRO A 568 18.49 -37.17 -34.11
CA PRO A 568 17.04 -36.99 -34.11
C PRO A 568 16.76 -35.52 -34.06
N ALA A 569 15.86 -35.09 -34.94
CA ALA A 569 15.59 -33.66 -35.09
C ALA A 569 14.80 -33.05 -33.99
N GLU A 570 14.23 -33.81 -33.07
CA GLU A 570 13.51 -33.24 -31.93
C GLU A 570 14.60 -32.77 -30.90
N GLN A 571 15.64 -33.57 -30.76
CA GLN A 571 16.68 -33.28 -29.77
C GLN A 571 17.43 -32.05 -30.29
N TRP A 572 17.65 -31.99 -31.61
CA TRP A 572 18.27 -30.85 -32.24
C TRP A 572 17.40 -29.59 -32.10
N ALA A 573 16.11 -29.68 -32.40
CA ALA A 573 15.17 -28.55 -32.24
C ALA A 573 15.08 -28.05 -30.78
N ASN A 574 15.35 -28.97 -29.88
CA ASN A 574 15.44 -28.67 -28.48
C ASN A 574 16.57 -27.71 -28.09
N ASP A 575 17.71 -27.84 -28.75
CA ASP A 575 18.91 -27.10 -28.47
C ASP A 575 18.96 -25.79 -29.15
N VAL A 576 17.96 -25.46 -29.99
CA VAL A 576 18.01 -24.28 -30.89
C VAL A 576 18.04 -22.99 -30.13
N GLU A 577 17.20 -22.86 -29.12
CA GLU A 577 17.13 -21.61 -28.28
C GLU A 577 18.40 -21.40 -27.52
N ASP A 578 18.85 -22.45 -26.87
CA ASP A 578 20.19 -22.54 -26.26
C ASP A 578 21.31 -21.97 -27.09
N ASN A 579 21.43 -22.51 -28.30
CA ASN A 579 22.53 -22.21 -29.23
C ASN A 579 22.35 -20.83 -29.73
N ALA A 580 21.13 -20.45 -30.06
CA ALA A 580 20.83 -19.04 -30.42
C ALA A 580 21.22 -18.02 -29.35
N GLU A 581 21.02 -18.35 -28.08
CA GLU A 581 21.40 -17.43 -26.99
C GLU A 581 22.90 -17.39 -26.80
N TYR A 582 23.51 -18.54 -27.06
CA TYR A 582 24.94 -18.61 -26.94
C TYR A 582 25.68 -17.79 -28.01
N LEU A 583 25.21 -17.83 -29.28
CA LEU A 583 25.81 -16.99 -30.35
C LEU A 583 25.61 -15.52 -30.05
N THR A 584 24.44 -15.21 -29.44
CA THR A 584 24.18 -13.87 -28.94
C THR A 584 25.18 -13.53 -27.80
N PHE A 585 25.32 -14.41 -26.83
CA PHE A 585 26.24 -14.22 -25.76
C PHE A 585 27.65 -13.90 -26.30
N LEU A 586 28.11 -14.56 -27.35
CA LEU A 586 29.47 -14.37 -27.78
C LEU A 586 29.77 -12.95 -28.32
N GLY A 587 28.69 -12.21 -28.66
CA GLY A 587 28.72 -10.72 -28.79
C GLY A 587 28.64 -10.17 -30.22
N PRO A 588 28.80 -8.81 -30.37
CA PRO A 588 28.78 -8.14 -31.68
C PRO A 588 29.96 -8.35 -32.63
N ARG A 589 31.00 -9.17 -32.32
CA ARG A 589 32.05 -9.50 -33.30
C ARG A 589 31.89 -10.89 -33.88
N VAL A 590 31.00 -11.69 -33.28
CA VAL A 590 30.47 -12.88 -33.99
C VAL A 590 30.18 -12.61 -35.48
N PRO A 591 30.95 -13.32 -36.32
CA PRO A 591 30.74 -12.98 -37.71
C PRO A 591 29.27 -13.30 -38.21
N ALA A 592 28.79 -12.51 -39.17
CA ALA A 592 27.56 -12.70 -39.90
C ALA A 592 27.60 -14.04 -40.56
N GLU A 593 28.79 -14.45 -40.98
CA GLU A 593 28.95 -15.73 -41.51
C GLU A 593 28.48 -16.77 -40.51
N VAL A 594 28.76 -16.57 -39.20
CA VAL A 594 28.40 -17.63 -38.23
C VAL A 594 26.88 -17.68 -38.00
N HIS A 595 26.26 -16.50 -37.88
CA HIS A 595 24.82 -16.33 -37.82
C HIS A 595 24.17 -16.88 -39.05
N SER A 596 24.74 -16.65 -40.23
CA SER A 596 24.09 -17.22 -41.40
C SER A 596 24.07 -18.72 -41.43
N GLN A 597 25.14 -19.36 -40.93
CA GLN A 597 25.23 -20.84 -40.89
C GLN A 597 24.24 -21.42 -39.87
N PHE A 598 24.03 -20.68 -38.80
CA PHE A 598 23.05 -21.07 -37.75
C PHE A 598 21.58 -21.01 -38.18
N ASP A 599 21.27 -19.95 -38.97
CA ASP A 599 19.99 -19.86 -39.76
C ASP A 599 19.82 -21.03 -40.69
N ALA A 600 20.81 -21.30 -41.49
CA ALA A 600 20.75 -22.48 -42.30
C ALA A 600 20.47 -23.79 -41.44
N LEU A 601 21.14 -23.91 -40.28
CA LEU A 601 20.95 -25.06 -39.37
C LEU A 601 19.53 -25.09 -38.87
N LYS A 602 18.99 -23.96 -38.40
CA LYS A 602 17.56 -23.92 -37.99
C LYS A 602 16.57 -24.33 -39.10
N ALA A 603 16.82 -23.85 -40.32
CA ALA A 603 16.15 -24.30 -41.55
C ALA A 603 16.12 -25.80 -41.73
N ARG A 604 17.27 -26.48 -41.69
CA ARG A 604 17.36 -27.97 -41.79
C ARG A 604 16.63 -28.67 -40.63
N ILE A 605 16.69 -28.05 -39.46
CA ILE A 605 16.00 -28.64 -38.32
C ILE A 605 14.44 -28.70 -38.39
N SER A 606 13.76 -27.67 -38.87
CA SER A 606 12.38 -27.93 -39.49
C SER A 606 12.34 -28.70 -40.90
N ALA B 13 -50.73 26.12 57.37
CA ALA B 13 -50.71 25.53 55.97
C ALA B 13 -52.07 25.59 55.32
N PRO B 14 -52.18 26.13 54.08
CA PRO B 14 -53.57 26.32 53.58
C PRO B 14 -54.23 25.03 53.05
N THR B 15 -53.50 23.92 53.24
CA THR B 15 -53.86 22.58 52.72
C THR B 15 -53.50 21.53 53.81
N LYS B 16 -54.10 20.36 53.65
CA LYS B 16 -53.80 19.18 54.43
C LYS B 16 -53.48 17.88 53.62
N ASN B 17 -53.66 17.90 52.31
CA ASN B 17 -53.01 16.94 51.38
C ASN B 17 -51.59 16.42 51.76
N LYS B 18 -51.52 15.19 52.35
CA LYS B 18 -50.25 14.61 52.90
C LYS B 18 -49.15 14.47 51.85
N GLU B 19 -49.58 13.97 50.68
CA GLU B 19 -48.70 13.84 49.51
C GLU B 19 -48.10 15.17 49.05
N LEU B 20 -48.90 16.23 49.04
CA LEU B 20 -48.33 17.59 48.79
C LEU B 20 -47.25 18.05 49.82
N LEU B 21 -47.62 17.94 51.10
CA LEU B 21 -46.74 18.41 52.19
C LEU B 21 -45.50 17.54 52.39
N ASN B 22 -45.62 16.23 52.26
CA ASN B 22 -44.41 15.36 52.22
C ASN B 22 -43.49 15.94 51.15
N TRP B 23 -44.07 16.09 49.95
CA TRP B 23 -43.42 16.64 48.75
C TRP B 23 -42.62 17.91 48.98
N ILE B 24 -43.25 18.91 49.61
CA ILE B 24 -42.56 20.18 49.87
C ILE B 24 -41.59 20.13 51.06
N ALA B 25 -41.93 19.29 52.04
CA ALA B 25 -40.97 18.94 53.08
C ALA B 25 -39.81 18.22 52.41
N ASP B 26 -40.08 17.11 51.68
CA ASP B 26 -39.03 16.50 50.87
C ASP B 26 -38.20 17.57 50.07
N ALA B 27 -38.86 18.51 49.35
CA ALA B 27 -38.14 19.64 48.65
C ALA B 27 -37.41 20.69 49.48
N VAL B 28 -38.04 21.24 50.51
CA VAL B 28 -37.39 22.19 51.48
C VAL B 28 -36.04 21.65 51.98
N GLU B 29 -36.11 20.39 52.36
CA GLU B 29 -34.99 19.48 52.54
C GLU B 29 -33.79 19.67 51.53
N LEU B 30 -33.95 19.38 50.21
CA LEU B 30 -32.77 19.64 49.30
C LEU B 30 -32.44 21.08 48.95
N PHE B 31 -33.47 21.87 48.55
CA PHE B 31 -33.26 23.27 48.14
C PHE B 31 -32.88 24.16 49.28
N GLN B 32 -33.32 23.80 50.49
CA GLN B 32 -33.06 24.62 51.68
C GLN B 32 -33.35 26.12 51.39
N PRO B 33 -34.63 26.46 51.17
CA PRO B 33 -34.94 27.89 50.99
C PRO B 33 -34.92 28.67 52.30
N GLU B 34 -34.63 29.95 52.17
CA GLU B 34 -34.73 30.86 53.32
C GLU B 34 -36.16 30.98 53.94
N ALA B 35 -37.23 30.82 53.13
CA ALA B 35 -38.64 30.77 53.59
C ALA B 35 -39.47 30.03 52.59
N VAL B 36 -40.65 29.66 53.06
CA VAL B 36 -41.62 28.86 52.30
C VAL B 36 -43.06 29.48 52.25
N VAL B 37 -43.43 29.94 51.07
CA VAL B 37 -44.57 30.85 50.86
C VAL B 37 -45.61 30.27 49.88
N PHE B 38 -46.77 29.90 50.41
CA PHE B 38 -47.90 29.59 49.60
C PHE B 38 -48.39 30.86 48.87
N VAL B 39 -48.78 30.69 47.63
CA VAL B 39 -49.23 31.79 46.81
C VAL B 39 -50.78 31.61 46.62
N ASP B 40 -51.55 32.71 46.70
CA ASP B 40 -53.01 32.64 46.57
C ASP B 40 -53.49 33.09 45.21
N GLY B 41 -52.66 33.81 44.43
CA GLY B 41 -53.11 34.24 43.08
C GLY B 41 -53.94 35.53 43.01
N SER B 42 -54.07 36.21 44.14
CA SER B 42 -54.89 37.40 44.20
C SER B 42 -54.24 38.54 43.45
N GLN B 43 -55.04 39.50 43.03
CA GLN B 43 -54.54 40.82 42.58
C GLN B 43 -53.64 41.55 43.57
N ALA B 44 -54.00 41.57 44.86
CA ALA B 44 -53.19 42.25 45.89
C ALA B 44 -51.87 41.51 46.00
N GLU B 45 -51.87 40.18 45.97
CA GLU B 45 -50.57 39.45 45.93
C GLU B 45 -49.74 39.76 44.68
N TRP B 46 -50.38 39.88 43.50
CA TRP B 46 -49.62 40.13 42.26
C TRP B 46 -49.10 41.50 42.25
N ASP B 47 -49.90 42.46 42.75
CA ASP B 47 -49.46 43.85 42.86
C ASP B 47 -48.25 44.00 43.81
N ARG B 48 -48.31 43.38 44.97
CA ARG B 48 -47.21 43.43 45.92
C ARG B 48 -45.92 42.70 45.46
N MET B 49 -46.01 41.58 44.72
CA MET B 49 -44.78 40.95 44.24
C MET B 49 -44.05 41.85 43.28
N ALA B 50 -44.82 42.56 42.49
CA ALA B 50 -44.33 43.54 41.57
C ALA B 50 -43.75 44.79 42.24
N GLU B 51 -44.34 45.21 43.38
CA GLU B 51 -43.79 46.24 44.29
C GLU B 51 -42.38 45.79 44.64
N ASP B 52 -42.26 44.64 45.32
CA ASP B 52 -40.98 43.97 45.70
C ASP B 52 -39.91 43.89 44.63
N LEU B 53 -40.41 43.66 43.41
CA LEU B 53 -39.56 43.41 42.29
C LEU B 53 -39.04 44.67 41.68
N VAL B 54 -39.87 45.74 41.64
CA VAL B 54 -39.43 47.10 41.25
C VAL B 54 -38.58 47.77 42.36
N GLU B 55 -38.67 47.20 43.58
CA GLU B 55 -38.10 47.67 44.87
C GLU B 55 -36.68 47.21 44.82
N ALA B 56 -36.48 45.91 44.51
CA ALA B 56 -35.14 45.41 44.23
C ALA B 56 -34.67 46.20 43.01
N GLY B 57 -34.72 45.65 41.80
CA GLY B 57 -34.51 46.44 40.56
C GLY B 57 -34.57 45.43 39.41
N THR B 58 -35.18 44.27 39.72
CA THR B 58 -35.38 43.18 38.82
C THR B 58 -36.47 43.48 37.77
N LEU B 59 -37.47 44.30 38.14
CA LEU B 59 -38.48 44.81 37.23
C LEU B 59 -38.34 46.29 37.11
N ILE B 60 -38.59 46.84 35.91
CA ILE B 60 -38.78 48.30 35.75
C ILE B 60 -40.27 48.62 35.74
N LYS B 61 -40.73 49.57 36.57
CA LYS B 61 -42.09 50.04 36.45
C LYS B 61 -42.28 50.95 35.31
N LEU B 62 -43.35 50.68 34.63
CA LEU B 62 -43.59 51.37 33.45
C LEU B 62 -44.47 52.55 33.81
N ASN B 63 -44.19 53.66 33.12
CA ASN B 63 -44.98 54.87 33.12
C ASN B 63 -46.49 54.59 33.25
N GLU B 64 -47.03 54.84 34.45
CA GLU B 64 -48.40 54.51 34.78
C GLU B 64 -49.42 55.34 33.99
N GLU B 65 -48.98 56.45 33.37
CA GLU B 65 -49.85 57.25 32.49
C GLU B 65 -50.05 56.53 31.16
N LYS B 66 -49.05 55.75 30.75
CA LYS B 66 -49.07 55.08 29.45
C LYS B 66 -49.51 53.60 29.45
N ARG B 67 -48.82 52.77 30.28
CA ARG B 67 -49.15 51.34 30.42
C ARG B 67 -49.30 51.16 31.91
N PRO B 68 -50.54 51.38 32.41
CA PRO B 68 -50.80 51.42 33.82
C PRO B 68 -50.46 50.04 34.32
N ASN B 69 -49.75 49.87 35.42
CA ASN B 69 -49.60 48.55 36.06
C ASN B 69 -48.87 47.54 35.18
N SER B 70 -47.86 48.02 34.47
CA SER B 70 -47.10 47.25 33.55
C SER B 70 -45.64 47.36 33.91
N TYR B 71 -44.94 46.22 33.86
CA TYR B 71 -43.49 46.08 34.15
C TYR B 71 -42.67 45.56 32.98
N LEU B 72 -41.41 45.99 32.91
CA LEU B 72 -40.40 45.45 32.01
C LEU B 72 -39.34 44.65 32.82
N ALA B 73 -39.00 43.44 32.35
CA ALA B 73 -37.86 42.62 32.82
C ALA B 73 -36.79 42.49 31.73
N ARG B 74 -35.55 42.47 32.15
CA ARG B 74 -34.43 42.29 31.23
C ARG B 74 -33.62 41.06 31.70
N SER B 75 -33.31 40.12 30.80
CA SER B 75 -32.61 38.93 31.28
C SER B 75 -31.14 38.85 30.85
N ASN B 76 -30.32 38.17 31.66
CA ASN B 76 -29.06 37.67 31.15
C ASN B 76 -29.23 37.30 29.68
N PRO B 77 -28.35 37.82 28.78
CA PRO B 77 -28.44 37.37 27.35
C PRO B 77 -28.24 35.85 27.12
N SER B 78 -27.81 35.16 28.16
CA SER B 78 -27.54 33.73 28.07
C SER B 78 -28.73 32.99 28.68
N ASP B 79 -29.88 33.70 28.76
CA ASP B 79 -31.16 33.11 29.23
C ASP B 79 -32.30 33.82 28.56
N VAL B 80 -32.33 33.75 27.25
CA VAL B 80 -33.30 34.55 26.41
C VAL B 80 -34.29 33.66 25.60
N ALA B 81 -34.00 32.35 25.49
CA ALA B 81 -34.94 31.34 24.90
C ALA B 81 -34.93 29.90 25.56
N ARG B 82 -35.95 29.08 25.24
CA ARG B 82 -35.96 27.60 25.44
C ARG B 82 -34.55 27.03 25.14
N VAL B 83 -34.01 26.11 25.97
CA VAL B 83 -32.70 25.48 25.65
C VAL B 83 -32.88 24.03 25.27
N GLU B 84 -33.18 23.73 24.00
CA GLU B 84 -33.50 22.43 23.47
C GLU B 84 -32.46 21.29 23.63
N SER B 85 -31.16 21.59 23.67
CA SER B 85 -30.11 20.59 23.87
C SER B 85 -30.07 20.10 25.35
N ARG B 86 -30.61 20.90 26.29
CA ARG B 86 -30.87 20.40 27.65
C ARG B 86 -32.26 20.19 28.09
N THR B 87 -33.21 20.01 27.16
CA THR B 87 -34.63 19.62 27.46
C THR B 87 -34.80 18.10 27.17
N PHE B 88 -35.28 17.36 28.16
CA PHE B 88 -35.10 15.85 28.19
C PHE B 88 -36.45 15.19 28.38
N ILE B 89 -36.72 14.15 27.60
CA ILE B 89 -37.88 13.32 27.83
C ILE B 89 -37.31 12.04 28.57
N CYS B 90 -37.14 12.11 29.90
CA CYS B 90 -36.73 10.96 30.73
C CYS B 90 -37.81 9.88 31.04
N SER B 91 -38.18 9.16 29.99
CA SER B 91 -38.92 7.93 30.04
C SER B 91 -37.91 6.86 30.43
N GLU B 92 -38.38 5.81 31.08
CA GLU B 92 -37.56 4.68 31.49
C GLU B 92 -37.00 4.02 30.26
N LYS B 93 -37.85 3.71 29.28
CA LYS B 93 -37.37 3.26 27.95
C LYS B 93 -37.18 4.41 26.87
N GLU B 94 -35.92 4.75 26.52
CA GLU B 94 -35.52 5.44 25.26
C GLU B 94 -36.55 5.54 24.08
N GLU B 95 -37.06 4.39 23.64
CA GLU B 95 -38.09 4.30 22.57
C GLU B 95 -39.30 5.11 22.82
N ASP B 96 -39.56 5.33 24.11
CA ASP B 96 -40.70 6.08 24.55
C ASP B 96 -40.57 7.62 24.52
N ALA B 97 -39.34 8.11 24.43
CA ALA B 97 -38.97 9.44 23.92
C ALA B 97 -39.02 9.47 22.40
N GLY B 98 -38.37 8.49 21.74
CA GLY B 98 -38.48 8.39 20.26
C GLY B 98 -37.56 9.39 19.55
N PRO B 99 -37.69 9.51 18.23
CA PRO B 99 -36.57 10.19 17.57
C PRO B 99 -36.54 11.75 17.52
N THR B 100 -37.65 12.43 17.83
CA THR B 100 -37.74 13.91 17.90
C THR B 100 -37.42 14.46 19.32
N ASN B 101 -37.20 13.57 20.27
CA ASN B 101 -36.86 13.98 21.65
C ASN B 101 -35.42 13.73 22.04
N ASN B 102 -34.82 14.61 22.82
CA ASN B 102 -33.60 14.18 23.59
C ASN B 102 -33.90 13.25 24.73
N TRP B 103 -32.97 12.36 25.05
CA TRP B 103 -33.22 11.40 26.12
C TRP B 103 -32.00 11.25 27.06
N ALA B 104 -32.27 10.70 28.24
CA ALA B 104 -31.28 10.49 29.29
C ALA B 104 -32.04 9.66 30.29
N PRO B 105 -31.35 8.67 30.94
CA PRO B 105 -32.12 7.72 31.82
C PRO B 105 -32.71 8.43 33.06
N PRO B 106 -33.95 8.06 33.43
CA PRO B 106 -34.66 8.86 34.44
C PRO B 106 -33.91 9.05 35.81
N GLN B 107 -33.40 7.94 36.39
CA GLN B 107 -32.85 7.97 37.69
C GLN B 107 -31.61 8.84 37.73
N ALA B 108 -30.73 8.73 36.75
CA ALA B 108 -29.48 9.50 36.74
C ALA B 108 -29.65 11.00 36.51
N MET B 109 -30.75 11.34 35.84
CA MET B 109 -31.11 12.72 35.57
C MET B 109 -31.61 13.34 36.88
N LYS B 110 -32.56 12.71 37.56
CA LYS B 110 -32.87 13.06 38.97
C LYS B 110 -31.63 13.07 39.90
N ASP B 111 -30.79 12.02 39.98
CA ASP B 111 -29.61 12.10 40.81
C ASP B 111 -28.82 13.24 40.36
N GLU B 112 -28.69 13.46 39.05
CA GLU B 112 -27.88 14.59 38.53
C GLU B 112 -28.44 15.98 38.85
N MET B 113 -29.72 16.19 38.50
CA MET B 113 -30.40 17.44 38.88
C MET B 113 -30.34 17.67 40.41
N SER B 114 -30.61 16.63 41.19
CA SER B 114 -30.40 16.66 42.63
C SER B 114 -29.10 17.35 43.18
N LYS B 115 -27.99 17.28 42.45
CA LYS B 115 -26.68 17.80 42.96
C LYS B 115 -26.58 19.25 42.66
N HIS B 116 -27.34 19.63 41.66
CA HIS B 116 -27.54 21.03 41.34
C HIS B 116 -28.66 21.63 42.24
N TYR B 117 -29.75 20.86 42.48
CA TYR B 117 -30.83 21.28 43.42
C TYR B 117 -30.45 21.51 44.94
N ALA B 118 -29.37 20.84 45.38
CA ALA B 118 -28.87 20.84 46.77
C ALA B 118 -28.48 22.24 47.21
N GLY B 119 -29.29 22.78 48.14
CA GLY B 119 -29.09 24.14 48.68
C GLY B 119 -29.12 25.27 47.67
N SER B 120 -29.75 25.03 46.50
CA SER B 120 -29.83 26.03 45.40
C SER B 120 -30.69 27.28 45.74
N MET B 121 -31.61 27.12 46.71
CA MET B 121 -32.42 28.28 47.28
C MET B 121 -31.98 28.93 48.60
N LYS B 122 -30.73 28.67 49.02
CA LYS B 122 -30.00 29.45 50.03
C LYS B 122 -30.16 30.90 49.60
N GLY B 123 -30.73 31.68 50.52
CA GLY B 123 -30.86 33.12 50.38
C GLY B 123 -32.23 33.54 49.86
N ARG B 124 -33.09 32.58 49.47
CA ARG B 124 -34.29 32.91 48.72
C ARG B 124 -35.56 32.28 49.30
N THR B 125 -36.67 32.76 48.79
CA THR B 125 -37.92 32.18 49.17
C THR B 125 -38.28 31.14 48.19
N MET B 126 -38.99 30.13 48.70
CA MET B 126 -39.63 29.11 47.93
C MET B 126 -41.10 29.43 47.83
N TYR B 127 -41.63 29.58 46.61
CA TYR B 127 -43.10 29.75 46.46
C TYR B 127 -43.73 28.46 46.05
N VAL B 128 -44.77 28.09 46.81
CA VAL B 128 -45.62 26.94 46.50
C VAL B 128 -46.76 27.55 45.68
N VAL B 129 -46.89 27.08 44.46
CA VAL B 129 -47.76 27.72 43.44
C VAL B 129 -48.70 26.67 42.88
N PRO B 130 -49.92 26.54 43.46
CA PRO B 130 -50.83 25.60 42.93
C PRO B 130 -51.45 26.29 41.72
N PHE B 131 -51.91 25.47 40.76
CA PHE B 131 -52.36 26.02 39.48
C PHE B 131 -53.34 25.07 38.78
N CYS B 132 -54.14 25.56 37.85
CA CYS B 132 -55.18 24.75 37.17
C CYS B 132 -55.12 24.96 35.66
N MET B 133 -55.00 23.83 34.90
CA MET B 133 -54.84 23.83 33.42
C MET B 133 -56.10 23.93 32.54
N GLY B 134 -56.87 25.03 32.60
CA GLY B 134 -58.16 25.17 31.92
C GLY B 134 -59.15 25.69 32.94
N PRO B 135 -60.35 26.15 32.52
CA PRO B 135 -61.37 26.62 33.46
C PRO B 135 -61.45 25.82 34.78
N ILE B 136 -61.45 26.52 35.92
CA ILE B 136 -61.54 25.94 37.27
C ILE B 136 -62.89 25.31 37.64
N SER B 137 -63.96 25.86 37.07
CA SER B 137 -65.30 25.28 37.20
C SER B 137 -65.44 23.90 36.62
N ASP B 138 -64.45 23.43 35.85
CA ASP B 138 -64.39 22.03 35.37
C ASP B 138 -64.55 21.04 36.51
N PRO B 139 -65.37 19.97 36.32
CA PRO B 139 -65.47 18.91 37.31
C PRO B 139 -64.09 18.43 37.66
N ASP B 140 -63.35 17.84 36.73
CA ASP B 140 -62.04 17.32 37.08
C ASP B 140 -60.94 17.93 36.22
N PRO B 141 -60.39 19.07 36.65
CA PRO B 141 -59.36 19.71 35.85
C PRO B 141 -58.01 18.95 35.92
N LYS B 142 -57.07 19.40 35.09
CA LYS B 142 -55.67 18.99 35.25
C LYS B 142 -55.00 20.03 36.16
N LEU B 143 -54.48 19.57 37.29
CA LEU B 143 -53.94 20.43 38.28
C LEU B 143 -52.44 20.28 38.33
N GLY B 144 -51.75 21.31 38.78
CA GLY B 144 -50.34 21.17 38.99
C GLY B 144 -49.95 21.82 40.27
N VAL B 145 -48.75 21.54 40.78
CA VAL B 145 -48.16 22.49 41.76
C VAL B 145 -46.73 22.80 41.31
N GLN B 146 -46.26 24.04 41.41
CA GLN B 146 -44.91 24.36 41.04
C GLN B 146 -44.19 24.92 42.25
N LEU B 147 -42.98 24.42 42.54
CA LEU B 147 -42.12 25.08 43.56
C LEU B 147 -41.09 25.93 42.84
N THR B 148 -40.88 27.22 43.17
CA THR B 148 -39.88 28.06 42.48
C THR B 148 -39.30 29.06 43.50
N ASP B 149 -38.15 29.67 43.19
CA ASP B 149 -37.56 30.82 43.90
C ASP B 149 -37.55 32.11 43.07
N SER B 150 -38.25 32.04 41.93
CA SER B 150 -38.52 33.22 41.14
C SER B 150 -39.92 33.85 41.32
N GLU B 151 -39.98 35.03 41.92
CA GLU B 151 -41.14 35.87 41.97
C GLU B 151 -41.55 36.28 40.53
N TYR B 152 -40.61 36.54 39.64
CA TYR B 152 -41.05 36.81 38.27
C TYR B 152 -41.86 35.60 37.64
N VAL B 153 -41.46 34.38 37.89
CA VAL B 153 -42.20 33.18 37.42
C VAL B 153 -43.60 33.07 38.04
N VAL B 154 -43.73 33.35 39.34
CA VAL B 154 -45.04 33.44 40.02
C VAL B 154 -45.96 34.54 39.39
N MET B 155 -45.37 35.67 39.08
CA MET B 155 -46.18 36.70 38.47
C MET B 155 -46.69 36.33 36.98
N SER B 156 -45.87 35.54 36.23
CA SER B 156 -46.16 34.95 34.92
C SER B 156 -47.16 33.85 34.96
N MET B 157 -47.05 33.00 35.98
CA MET B 157 -47.98 31.93 36.14
C MET B 157 -49.29 32.47 36.65
N ARG B 158 -49.32 33.66 37.30
CA ARG B 158 -50.64 34.17 37.72
C ARG B 158 -51.47 34.47 36.49
N ILE B 159 -50.83 35.16 35.52
CA ILE B 159 -51.40 35.49 34.25
C ILE B 159 -51.63 34.22 33.39
N MET B 160 -50.68 33.28 33.41
CA MET B 160 -50.71 32.25 32.34
C MET B 160 -51.61 31.10 32.70
N THR B 161 -51.91 30.92 33.98
CA THR B 161 -52.77 29.79 34.50
C THR B 161 -53.90 30.33 35.42
N ARG B 162 -54.82 29.47 35.88
CA ARG B 162 -55.69 29.81 37.03
C ARG B 162 -54.92 29.45 38.37
N MET B 163 -54.08 30.35 38.87
CA MET B 163 -53.18 30.05 39.99
C MET B 163 -53.80 30.41 41.35
N GLY B 164 -53.47 29.59 42.36
CA GLY B 164 -53.59 30.05 43.76
C GLY B 164 -54.59 29.31 44.57
N ILE B 165 -55.37 29.99 45.39
CA ILE B 165 -56.24 29.31 46.33
C ILE B 165 -57.42 28.45 45.84
N GLU B 166 -57.90 28.76 44.68
CA GLU B 166 -58.92 27.98 44.01
C GLU B 166 -58.28 26.72 43.41
N ALA B 167 -57.14 26.85 42.76
CA ALA B 167 -56.43 25.67 42.25
C ALA B 167 -56.06 24.67 43.39
N LEU B 168 -55.50 25.18 44.51
CA LEU B 168 -55.29 24.46 45.73
C LEU B 168 -56.48 23.69 46.38
N ASP B 169 -57.65 24.30 46.36
CA ASP B 169 -58.86 23.76 46.94
C ASP B 169 -59.56 22.78 45.91
N LYS B 170 -59.10 22.88 44.65
CA LYS B 170 -59.58 22.02 43.60
C LYS B 170 -58.84 20.66 43.73
N ILE B 171 -57.58 20.74 44.16
CA ILE B 171 -56.74 19.60 44.51
C ILE B 171 -57.31 18.82 45.69
N GLY B 172 -57.63 19.49 46.82
CA GLY B 172 -58.24 18.79 47.99
C GLY B 172 -57.26 18.23 49.02
N ALA B 173 -57.80 17.38 49.93
CA ALA B 173 -57.05 16.67 50.96
C ALA B 173 -56.26 15.57 50.30
N ASN B 174 -56.91 14.94 49.30
CA ASN B 174 -56.39 13.80 48.58
C ASN B 174 -56.39 13.91 47.09
N GLY B 175 -55.99 15.05 46.55
CA GLY B 175 -56.05 15.22 45.11
C GLY B 175 -54.70 15.03 44.44
N SER B 176 -54.75 14.51 43.22
CA SER B 176 -53.56 14.42 42.36
C SER B 176 -53.19 15.71 41.60
N PHE B 177 -51.87 15.85 41.42
CA PHE B 177 -51.23 16.98 40.76
C PHE B 177 -49.88 16.70 40.07
N VAL B 178 -49.66 17.34 38.94
CA VAL B 178 -48.32 17.30 38.34
C VAL B 178 -47.37 18.14 39.17
N ARG B 179 -46.28 17.53 39.58
CA ARG B 179 -45.19 18.14 40.30
C ARG B 179 -44.19 18.92 39.50
N CYS B 180 -43.97 20.18 39.81
CA CYS B 180 -42.99 20.90 39.02
C CYS B 180 -42.08 21.53 40.02
N LEU B 181 -40.78 21.43 39.79
CA LEU B 181 -39.86 22.06 40.62
C LEU B 181 -39.09 23.04 39.79
N HIS B 182 -38.61 24.10 40.40
CA HIS B 182 -37.87 25.04 39.63
C HIS B 182 -36.87 25.78 40.50
N SER B 183 -35.66 25.92 40.05
CA SER B 183 -34.83 26.89 40.66
C SER B 183 -34.01 27.51 39.60
N VAL B 184 -33.77 28.80 39.77
CA VAL B 184 -32.90 29.62 38.95
C VAL B 184 -31.42 29.25 39.14
N GLY B 185 -31.12 28.50 40.21
CA GLY B 185 -29.73 28.00 40.53
C GLY B 185 -28.84 29.19 40.84
N ALA B 186 -29.33 30.06 41.73
CA ALA B 186 -28.50 31.19 42.14
C ALA B 186 -28.59 31.40 43.65
N PRO B 187 -28.15 30.35 44.43
CA PRO B 187 -28.06 30.40 45.89
C PRO B 187 -27.30 31.64 46.28
N LEU B 188 -27.68 32.18 47.43
CA LEU B 188 -27.22 33.49 47.86
C LEU B 188 -26.60 33.49 49.26
N GLU B 189 -25.28 33.64 49.33
CA GLU B 189 -24.61 33.77 50.64
C GLU B 189 -24.94 35.11 51.34
N PRO B 190 -24.85 35.16 52.69
CA PRO B 190 -25.46 36.19 53.52
C PRO B 190 -25.32 37.69 53.15
N GLY B 191 -24.17 38.32 53.37
CA GLY B 191 -24.00 39.66 52.84
C GLY B 191 -23.65 39.26 51.43
N GLN B 192 -24.35 39.81 50.43
CA GLN B 192 -24.08 39.52 48.98
C GLN B 192 -25.16 40.02 48.04
N GLU B 193 -24.87 41.13 47.33
CA GLU B 193 -25.82 41.77 46.42
C GLU B 193 -26.26 40.84 45.29
N ASP B 194 -27.58 40.67 45.15
CA ASP B 194 -28.27 39.88 44.07
C ASP B 194 -28.27 40.62 42.78
N VAL B 195 -28.33 39.89 41.65
CA VAL B 195 -28.46 40.54 40.32
C VAL B 195 -29.91 40.75 39.97
N ALA B 196 -30.15 41.64 39.00
CA ALA B 196 -31.47 41.76 38.40
C ALA B 196 -32.01 40.41 38.01
N TRP B 197 -31.26 39.66 37.18
CA TRP B 197 -31.73 38.36 36.68
C TRP B 197 -30.90 37.14 37.04
N PRO B 198 -31.30 36.42 38.13
CA PRO B 198 -30.72 35.20 38.68
C PRO B 198 -30.88 33.92 37.79
N CYS B 199 -29.78 33.21 37.59
CA CYS B 199 -29.74 32.07 36.70
C CYS B 199 -28.33 31.47 36.73
N ASN B 200 -28.21 30.38 35.97
CA ASN B 200 -27.06 29.50 36.04
C ASN B 200 -26.68 29.10 34.61
N ASP B 201 -25.41 28.70 34.43
CA ASP B 201 -24.93 28.16 33.13
C ASP B 201 -25.42 26.77 32.86
N THR B 202 -25.39 25.91 33.84
CA THR B 202 -26.02 24.60 33.70
C THR B 202 -27.54 24.76 33.69
N LYS B 203 -28.11 24.23 32.65
CA LYS B 203 -29.49 24.47 32.40
C LYS B 203 -30.12 23.12 32.11
N TYR B 204 -31.17 22.75 32.81
CA TYR B 204 -31.87 21.50 32.46
C TYR B 204 -33.33 21.80 32.47
N ILE B 205 -34.09 21.10 31.62
CA ILE B 205 -35.55 21.12 31.69
C ILE B 205 -35.92 19.64 31.43
N THR B 206 -36.29 18.94 32.47
CA THR B 206 -36.67 17.56 32.24
C THR B 206 -38.04 17.16 32.67
N GLN B 207 -38.69 16.40 31.77
CA GLN B 207 -40.01 15.79 32.00
C GLN B 207 -39.90 14.33 32.35
N PHE B 208 -40.69 13.90 33.33
CA PHE B 208 -40.79 12.47 33.69
C PHE B 208 -42.20 11.94 33.44
N PRO B 209 -42.46 11.46 32.23
CA PRO B 209 -43.76 11.03 31.71
C PRO B 209 -44.61 9.97 32.54
N GLU B 210 -43.93 9.08 33.28
CA GLU B 210 -44.53 7.94 33.95
C GLU B 210 -45.01 8.42 35.33
N THR B 211 -44.21 9.30 35.97
CA THR B 211 -44.49 9.89 37.29
C THR B 211 -45.05 11.34 37.23
N LYS B 212 -45.29 11.86 36.01
CA LYS B 212 -45.83 13.19 35.80
C LYS B 212 -45.13 14.24 36.59
N GLU B 213 -43.81 14.30 36.48
CA GLU B 213 -43.04 15.35 37.10
C GLU B 213 -42.26 16.09 36.10
N ILE B 214 -42.11 17.35 36.35
CA ILE B 214 -41.29 18.18 35.50
C ILE B 214 -40.32 18.79 36.45
N TRP B 215 -39.04 18.68 36.14
CA TRP B 215 -38.06 19.43 36.87
C TRP B 215 -37.28 20.37 35.94
N SER B 216 -37.05 21.57 36.43
CA SER B 216 -36.41 22.60 35.68
C SER B 216 -35.38 23.18 36.59
N TYR B 217 -34.25 23.58 36.04
CA TYR B 217 -33.18 24.15 36.81
C TYR B 217 -32.42 25.14 35.97
N GLY B 218 -32.21 26.35 36.47
CA GLY B 218 -31.09 27.14 35.97
C GLY B 218 -31.50 28.23 35.08
N SER B 219 -32.76 28.19 34.68
CA SER B 219 -33.26 29.21 33.79
C SER B 219 -34.52 29.87 34.41
N GLY B 220 -34.55 31.21 34.32
CA GLY B 220 -35.74 32.00 34.69
C GLY B 220 -36.52 32.41 33.45
N TYR B 221 -36.17 31.86 32.29
CA TYR B 221 -36.86 32.14 31.04
C TYR B 221 -38.11 31.35 30.62
N GLY B 222 -39.15 32.09 30.29
CA GLY B 222 -40.22 31.63 29.48
C GLY B 222 -40.64 30.19 29.57
N GLY B 223 -40.41 29.39 28.49
CA GLY B 223 -40.79 27.97 28.42
C GLY B 223 -40.00 27.09 29.39
N ASN B 224 -38.78 27.52 29.68
CA ASN B 224 -37.89 26.86 30.67
C ASN B 224 -38.33 26.86 32.14
N ALA B 225 -39.11 27.92 32.50
CA ALA B 225 -39.38 28.37 33.85
C ALA B 225 -40.85 28.38 34.24
N ILE B 226 -41.70 28.77 33.33
CA ILE B 226 -43.14 28.72 33.48
C ILE B 226 -43.53 27.34 33.02
N LEU B 227 -43.47 26.40 33.95
CA LEU B 227 -43.68 24.97 33.70
C LEU B 227 -45.07 24.53 33.18
N ALA B 228 -46.18 25.24 33.47
CA ALA B 228 -47.48 24.97 32.75
C ALA B 228 -47.38 25.20 31.26
N LYS B 229 -46.43 26.01 30.85
CA LYS B 229 -46.35 26.46 29.50
C LYS B 229 -45.34 25.44 28.91
N LYS B 230 -45.82 24.76 27.86
CA LYS B 230 -44.99 23.84 27.08
C LYS B 230 -44.73 22.57 27.83
N CYS B 231 -44.00 22.63 28.93
CA CYS B 231 -43.72 21.43 29.69
C CYS B 231 -45.01 20.70 30.11
N TYR B 232 -46.05 21.41 30.50
CA TYR B 232 -47.19 20.73 31.08
C TYR B 232 -48.22 20.75 30.05
N ALA B 233 -48.53 21.92 29.53
CA ALA B 233 -49.64 22.09 28.52
C ALA B 233 -49.43 21.34 27.16
N LEU B 234 -48.14 21.07 26.80
CA LEU B 234 -47.80 20.16 25.67
C LEU B 234 -47.10 18.85 25.99
N ARG B 235 -45.87 18.88 26.54
CA ARG B 235 -45.11 17.60 26.71
C ARG B 235 -45.73 16.64 27.75
N ILE B 236 -45.89 17.04 29.02
CA ILE B 236 -46.70 16.21 29.96
C ILE B 236 -48.09 15.92 29.39
N ALA B 237 -48.81 16.93 28.87
CA ALA B 237 -50.19 16.78 28.37
C ALA B 237 -50.35 15.78 27.24
N SER B 238 -49.44 15.79 26.29
CA SER B 238 -49.45 14.76 25.27
C SER B 238 -49.43 13.32 25.88
N VAL B 239 -48.53 13.08 26.80
CA VAL B 239 -48.43 11.75 27.36
C VAL B 239 -49.71 11.41 28.11
N MET B 240 -50.26 12.36 28.88
CA MET B 240 -51.59 12.13 29.59
C MET B 240 -52.72 11.88 28.61
N ALA B 241 -52.70 12.68 27.56
CA ALA B 241 -53.64 12.55 26.44
C ALA B 241 -53.69 11.17 25.73
N ARG B 242 -52.51 10.64 25.47
CA ARG B 242 -52.41 9.41 24.75
C ARG B 242 -52.79 8.37 25.82
N GLU B 243 -52.43 8.62 27.08
CA GLU B 243 -52.89 7.71 28.13
C GLU B 243 -54.44 7.52 28.26
N GLU B 244 -55.23 8.55 27.88
CA GLU B 244 -56.65 8.61 28.22
C GLU B 244 -57.58 8.89 27.08
N GLY B 245 -57.10 9.16 25.87
CA GLY B 245 -58.06 9.23 24.74
C GLY B 245 -58.38 10.64 24.32
N TRP B 246 -57.44 11.56 24.44
CA TRP B 246 -57.67 12.90 23.89
C TRP B 246 -56.46 13.40 23.13
N MET B 247 -56.39 14.69 22.89
CA MET B 247 -55.27 15.29 22.19
C MET B 247 -54.80 16.56 22.89
N ALA B 248 -53.49 16.69 23.11
CA ALA B 248 -52.87 17.93 23.50
C ALA B 248 -52.07 18.52 22.29
N GLU B 249 -52.50 19.68 21.79
CA GLU B 249 -52.03 20.10 20.46
C GLU B 249 -51.63 21.50 20.45
N HIS B 250 -50.69 21.77 19.57
CA HIS B 250 -50.12 23.08 19.34
C HIS B 250 -50.96 23.91 18.33
N MET B 251 -52.16 24.32 18.81
CA MET B 251 -53.15 25.01 18.01
C MET B 251 -53.71 26.24 18.68
N LEU B 252 -53.78 27.36 17.98
CA LEU B 252 -54.78 28.36 18.34
C LEU B 252 -56.28 27.85 18.17
N ILE B 253 -57.22 28.49 18.91
CA ILE B 253 -58.65 28.29 18.73
C ILE B 253 -59.30 29.65 18.46
N LEU B 254 -60.10 29.77 17.42
CA LEU B 254 -60.54 31.07 17.00
C LEU B 254 -62.05 31.00 16.79
N LYS B 255 -62.84 31.92 17.34
CA LYS B 255 -64.24 31.98 16.97
C LYS B 255 -64.38 32.96 15.80
N LEU B 256 -64.94 32.52 14.70
CA LEU B 256 -65.40 33.41 13.63
C LEU B 256 -66.93 33.47 13.57
N ILE B 257 -67.51 34.67 13.53
CA ILE B 257 -68.94 34.83 13.40
C ILE B 257 -69.32 35.44 12.00
N ASN B 258 -70.22 34.80 11.28
CA ASN B 258 -70.52 35.28 9.91
C ASN B 258 -71.51 36.50 9.90
N PRO B 259 -71.54 37.30 8.83
CA PRO B 259 -72.67 38.28 8.82
C PRO B 259 -73.98 37.72 9.42
N GLU B 260 -74.54 36.66 8.85
CA GLU B 260 -75.79 36.04 9.35
C GLU B 260 -75.80 35.86 10.91
N GLY B 261 -74.63 35.71 11.52
CA GLY B 261 -74.53 35.66 12.97
C GLY B 261 -74.21 34.30 13.57
N LYS B 262 -74.04 33.28 12.71
CA LYS B 262 -73.66 31.96 13.18
C LYS B 262 -72.16 31.91 13.61
N ALA B 263 -71.91 31.10 14.67
CA ALA B 263 -70.65 31.05 15.37
C ALA B 263 -69.84 29.81 14.97
N TYR B 264 -68.64 30.02 14.43
CA TYR B 264 -67.81 28.88 13.99
C TYR B 264 -66.47 28.86 14.74
N HIS B 265 -65.85 27.67 14.86
CA HIS B 265 -64.55 27.54 15.56
C HIS B 265 -63.57 26.68 14.82
N ILE B 266 -62.38 27.24 14.67
CA ILE B 266 -61.32 26.76 13.84
C ILE B 266 -60.16 26.60 14.76
N ALA B 267 -59.50 25.43 14.71
CA ALA B 267 -58.23 25.23 15.46
C ALA B 267 -57.13 25.40 14.45
N ALA B 268 -55.95 25.87 14.86
CA ALA B 268 -54.93 25.88 13.77
C ALA B 268 -53.57 25.67 14.29
N ALA B 269 -52.80 24.85 13.58
CA ALA B 269 -51.41 24.58 13.91
C ALA B 269 -50.38 25.14 12.91
N PHE B 270 -49.66 26.23 13.22
CA PHE B 270 -48.58 26.76 12.37
C PHE B 270 -47.37 26.65 13.22
N PRO B 271 -46.15 26.43 12.60
CA PRO B 271 -44.81 26.45 13.24
C PRO B 271 -44.23 27.89 13.36
N SER B 272 -45.08 28.83 13.75
CA SER B 272 -44.71 30.23 14.02
C SER B 272 -45.65 30.77 15.08
N ALA B 273 -45.10 31.39 16.14
CA ALA B 273 -45.85 32.23 17.15
C ALA B 273 -46.55 33.49 16.57
N CYS B 274 -45.83 34.27 15.76
CA CYS B 274 -46.46 35.19 14.85
C CYS B 274 -47.07 34.19 13.86
N GLY B 275 -48.23 34.47 13.31
CA GLY B 275 -48.83 33.46 12.45
C GLY B 275 -49.92 32.93 13.35
N LYS B 276 -49.52 32.19 14.38
CA LYS B 276 -50.46 31.68 15.34
C LYS B 276 -51.18 32.84 16.00
N THR B 277 -50.44 33.74 16.62
CA THR B 277 -51.05 34.82 17.34
C THR B 277 -51.78 35.75 16.39
N ASN B 278 -51.20 36.05 15.23
CA ASN B 278 -51.91 36.85 14.21
C ASN B 278 -53.17 36.14 13.61
N LEU B 279 -53.13 34.87 13.22
CA LEU B 279 -54.45 34.22 12.95
C LEU B 279 -55.43 34.19 14.15
N ALA B 280 -54.95 33.84 15.37
CA ALA B 280 -55.78 33.87 16.62
C ALA B 280 -56.47 35.21 16.90
N MET B 281 -55.79 36.33 16.62
CA MET B 281 -56.24 37.71 16.95
C MET B 281 -56.65 38.53 15.70
N ILE B 282 -56.98 37.84 14.59
CA ILE B 282 -57.28 38.42 13.26
C ILE B 282 -58.46 39.36 13.35
N THR B 283 -58.32 40.55 12.75
CA THR B 283 -59.44 41.36 12.49
C THR B 283 -59.87 41.17 11.04
N PRO B 284 -61.06 40.56 10.87
CA PRO B 284 -61.56 40.27 9.52
C PRO B 284 -61.71 41.54 8.69
N THR B 285 -61.70 41.36 7.41
CA THR B 285 -61.38 42.41 6.47
C THR B 285 -62.58 42.47 5.57
N ILE B 286 -63.64 41.78 5.97
CA ILE B 286 -64.79 41.56 5.13
C ILE B 286 -65.84 42.00 6.08
N PRO B 287 -66.81 42.79 5.57
CA PRO B 287 -67.99 43.31 6.28
C PRO B 287 -68.89 42.17 6.84
N GLY B 288 -69.47 42.39 8.00
CA GLY B 288 -70.38 41.41 8.51
C GLY B 288 -69.64 40.44 9.38
N TRP B 289 -68.36 40.19 9.04
CA TRP B 289 -67.49 39.23 9.75
C TRP B 289 -66.77 39.82 10.99
N THR B 290 -66.63 38.98 12.01
CA THR B 290 -66.25 39.40 13.33
C THR B 290 -65.63 38.19 14.06
N ALA B 291 -64.62 38.43 14.88
CA ALA B 291 -63.90 37.27 15.47
C ALA B 291 -63.35 37.55 16.81
N GLN B 292 -63.37 36.50 17.61
CA GLN B 292 -62.90 36.48 18.95
C GLN B 292 -61.91 35.34 19.17
N VAL B 293 -60.92 35.56 20.04
CA VAL B 293 -59.89 34.58 20.37
C VAL B 293 -60.40 33.59 21.43
N VAL B 294 -60.24 32.30 21.17
CA VAL B 294 -60.35 31.37 22.27
C VAL B 294 -58.95 31.06 22.86
N GLY B 295 -57.94 30.86 22.02
CA GLY B 295 -56.57 30.74 22.54
C GLY B 295 -55.62 31.00 21.40
N ASP B 296 -54.37 31.29 21.67
CA ASP B 296 -53.50 31.37 20.55
C ASP B 296 -52.28 30.47 20.57
N ASP B 297 -52.31 29.38 21.33
CA ASP B 297 -51.14 28.58 21.51
C ASP B 297 -51.48 27.10 21.63
N ILE B 298 -52.22 26.71 22.68
CA ILE B 298 -52.47 25.31 23.03
C ILE B 298 -53.97 24.97 23.02
N ALA B 299 -54.27 23.74 22.66
CA ALA B 299 -55.63 23.28 22.53
C ALA B 299 -55.67 21.86 23.08
N TRP B 300 -56.67 21.57 23.90
CA TRP B 300 -56.89 20.22 24.35
C TRP B 300 -58.26 19.83 23.81
N LEU B 301 -58.29 18.73 23.12
CA LEU B 301 -59.41 18.29 22.28
C LEU B 301 -59.87 16.92 22.84
N LYS B 302 -61.13 16.85 23.23
CA LYS B 302 -61.81 15.67 23.66
C LYS B 302 -63.04 15.46 22.72
N LEU B 303 -63.44 14.21 22.49
CA LEU B 303 -64.65 13.93 21.67
C LEU B 303 -65.87 13.93 22.57
N ARG B 304 -67.01 14.43 22.06
CA ARG B 304 -68.17 14.66 22.90
C ARG B 304 -69.49 14.25 22.22
N GLU B 305 -69.89 12.98 22.26
CA GLU B 305 -71.14 12.55 21.54
C GLU B 305 -71.35 13.20 20.13
N ASP B 306 -71.07 14.52 20.01
CA ASP B 306 -71.36 15.25 18.73
C ASP B 306 -70.25 15.99 17.94
N GLY B 307 -69.01 15.90 18.38
CA GLY B 307 -67.92 16.61 17.76
C GLY B 307 -66.68 16.59 18.64
N LEU B 308 -65.64 17.22 18.12
CA LEU B 308 -64.37 17.33 18.80
C LEU B 308 -64.47 18.76 19.42
N TYR B 309 -64.21 18.86 20.73
CA TYR B 309 -64.37 20.08 21.47
C TYR B 309 -62.99 20.42 21.98
N ALA B 310 -62.62 21.69 21.86
CA ALA B 310 -61.32 22.20 22.30
C ALA B 310 -61.47 23.24 23.49
N VAL B 311 -60.64 23.08 24.53
CA VAL B 311 -60.44 24.11 25.51
C VAL B 311 -58.97 24.56 25.47
N ASN B 312 -58.73 25.82 25.80
CA ASN B 312 -57.38 26.29 25.93
C ASN B 312 -56.93 26.13 27.39
N PRO B 313 -55.92 25.30 27.69
CA PRO B 313 -55.45 25.17 29.09
C PRO B 313 -54.91 26.48 29.82
N GLU B 314 -54.53 27.49 29.03
CA GLU B 314 -53.81 28.66 29.51
C GLU B 314 -54.83 29.75 29.72
N ASN B 315 -54.41 30.72 30.55
CA ASN B 315 -55.29 31.80 31.04
C ASN B 315 -54.81 33.12 30.52
N GLY B 316 -53.73 33.10 29.79
CA GLY B 316 -53.29 34.28 29.10
C GLY B 316 -52.36 34.06 27.95
N PHE B 317 -51.76 35.13 27.52
CA PHE B 317 -50.95 35.09 26.34
C PHE B 317 -49.51 35.48 26.72
N PHE B 318 -48.53 34.74 26.20
CA PHE B 318 -47.09 34.96 26.42
C PHE B 318 -46.57 34.98 24.95
N GLY B 319 -46.95 36.01 24.18
CA GLY B 319 -46.64 36.09 22.74
C GLY B 319 -45.36 36.82 22.30
N VAL B 320 -44.94 36.65 21.08
CA VAL B 320 -43.62 37.18 20.71
C VAL B 320 -43.78 38.69 20.49
N ALA B 321 -42.99 39.51 21.16
CA ALA B 321 -43.30 40.94 20.94
C ALA B 321 -43.01 41.52 19.48
N PRO B 322 -41.76 41.42 18.99
CA PRO B 322 -41.46 42.13 17.75
C PRO B 322 -42.39 41.73 16.65
N GLY B 323 -42.72 42.69 15.76
CA GLY B 323 -43.58 42.44 14.62
C GLY B 323 -45.04 42.77 14.95
N THR B 324 -45.40 42.86 16.23
CA THR B 324 -46.72 43.27 16.64
C THR B 324 -46.95 44.79 16.45
N ASN B 325 -48.00 45.10 15.68
CA ASN B 325 -48.41 46.46 15.43
C ASN B 325 -49.85 46.56 15.01
N TYR B 326 -50.31 47.82 14.92
CA TYR B 326 -51.70 48.16 14.63
C TYR B 326 -52.17 47.73 13.29
N ALA B 327 -51.21 47.54 12.40
CA ALA B 327 -51.43 46.93 11.11
C ALA B 327 -51.47 45.32 11.15
N SER B 328 -50.44 44.62 11.63
CA SER B 328 -50.47 43.14 11.70
C SER B 328 -51.46 42.62 12.75
N ASN B 329 -51.39 43.22 13.96
CA ASN B 329 -52.21 42.78 15.07
C ASN B 329 -52.67 43.91 15.93
N PRO B 330 -53.64 44.69 15.45
CA PRO B 330 -54.44 45.63 16.29
C PRO B 330 -55.09 45.05 17.59
N ILE B 331 -55.71 43.87 17.56
CA ILE B 331 -56.19 43.20 18.80
C ILE B 331 -55.04 42.97 19.89
N ALA B 332 -53.88 42.39 19.53
CA ALA B 332 -52.76 42.28 20.46
C ALA B 332 -52.49 43.60 21.10
N MET B 333 -52.48 44.65 20.32
CA MET B 333 -52.27 46.00 20.85
C MET B 333 -53.30 46.47 21.88
N LYS B 334 -54.57 46.43 21.53
CA LYS B 334 -55.62 46.81 22.43
C LYS B 334 -55.85 45.82 23.60
N THR B 335 -55.33 44.60 23.52
CA THR B 335 -55.29 43.72 24.70
C THR B 335 -54.32 44.28 25.79
N MET B 336 -53.21 44.82 25.29
CA MET B 336 -52.18 45.46 26.10
C MET B 336 -52.46 46.93 26.45
N GLU B 337 -53.37 47.67 25.78
CA GLU B 337 -53.59 49.05 26.24
C GLU B 337 -54.24 49.29 27.65
N PRO B 338 -55.16 48.40 28.14
CA PRO B 338 -55.49 48.54 29.59
C PRO B 338 -54.32 48.42 30.64
N GLY B 339 -53.20 47.85 30.22
CA GLY B 339 -52.00 47.68 31.00
C GLY B 339 -51.95 46.27 31.52
N ASN B 340 -51.55 46.13 32.78
CA ASN B 340 -51.48 44.86 33.46
C ASN B 340 -50.61 43.76 32.77
N THR B 341 -49.63 44.26 31.99
CA THR B 341 -48.74 43.47 31.15
C THR B 341 -47.29 43.33 31.73
N LEU B 342 -46.74 42.12 31.67
CA LEU B 342 -45.35 41.83 31.97
C LEU B 342 -44.60 41.68 30.64
N PHE B 343 -43.65 42.60 30.38
CA PHE B 343 -42.88 42.60 29.17
C PHE B 343 -41.50 42.08 29.48
N THR B 344 -41.03 41.18 28.60
CA THR B 344 -39.66 40.67 28.80
C THR B 344 -38.77 41.01 27.56
N ASN B 345 -37.70 41.78 27.82
CA ASN B 345 -36.61 41.96 26.86
C ASN B 345 -36.83 42.88 25.68
N VAL B 346 -37.71 43.88 25.92
CA VAL B 346 -38.12 44.89 24.94
C VAL B 346 -37.38 46.21 25.26
N ALA B 347 -37.32 47.09 24.27
CA ALA B 347 -36.63 48.35 24.43
C ALA B 347 -37.49 49.19 25.36
N LEU B 348 -36.90 50.30 25.84
CA LEU B 348 -37.54 51.24 26.75
C LEU B 348 -37.51 52.64 26.17
N THR B 349 -38.66 53.29 25.98
CA THR B 349 -38.68 54.67 25.47
C THR B 349 -38.06 55.71 26.40
N ASP B 350 -38.25 55.63 27.73
CA ASP B 350 -37.63 56.63 28.71
C ASP B 350 -38.63 57.79 29.18
N ASP B 351 -39.63 58.03 28.33
CA ASP B 351 -40.97 58.32 28.81
C ASP B 351 -41.60 57.03 29.40
N GLY B 352 -40.82 55.93 29.39
CA GLY B 352 -41.13 54.78 30.22
C GLY B 352 -42.28 53.98 29.64
N ASP B 353 -42.50 54.17 28.35
CA ASP B 353 -43.10 53.15 27.49
C ASP B 353 -42.03 52.12 26.92
N ILE B 354 -42.48 51.36 25.91
CA ILE B 354 -42.00 50.03 25.59
C ILE B 354 -41.79 50.15 24.07
N TRP B 355 -40.73 49.57 23.51
CA TRP B 355 -40.67 49.55 22.04
C TRP B 355 -40.11 48.24 21.50
N TRP B 356 -40.59 47.86 20.31
CA TRP B 356 -39.95 46.80 19.55
C TRP B 356 -39.94 46.92 17.99
N GLU B 357 -39.00 46.21 17.39
CA GLU B 357 -38.90 46.12 15.95
C GLU B 357 -40.19 45.77 15.32
N GLY B 358 -40.55 46.52 14.29
CA GLY B 358 -41.86 46.38 13.66
C GLY B 358 -43.08 46.97 14.38
N MET B 359 -42.88 47.81 15.42
CA MET B 359 -43.92 48.82 15.91
C MET B 359 -44.10 49.94 14.87
N ASP B 360 -45.34 50.36 14.67
CA ASP B 360 -45.69 51.03 13.38
C ASP B 360 -45.36 52.53 13.12
N GLY B 361 -44.07 52.84 13.00
CA GLY B 361 -43.71 54.22 12.75
C GLY B 361 -42.36 54.61 12.16
N ASP B 362 -41.28 54.25 12.84
CA ASP B 362 -39.98 54.81 12.50
C ASP B 362 -38.96 54.17 13.43
N ALA B 363 -39.10 54.43 14.72
CA ALA B 363 -38.14 53.95 15.74
C ALA B 363 -37.50 55.19 16.26
N PRO B 364 -37.70 55.47 17.54
CA PRO B 364 -37.19 56.74 18.01
C PRO B 364 -35.73 56.77 17.74
N ALA B 365 -35.18 57.97 17.80
CA ALA B 365 -33.77 58.08 17.58
C ALA B 365 -33.08 57.83 18.90
N HIS B 366 -33.87 57.53 19.94
CA HIS B 366 -33.26 57.07 21.19
C HIS B 366 -34.08 55.97 21.83
N LEU B 367 -33.40 55.09 22.57
CA LEU B 367 -34.04 54.10 23.38
C LEU B 367 -33.02 53.44 24.32
N ILE B 368 -33.46 52.79 25.37
CA ILE B 368 -32.49 51.86 25.91
C ILE B 368 -32.87 50.40 25.46
N ASP B 369 -31.89 49.58 25.17
CA ASP B 369 -32.21 48.26 24.70
C ASP B 369 -32.48 47.30 25.84
N TRP B 370 -32.74 46.03 25.48
CA TRP B 370 -33.17 45.00 26.41
C TRP B 370 -32.01 44.68 27.25
N MET B 371 -30.84 45.06 26.74
CA MET B 371 -29.58 44.98 27.50
C MET B 371 -29.40 46.09 28.54
N GLY B 372 -30.17 47.18 28.41
CA GLY B 372 -29.88 48.44 29.11
C GLY B 372 -29.01 49.50 28.38
N ASN B 373 -28.86 49.41 27.06
CA ASN B 373 -27.83 50.24 26.40
C ASN B 373 -28.31 51.41 25.58
N ASP B 374 -27.57 52.51 25.52
CA ASP B 374 -28.08 53.55 24.62
C ASP B 374 -28.12 52.98 23.20
N TRP B 375 -29.24 53.20 22.53
CA TRP B 375 -29.53 52.53 21.30
C TRP B 375 -30.22 53.55 20.48
N THR B 376 -29.82 53.65 19.20
CA THR B 376 -30.30 54.65 18.26
C THR B 376 -30.43 53.91 16.93
N PRO B 377 -31.12 54.46 15.93
CA PRO B 377 -31.38 53.54 14.80
C PRO B 377 -30.17 53.18 13.92
N GLU B 378 -29.00 53.72 14.24
CA GLU B 378 -27.80 53.35 13.47
C GLU B 378 -27.20 51.96 13.80
N SER B 379 -27.70 51.32 14.87
CA SER B 379 -26.96 50.32 15.68
C SER B 379 -26.74 48.83 15.17
N ASP B 380 -27.68 48.29 14.39
CA ASP B 380 -27.46 46.99 13.75
C ASP B 380 -27.66 45.81 14.66
N GLU B 381 -27.60 46.02 15.95
CA GLU B 381 -28.31 45.12 16.80
C GLU B 381 -29.83 45.51 17.01
N ASN B 382 -30.69 44.54 17.35
CA ASN B 382 -32.13 44.83 17.61
C ASN B 382 -32.37 45.66 18.89
N ALA B 383 -33.30 46.61 18.87
CA ALA B 383 -33.67 47.27 20.11
C ALA B 383 -34.36 46.27 21.05
N ALA B 384 -35.22 45.39 20.49
CA ALA B 384 -35.79 44.33 21.33
C ALA B 384 -35.09 43.04 20.93
N HIS B 385 -34.85 42.16 21.89
CA HIS B 385 -34.36 40.82 21.53
C HIS B 385 -35.44 40.17 20.66
N PRO B 386 -35.11 39.47 19.55
CA PRO B 386 -36.19 38.87 18.74
C PRO B 386 -37.17 37.85 19.41
N ASN B 387 -36.77 37.25 20.55
CA ASN B 387 -37.68 36.40 21.31
C ASN B 387 -38.32 37.18 22.49
N SER B 388 -38.32 38.51 22.46
CA SER B 388 -38.93 39.23 23.59
C SER B 388 -40.44 39.04 23.65
N ARG B 389 -41.01 39.36 24.79
CA ARG B 389 -42.31 38.83 25.07
C ARG B 389 -43.16 39.76 25.83
N TYR B 390 -44.45 39.57 25.65
CA TYR B 390 -45.44 40.21 26.44
C TYR B 390 -46.32 39.11 27.04
N CYS B 391 -46.84 39.37 28.20
CA CYS B 391 -47.52 38.37 28.93
C CYS B 391 -48.72 39.06 29.51
N VAL B 392 -49.94 38.62 29.15
CA VAL B 392 -51.17 39.39 29.46
C VAL B 392 -52.42 38.52 29.52
N ALA B 393 -53.40 38.94 30.35
CA ALA B 393 -54.54 38.05 30.72
C ALA B 393 -55.41 37.95 29.49
N ILE B 394 -55.94 36.80 29.19
CA ILE B 394 -56.85 36.82 28.03
C ILE B 394 -58.14 37.61 28.27
N ASP B 395 -58.62 37.62 29.52
CA ASP B 395 -59.88 38.35 30.02
C ASP B 395 -59.94 39.74 29.54
N GLN B 396 -58.76 40.26 29.23
CA GLN B 396 -58.50 41.71 29.05
C GLN B 396 -58.47 42.09 27.57
N SER B 397 -58.55 41.07 26.71
CA SER B 397 -58.61 41.26 25.26
C SER B 397 -59.97 41.89 24.99
N PRO B 398 -60.00 42.91 24.16
CA PRO B 398 -61.36 43.23 23.76
C PRO B 398 -62.00 42.19 22.74
N ALA B 399 -61.29 41.13 22.36
CA ALA B 399 -61.84 40.21 21.38
C ALA B 399 -61.82 38.81 21.91
N ALA B 400 -61.57 38.62 23.20
CA ALA B 400 -61.63 37.32 23.84
C ALA B 400 -63.07 36.78 23.78
N ALA B 401 -63.22 35.53 23.33
CA ALA B 401 -64.54 34.91 23.30
C ALA B 401 -64.81 34.62 24.72
N PRO B 402 -66.04 34.98 25.22
CA PRO B 402 -66.39 34.65 26.59
C PRO B 402 -66.37 33.12 26.95
N GLU B 403 -66.57 32.26 25.97
CA GLU B 403 -66.51 30.83 26.15
C GLU B 403 -65.14 30.22 26.31
N PHE B 404 -64.09 31.06 26.35
CA PHE B 404 -62.74 30.60 26.75
C PHE B 404 -62.71 29.99 28.16
N ASN B 405 -63.69 30.36 28.98
CA ASN B 405 -63.90 29.80 30.29
C ASN B 405 -64.97 28.74 30.46
N ASP B 406 -65.50 28.20 29.35
CA ASP B 406 -66.38 27.06 29.48
C ASP B 406 -65.48 25.86 29.59
N TRP B 407 -65.54 25.11 30.68
CA TRP B 407 -64.79 23.92 30.87
C TRP B 407 -65.09 22.85 29.82
N GLU B 408 -66.27 22.88 29.20
CA GLU B 408 -66.62 21.86 28.21
C GLU B 408 -66.06 22.15 26.79
N GLY B 409 -65.33 23.26 26.62
CA GLY B 409 -64.59 23.51 25.37
C GLY B 409 -65.60 23.97 24.37
N VAL B 410 -65.15 24.56 23.23
CA VAL B 410 -65.98 24.80 22.07
C VAL B 410 -65.76 23.73 20.97
N LYS B 411 -66.85 23.35 20.30
CA LYS B 411 -66.95 22.55 19.05
C LYS B 411 -66.11 23.11 17.92
N ILE B 412 -65.14 22.29 17.49
CA ILE B 412 -64.23 22.58 16.37
C ILE B 412 -64.85 22.20 15.03
N ASP B 413 -64.92 23.19 14.14
CA ASP B 413 -65.52 23.01 12.83
C ASP B 413 -64.55 22.67 11.68
N ALA B 414 -63.27 23.03 11.86
CA ALA B 414 -62.19 22.92 10.84
C ALA B 414 -60.87 22.98 11.61
N ILE B 415 -59.94 22.12 11.23
CA ILE B 415 -58.53 22.20 11.68
C ILE B 415 -57.68 22.59 10.50
N LEU B 416 -56.84 23.60 10.66
CA LEU B 416 -55.94 24.03 9.62
C LEU B 416 -54.52 23.66 10.04
N PHE B 417 -53.80 23.05 9.15
CA PHE B 417 -52.36 22.87 9.21
C PHE B 417 -51.82 23.96 8.25
N GLY B 418 -50.75 24.61 8.64
CA GLY B 418 -50.11 25.56 7.72
C GLY B 418 -48.66 25.77 8.02
N GLY B 419 -47.82 25.96 7.00
CA GLY B 419 -46.40 26.34 7.18
C GLY B 419 -45.99 27.35 6.08
N ARG B 420 -44.73 27.75 6.02
CA ARG B 420 -44.32 28.88 5.17
C ARG B 420 -43.58 28.46 3.89
N ARG B 421 -44.24 28.45 2.74
CA ARG B 421 -43.64 27.82 1.49
C ARG B 421 -43.81 28.74 0.25
N ALA B 422 -42.68 29.02 -0.43
CA ALA B 422 -42.59 30.00 -1.50
C ALA B 422 -43.10 29.42 -2.82
N ASP B 423 -43.44 28.11 -2.80
CA ASP B 423 -44.02 27.34 -3.92
C ASP B 423 -44.79 25.98 -3.53
N THR B 424 -45.33 25.22 -4.47
CA THR B 424 -45.83 23.92 -4.18
C THR B 424 -47.21 23.92 -3.47
N VAL B 425 -47.33 24.53 -2.30
CA VAL B 425 -48.54 24.28 -1.49
C VAL B 425 -49.57 25.38 -1.80
N PRO B 426 -50.79 25.01 -2.20
CA PRO B 426 -51.83 25.94 -2.57
C PRO B 426 -52.23 26.87 -1.41
N LEU B 427 -52.97 27.95 -1.71
CA LEU B 427 -53.32 28.92 -0.69
C LEU B 427 -54.14 28.23 0.41
N VAL B 428 -55.04 27.36 -0.02
CA VAL B 428 -55.84 26.53 0.92
C VAL B 428 -56.33 25.35 0.11
N THR B 429 -56.39 24.19 0.74
CA THR B 429 -57.01 23.02 0.11
C THR B 429 -57.66 22.25 1.24
N GLN B 430 -58.83 21.63 1.01
CA GLN B 430 -59.35 20.68 1.98
C GLN B 430 -58.74 19.35 1.73
N THR B 431 -58.31 18.65 2.79
CA THR B 431 -58.00 17.21 2.65
C THR B 431 -59.26 16.32 2.55
N TYR B 432 -59.07 14.98 2.37
CA TYR B 432 -60.11 14.07 1.91
C TYR B 432 -60.82 13.48 3.11
N ASP B 433 -60.09 13.33 4.23
CA ASP B 433 -60.68 12.76 5.41
C ASP B 433 -59.66 12.91 6.48
N TRP B 434 -59.87 12.25 7.64
CA TRP B 434 -59.03 12.48 8.80
C TRP B 434 -57.63 11.86 8.65
N GLU B 435 -57.63 10.78 7.87
CA GLU B 435 -56.49 9.91 7.80
C GLU B 435 -55.64 10.62 6.82
N HIS B 436 -56.29 11.26 5.87
CA HIS B 436 -55.57 11.97 4.89
C HIS B 436 -54.88 13.21 5.52
N GLY B 437 -55.61 13.97 6.34
CA GLY B 437 -55.13 15.19 7.02
C GLY B 437 -54.16 14.84 8.16
N THR B 438 -54.28 13.64 8.72
CA THR B 438 -53.26 13.14 9.63
C THR B 438 -51.91 12.95 8.90
N MET B 439 -51.90 12.43 7.66
CA MET B 439 -50.66 12.35 6.88
C MET B 439 -50.10 13.76 6.50
N VAL B 440 -50.99 14.64 6.01
CA VAL B 440 -50.64 16.00 5.73
C VAL B 440 -49.98 16.65 7.00
N GLY B 441 -50.53 16.41 8.21
CA GLY B 441 -49.96 16.92 9.45
C GLY B 441 -48.53 16.45 9.64
N ALA B 442 -48.27 15.16 9.49
CA ALA B 442 -46.93 14.51 9.61
C ALA B 442 -45.88 15.19 8.69
N LEU B 443 -46.33 15.53 7.49
CA LEU B 443 -45.51 16.04 6.38
C LEU B 443 -45.43 17.55 6.34
N LEU B 444 -45.98 18.25 7.33
CA LEU B 444 -45.92 19.69 7.34
C LEU B 444 -44.52 20.22 7.60
N ALA B 445 -44.16 21.23 6.80
CA ALA B 445 -42.81 21.74 6.62
C ALA B 445 -42.96 23.20 6.21
N SER B 446 -41.92 24.00 6.47
CA SER B 446 -41.60 25.34 5.79
C SER B 446 -40.39 25.23 4.82
N GLY B 447 -40.37 26.09 3.79
CA GLY B 447 -39.14 26.32 3.02
C GLY B 447 -37.91 26.57 3.93
N GLY B 458 -33.38 16.32 0.82
CA GLY B 458 -32.90 17.70 0.68
C GLY B 458 -33.10 18.55 1.92
N THR B 459 -33.62 19.77 1.75
CA THR B 459 -33.46 20.85 2.72
C THR B 459 -34.71 21.00 3.63
N LEU B 460 -35.78 21.67 3.15
CA LEU B 460 -37.07 21.92 3.89
C LEU B 460 -37.29 21.54 5.37
N ARG B 461 -37.75 22.50 6.14
CA ARG B 461 -37.82 22.29 7.56
C ARG B 461 -39.12 21.67 8.06
N HIS B 462 -39.05 20.41 8.40
CA HIS B 462 -40.15 19.60 8.88
C HIS B 462 -40.63 19.96 10.28
N ASP B 463 -41.92 20.00 10.48
CA ASP B 463 -42.42 20.35 11.82
C ASP B 463 -43.74 19.66 12.01
N PRO B 464 -43.72 18.36 12.20
CA PRO B 464 -44.94 17.53 12.25
C PRO B 464 -46.02 18.03 13.23
N MET B 465 -47.17 18.42 12.67
CA MET B 465 -48.32 19.04 13.40
C MET B 465 -47.97 20.37 14.17
N ALA B 466 -46.88 21.03 13.74
CA ALA B 466 -46.21 22.11 14.50
C ALA B 466 -46.02 21.81 15.93
N MET B 467 -45.67 20.54 16.24
CA MET B 467 -45.45 20.07 17.59
C MET B 467 -44.00 19.61 17.78
N LEU B 468 -43.03 19.84 16.87
CA LEU B 468 -41.75 18.97 16.86
C LEU B 468 -40.97 18.97 18.22
N PRO B 469 -40.81 20.21 18.78
CA PRO B 469 -40.15 20.42 20.08
C PRO B 469 -40.94 19.94 21.29
N PHE B 470 -42.24 19.62 21.16
CA PHE B 470 -43.17 19.40 22.30
C PHE B 470 -43.89 18.06 22.35
N ILE B 471 -43.64 17.16 21.39
CA ILE B 471 -44.23 15.83 21.47
C ILE B 471 -43.60 15.12 22.68
N GLY B 472 -44.44 14.79 23.67
CA GLY B 472 -43.98 14.32 24.97
C GLY B 472 -43.65 12.84 25.06
N TYR B 473 -43.80 12.17 23.94
CA TYR B 473 -43.38 10.83 23.74
C TYR B 473 -43.00 10.63 22.22
N ASN B 474 -43.09 9.36 21.78
CA ASN B 474 -42.55 8.88 20.50
C ASN B 474 -43.36 9.42 19.30
N ALA B 475 -42.71 10.16 18.39
CA ALA B 475 -43.41 10.95 17.33
C ALA B 475 -44.41 10.09 16.58
N GLY B 476 -44.00 8.83 16.32
CA GLY B 476 -44.73 7.91 15.47
C GLY B 476 -45.93 7.44 16.22
N GLU B 477 -45.79 7.19 17.52
CA GLU B 477 -46.97 6.81 18.38
C GLU B 477 -47.99 7.96 18.44
N TYR B 478 -47.48 9.19 18.51
CA TYR B 478 -48.27 10.39 18.51
C TYR B 478 -49.19 10.50 17.27
N LEU B 479 -48.65 10.18 16.06
CA LEU B 479 -49.54 9.98 14.85
C LEU B 479 -50.62 8.85 14.96
N GLN B 480 -50.34 7.82 15.79
CA GLN B 480 -51.25 6.65 15.96
C GLN B 480 -52.35 7.19 16.81
N ASN B 481 -51.96 8.11 17.69
CA ASN B 481 -52.92 8.94 18.42
C ASN B 481 -53.89 9.71 17.57
N TRP B 482 -53.44 10.46 16.57
CA TRP B 482 -54.35 11.04 15.56
C TRP B 482 -55.32 10.08 14.87
N ILE B 483 -54.81 8.96 14.35
CA ILE B 483 -55.54 7.86 13.69
C ILE B 483 -56.52 7.16 14.67
N ASP B 484 -56.04 6.85 15.89
CA ASP B 484 -56.89 6.24 16.93
C ASP B 484 -58.03 7.16 17.26
N MET B 485 -57.77 8.44 17.19
CA MET B 485 -58.73 9.43 17.54
C MET B 485 -59.75 9.61 16.38
N GLY B 486 -59.27 9.62 15.13
CA GLY B 486 -60.18 9.74 14.00
C GLY B 486 -61.04 8.49 13.81
N ASN B 487 -60.69 7.39 14.49
CA ASN B 487 -61.40 6.07 14.49
C ASN B 487 -62.39 5.98 15.60
N LYS B 488 -62.12 6.68 16.70
CA LYS B 488 -63.12 6.76 17.75
C LYS B 488 -64.30 7.61 17.36
N GLY B 489 -64.05 8.75 16.70
CA GLY B 489 -65.10 9.69 16.40
C GLY B 489 -65.64 9.75 14.98
N GLY B 490 -64.98 9.01 14.09
CA GLY B 490 -65.43 8.79 12.74
C GLY B 490 -66.05 9.99 12.07
N ASP B 491 -67.38 9.91 11.97
CA ASP B 491 -68.18 10.65 11.03
C ASP B 491 -68.35 12.07 11.49
N LYS B 492 -68.12 12.34 12.77
CA LYS B 492 -68.24 13.70 13.26
C LYS B 492 -66.91 14.32 13.77
N MET B 493 -65.80 14.05 13.06
CA MET B 493 -64.47 14.63 13.29
C MET B 493 -64.51 15.82 12.43
N PRO B 494 -63.88 16.90 12.79
CA PRO B 494 -63.95 18.06 11.92
C PRO B 494 -62.98 17.95 10.69
N SER B 495 -63.31 18.54 9.58
CA SER B 495 -62.47 18.45 8.43
C SER B 495 -61.07 19.21 8.55
N ILE B 496 -60.05 18.77 7.79
CA ILE B 496 -58.65 19.28 7.87
C ILE B 496 -58.32 19.99 6.58
N PHE B 497 -57.73 21.17 6.71
CA PHE B 497 -57.28 22.01 5.63
C PHE B 497 -55.79 22.32 5.78
N LEU B 498 -55.13 22.44 4.64
CA LEU B 498 -53.81 22.83 4.63
C LEU B 498 -53.89 24.16 3.91
N VAL B 499 -53.12 25.17 4.39
CA VAL B 499 -53.09 26.58 3.98
C VAL B 499 -51.62 26.95 3.93
N ASN B 500 -51.30 27.93 3.08
CA ASN B 500 -50.03 28.55 2.87
C ASN B 500 -50.24 30.10 2.52
N TRP B 501 -49.62 31.02 3.28
CA TRP B 501 -49.82 32.48 3.10
C TRP B 501 -48.67 33.10 2.30
N PHE B 502 -47.63 32.29 2.03
CA PHE B 502 -46.32 32.78 1.56
C PHE B 502 -46.05 32.31 0.17
N ARG B 503 -47.05 32.14 -0.66
CA ARG B 503 -46.58 31.90 -2.02
C ARG B 503 -45.80 33.11 -2.66
N ARG B 504 -45.10 32.86 -3.75
CA ARG B 504 -44.39 33.86 -4.51
C ARG B 504 -44.44 33.55 -6.00
N GLY B 505 -44.50 34.61 -6.84
CA GLY B 505 -44.19 34.57 -8.29
C GLY B 505 -42.73 34.96 -8.33
N GLU B 506 -42.15 35.21 -9.51
CA GLU B 506 -40.73 35.60 -9.56
C GLU B 506 -40.59 36.84 -8.67
N ASP B 507 -39.98 37.92 -9.16
CA ASP B 507 -39.82 39.14 -8.37
C ASP B 507 -39.37 38.88 -6.94
N GLY B 508 -39.58 37.65 -6.45
CA GLY B 508 -39.56 37.35 -5.02
C GLY B 508 -40.80 37.87 -4.27
N ARG B 509 -41.80 38.36 -5.01
CA ARG B 509 -42.89 39.15 -4.42
C ARG B 509 -43.94 38.24 -3.82
N PHE B 510 -44.63 38.68 -2.76
CA PHE B 510 -45.73 37.89 -2.16
C PHE B 510 -47.02 37.99 -2.95
N LEU B 511 -47.71 36.87 -3.12
CA LEU B 511 -48.84 36.74 -4.02
C LEU B 511 -50.16 36.86 -3.31
N TRP B 512 -50.10 36.87 -1.97
CA TRP B 512 -51.32 36.98 -1.16
C TRP B 512 -50.92 37.78 0.06
N PRO B 513 -51.67 38.84 0.38
CA PRO B 513 -51.21 39.88 1.31
C PRO B 513 -51.35 39.47 2.75
N GLY B 514 -52.24 38.49 2.99
CA GLY B 514 -52.26 37.81 4.26
C GLY B 514 -52.74 38.78 5.30
N PHE B 515 -52.24 38.67 6.51
CA PHE B 515 -52.75 39.46 7.60
C PHE B 515 -54.27 39.33 7.76
N GLY B 516 -54.98 40.43 8.05
CA GLY B 516 -56.44 40.42 8.21
C GLY B 516 -57.18 39.87 7.01
N ASP B 517 -56.51 39.98 5.88
CA ASP B 517 -56.99 39.38 4.60
C ASP B 517 -57.19 37.85 4.57
N ASN B 518 -56.49 37.15 5.46
CA ASN B 518 -56.59 35.69 5.58
C ASN B 518 -57.93 35.27 6.06
N SER B 519 -58.70 36.20 6.62
CA SER B 519 -60.13 36.03 6.90
C SER B 519 -60.91 35.59 5.63
N ARG B 520 -60.44 36.01 4.45
CA ARG B 520 -61.04 35.58 3.19
C ARG B 520 -60.79 34.07 2.84
N VAL B 521 -59.67 33.49 3.31
CA VAL B 521 -59.44 32.05 3.27
C VAL B 521 -60.30 31.30 4.30
N LEU B 522 -60.54 31.93 5.45
CA LEU B 522 -61.34 31.31 6.51
C LEU B 522 -62.80 31.34 6.16
N LYS B 523 -63.20 32.30 5.31
CA LYS B 523 -64.57 32.37 4.87
C LYS B 523 -64.70 31.20 3.89
N TRP B 524 -63.76 31.11 2.94
CA TRP B 524 -63.70 29.95 2.03
C TRP B 524 -63.88 28.65 2.76
N VAL B 525 -63.13 28.47 3.84
CA VAL B 525 -63.10 27.23 4.58
C VAL B 525 -64.47 26.91 5.17
N ILE B 526 -65.10 27.92 5.81
CA ILE B 526 -66.43 27.81 6.34
C ILE B 526 -67.48 27.54 5.23
N ASP B 527 -67.34 28.20 4.08
CA ASP B 527 -68.20 27.97 2.87
C ASP B 527 -68.01 26.49 2.45
N ARG B 528 -66.78 25.97 2.60
CA ARG B 528 -66.45 24.60 2.24
C ARG B 528 -67.12 23.51 3.09
N ILE B 529 -66.96 23.55 4.41
CA ILE B 529 -67.61 22.56 5.30
C ILE B 529 -69.20 22.61 5.22
N GLU B 530 -69.73 23.76 4.83
CA GLU B 530 -71.14 24.03 4.62
C GLU B 530 -71.66 23.33 3.30
N GLY B 531 -71.30 23.92 2.15
CA GLY B 531 -71.29 23.21 0.86
C GLY B 531 -71.44 24.24 -0.25
N HIS B 532 -70.89 25.41 -0.03
CA HIS B 532 -71.22 26.54 -0.84
C HIS B 532 -70.07 26.80 -1.73
N VAL B 533 -69.13 25.90 -1.81
CA VAL B 533 -67.95 26.38 -2.49
C VAL B 533 -67.36 25.56 -3.74
N GLY B 534 -67.16 24.26 -3.58
CA GLY B 534 -66.39 23.62 -4.63
C GLY B 534 -64.88 23.93 -4.78
N ALA B 535 -64.26 22.93 -5.41
CA ALA B 535 -62.82 22.71 -5.39
C ALA B 535 -62.29 22.26 -6.76
N ASP B 536 -61.12 22.77 -7.18
CA ASP B 536 -60.22 22.05 -8.12
C ASP B 536 -59.57 20.86 -7.40
N GLU B 537 -59.59 19.68 -8.05
CA GLU B 537 -58.94 18.52 -7.51
C GLU B 537 -57.48 18.57 -7.91
N THR B 538 -56.59 18.69 -6.93
CA THR B 538 -55.13 18.69 -7.07
C THR B 538 -54.60 17.37 -6.41
N VAL B 539 -53.28 17.17 -6.46
CA VAL B 539 -52.57 16.04 -5.84
C VAL B 539 -52.68 16.07 -4.34
N VAL B 540 -53.03 17.26 -3.83
CA VAL B 540 -53.11 17.59 -2.39
C VAL B 540 -54.51 17.28 -1.73
N GLY B 541 -55.60 17.60 -2.47
CA GLY B 541 -56.95 17.30 -2.07
C GLY B 541 -57.78 18.28 -2.84
N HIS B 542 -58.91 18.72 -2.29
CA HIS B 542 -59.77 19.75 -2.88
C HIS B 542 -59.30 21.18 -2.65
N THR B 543 -58.83 21.88 -3.67
CA THR B 543 -58.29 23.20 -3.59
C THR B 543 -59.31 24.35 -3.98
N ALA B 544 -59.25 25.49 -3.33
CA ALA B 544 -60.00 26.68 -3.71
C ALA B 544 -59.67 27.22 -5.08
N LYS B 545 -60.70 27.48 -5.89
CA LYS B 545 -60.57 28.26 -7.13
C LYS B 545 -60.72 29.71 -6.74
N ALA B 546 -59.90 30.59 -7.32
CA ALA B 546 -59.75 31.99 -6.97
C ALA B 546 -61.10 32.73 -7.01
N GLU B 547 -62.02 32.23 -7.80
CA GLU B 547 -63.25 32.93 -8.01
C GLU B 547 -64.38 32.42 -7.09
N ASP B 548 -64.06 31.47 -6.17
CA ASP B 548 -64.85 31.26 -4.92
C ASP B 548 -64.29 32.03 -3.71
N LEU B 549 -63.32 32.88 -3.97
CA LEU B 549 -62.72 33.71 -2.90
C LEU B 549 -63.35 35.11 -2.95
N ASP B 550 -63.73 35.61 -1.76
CA ASP B 550 -64.23 36.94 -1.60
C ASP B 550 -63.00 37.82 -1.74
N LEU B 551 -62.64 38.16 -2.99
CA LEU B 551 -61.58 39.16 -3.23
C LEU B 551 -62.12 40.62 -3.29
N ASP B 552 -63.44 40.78 -3.18
CA ASP B 552 -64.00 42.12 -3.12
C ASP B 552 -63.16 42.93 -2.15
N GLY B 553 -62.73 44.11 -2.56
CA GLY B 553 -62.03 45.05 -1.65
C GLY B 553 -60.52 44.87 -1.66
N LEU B 554 -60.08 43.78 -2.28
CA LEU B 554 -58.68 43.43 -2.30
C LEU B 554 -57.86 43.96 -3.50
N ASP B 555 -56.89 44.80 -3.19
CA ASP B 555 -55.99 45.36 -4.21
C ASP B 555 -55.07 44.33 -4.85
N THR B 556 -55.26 43.04 -4.55
CA THR B 556 -54.39 41.94 -5.03
C THR B 556 -55.01 41.26 -6.28
N PRO B 557 -54.29 41.28 -7.46
CA PRO B 557 -54.72 40.77 -8.80
C PRO B 557 -55.13 39.30 -8.89
N ILE B 558 -56.38 38.98 -9.23
CA ILE B 558 -56.90 37.57 -9.18
C ILE B 558 -55.99 36.47 -9.85
N GLU B 559 -54.95 36.90 -10.56
CA GLU B 559 -54.16 36.00 -11.37
C GLU B 559 -52.95 35.62 -10.52
N ASP B 560 -52.99 36.09 -9.26
CA ASP B 560 -51.98 35.80 -8.23
C ASP B 560 -52.56 34.83 -7.28
N VAL B 561 -53.86 35.00 -7.08
CA VAL B 561 -54.63 34.26 -6.15
C VAL B 561 -54.79 32.89 -6.76
N LYS B 562 -54.71 32.86 -8.09
CA LYS B 562 -54.85 31.59 -8.81
C LYS B 562 -53.49 30.92 -9.03
N GLU B 563 -52.44 31.71 -9.18
CA GLU B 563 -51.06 31.25 -9.14
C GLU B 563 -50.78 30.58 -7.77
N ALA B 564 -50.95 31.34 -6.67
CA ALA B 564 -50.89 30.81 -5.30
C ALA B 564 -51.81 29.60 -4.98
N LEU B 565 -52.75 29.28 -5.85
CA LEU B 565 -53.65 28.17 -5.64
C LEU B 565 -53.20 26.94 -6.49
N THR B 566 -52.15 27.12 -7.30
CA THR B 566 -51.66 25.96 -8.05
C THR B 566 -50.85 24.99 -7.10
N ALA B 567 -50.96 23.67 -7.37
CA ALA B 567 -50.13 22.63 -6.82
C ALA B 567 -49.47 21.90 -8.04
N PRO B 568 -48.39 22.51 -8.60
CA PRO B 568 -47.63 22.00 -9.75
C PRO B 568 -46.97 20.65 -9.43
N ALA B 569 -47.39 19.61 -10.19
CA ALA B 569 -47.05 18.23 -9.86
C ALA B 569 -45.53 18.05 -9.91
N GLU B 570 -44.85 18.86 -10.72
CA GLU B 570 -43.40 18.68 -10.89
C GLU B 570 -42.71 19.05 -9.53
N GLN B 571 -43.30 20.03 -8.82
CA GLN B 571 -42.87 20.55 -7.53
C GLN B 571 -43.24 19.57 -6.46
N TRP B 572 -44.31 18.83 -6.64
CA TRP B 572 -44.73 17.92 -5.62
C TRP B 572 -43.88 16.65 -5.73
N ALA B 573 -43.48 16.31 -7.00
CA ALA B 573 -42.53 15.26 -7.34
C ALA B 573 -41.17 15.44 -6.74
N ASN B 574 -40.77 16.69 -6.56
CA ASN B 574 -39.46 16.96 -6.03
C ASN B 574 -39.36 16.76 -4.54
N ASP B 575 -40.48 16.91 -3.81
CA ASP B 575 -40.49 16.76 -2.36
C ASP B 575 -40.68 15.35 -2.00
N VAL B 576 -40.86 14.45 -2.98
CA VAL B 576 -41.16 13.04 -2.62
C VAL B 576 -40.09 12.27 -1.79
N GLU B 577 -38.83 12.49 -2.15
CA GLU B 577 -37.74 11.75 -1.56
C GLU B 577 -37.62 12.22 -0.15
N ASP B 578 -37.78 13.52 -0.05
CA ASP B 578 -37.54 14.22 1.17
C ASP B 578 -38.67 13.82 2.12
N ASN B 579 -39.92 13.84 1.65
CA ASN B 579 -41.04 13.45 2.51
C ASN B 579 -40.94 11.98 2.90
N ALA B 580 -40.53 11.10 1.97
CA ALA B 580 -40.36 9.67 2.32
C ALA B 580 -39.21 9.38 3.31
N GLU B 581 -38.12 10.12 3.28
CA GLU B 581 -37.10 9.94 4.28
C GLU B 581 -37.59 10.44 5.67
N TYR B 582 -38.43 11.50 5.65
CA TYR B 582 -39.01 12.00 6.86
C TYR B 582 -39.85 10.96 7.63
N LEU B 583 -40.73 10.29 6.89
CA LEU B 583 -41.60 9.32 7.48
C LEU B 583 -40.82 8.08 7.97
N THR B 584 -39.68 7.76 7.32
CA THR B 584 -38.78 6.76 7.84
C THR B 584 -38.17 7.21 9.19
N PHE B 585 -37.62 8.44 9.28
CA PHE B 585 -37.15 9.11 10.52
C PHE B 585 -38.09 8.95 11.71
N LEU B 586 -39.37 9.20 11.47
CA LEU B 586 -40.39 9.17 12.49
C LEU B 586 -40.49 7.76 13.18
N GLY B 587 -39.94 6.76 12.53
CA GLY B 587 -39.61 5.48 13.20
C GLY B 587 -40.65 4.42 12.96
N PRO B 588 -40.44 3.28 13.60
CA PRO B 588 -41.28 2.10 13.30
C PRO B 588 -42.74 2.15 13.83
N ARG B 589 -43.15 3.28 14.43
CA ARG B 589 -44.44 3.41 15.10
C ARG B 589 -45.38 4.32 14.37
N VAL B 590 -44.84 4.92 13.28
CA VAL B 590 -45.59 5.75 12.30
C VAL B 590 -46.66 4.80 11.82
N PRO B 591 -47.94 5.20 11.96
CA PRO B 591 -48.98 4.26 11.53
C PRO B 591 -48.88 3.73 10.07
N ALA B 592 -49.40 2.51 9.85
CA ALA B 592 -49.59 1.89 8.52
C ALA B 592 -50.42 2.81 7.61
N GLU B 593 -51.47 3.41 8.20
CA GLU B 593 -52.35 4.30 7.50
C GLU B 593 -51.63 5.51 6.94
N VAL B 594 -50.65 6.04 7.68
CA VAL B 594 -49.86 7.16 7.23
C VAL B 594 -49.05 6.81 6.00
N HIS B 595 -48.50 5.63 5.97
CA HIS B 595 -47.68 5.17 4.89
C HIS B 595 -48.50 4.96 3.64
N SER B 596 -49.75 4.46 3.75
CA SER B 596 -50.73 4.43 2.61
C SER B 596 -51.05 5.78 2.03
N GLN B 597 -51.32 6.70 2.97
CA GLN B 597 -51.75 7.98 2.54
C GLN B 597 -50.56 8.48 1.71
N PHE B 598 -49.37 8.29 2.22
CA PHE B 598 -48.24 8.69 1.43
C PHE B 598 -48.18 7.91 0.07
N ASP B 599 -48.40 6.59 0.08
CA ASP B 599 -48.42 5.85 -1.20
C ASP B 599 -49.39 6.49 -2.20
N ALA B 600 -50.62 6.74 -1.70
CA ALA B 600 -51.69 7.39 -2.44
C ALA B 600 -51.33 8.76 -2.98
N LEU B 601 -50.64 9.53 -2.17
CA LEU B 601 -50.15 10.84 -2.69
C LEU B 601 -49.16 10.66 -3.81
N LYS B 602 -48.28 9.68 -3.66
CA LYS B 602 -47.21 9.44 -4.63
C LYS B 602 -47.78 9.04 -5.98
N ALA B 603 -48.71 8.10 -6.00
CA ALA B 603 -49.62 7.81 -7.14
C ALA B 603 -50.29 9.02 -7.73
N ARG B 604 -50.79 9.98 -6.94
CA ARG B 604 -51.45 11.14 -7.52
C ARG B 604 -50.49 12.09 -8.14
N ILE B 605 -49.27 12.19 -7.56
CA ILE B 605 -48.17 13.00 -8.14
C ILE B 605 -47.76 12.46 -9.51
N SER B 606 -47.64 11.15 -9.66
CA SER B 606 -47.16 10.60 -10.89
C SER B 606 -48.25 10.63 -11.99
N ALA C 13 13.23 19.18 -5.41
CA ALA C 13 14.36 18.84 -4.44
C ALA C 13 13.98 18.94 -2.96
N PRO C 14 12.96 18.17 -2.51
CA PRO C 14 12.60 18.16 -1.09
C PRO C 14 13.58 17.53 -0.10
N THR C 15 14.81 18.05 -0.04
CA THR C 15 15.77 17.57 0.96
C THR C 15 16.79 18.64 1.47
N LYS C 16 17.09 18.59 2.79
CA LYS C 16 18.16 19.45 3.34
C LYS C 16 19.43 18.66 3.62
N ASN C 17 19.58 17.47 2.99
CA ASN C 17 20.76 16.60 3.25
C ASN C 17 21.90 17.03 2.33
N LYS C 18 22.91 17.66 2.94
CA LYS C 18 24.13 18.19 2.28
C LYS C 18 24.96 17.10 1.47
N GLU C 19 25.13 15.88 2.00
CA GLU C 19 25.84 14.79 1.35
C GLU C 19 25.11 14.44 0.07
N LEU C 20 23.77 14.33 0.19
CA LEU C 20 22.87 13.83 -0.87
C LEU C 20 23.06 14.69 -2.03
N LEU C 21 23.08 15.99 -1.72
CA LEU C 21 22.98 16.97 -2.75
C LEU C 21 24.30 17.17 -3.42
N ASN C 22 25.41 17.05 -2.69
CA ASN C 22 26.76 17.24 -3.27
C ASN C 22 27.09 16.12 -4.21
N TRP C 23 26.76 14.91 -3.77
CA TRP C 23 26.85 13.69 -4.58
C TRP C 23 26.08 13.82 -5.90
N ILE C 24 24.76 14.05 -5.81
CA ILE C 24 23.97 14.51 -6.98
C ILE C 24 24.62 15.61 -7.76
N ALA C 25 25.22 16.56 -7.05
CA ALA C 25 25.84 17.66 -7.70
C ALA C 25 27.07 17.21 -8.54
N ASP C 26 27.95 16.35 -8.01
CA ASP C 26 29.10 15.83 -8.81
C ASP C 26 28.68 14.93 -9.97
N ALA C 27 27.62 14.15 -9.76
CA ALA C 27 27.05 13.30 -10.78
C ALA C 27 26.58 14.09 -11.98
N VAL C 28 25.90 15.24 -11.76
CA VAL C 28 25.35 15.98 -12.86
C VAL C 28 26.52 16.53 -13.67
N GLU C 29 27.60 16.93 -13.00
CA GLU C 29 28.73 17.52 -13.71
C GLU C 29 29.36 16.48 -14.66
N LEU C 30 29.40 15.21 -14.21
CA LEU C 30 30.01 14.12 -14.93
C LEU C 30 29.14 13.55 -16.02
N PHE C 31 27.92 13.21 -15.63
CA PHE C 31 26.93 12.61 -16.50
C PHE C 31 26.37 13.57 -17.52
N GLN C 32 26.21 14.83 -17.11
CA GLN C 32 25.65 15.88 -17.93
C GLN C 32 24.24 15.74 -18.45
N PRO C 33 23.26 15.40 -17.58
CA PRO C 33 21.90 15.08 -18.08
C PRO C 33 21.29 16.38 -18.57
N GLU C 34 20.18 16.31 -19.32
CA GLU C 34 19.56 17.56 -19.81
C GLU C 34 18.82 18.20 -18.69
N ALA C 35 18.19 17.39 -17.86
CA ALA C 35 17.46 17.92 -16.72
C ALA C 35 17.55 16.95 -15.57
N VAL C 36 17.40 17.43 -14.32
CA VAL C 36 17.25 16.50 -13.16
C VAL C 36 15.90 16.50 -12.40
N VAL C 37 15.40 15.34 -12.02
CA VAL C 37 14.03 15.24 -11.46
C VAL C 37 14.07 14.28 -10.24
N PHE C 38 13.75 14.79 -9.03
CA PHE C 38 13.55 13.94 -7.85
C PHE C 38 12.26 13.14 -7.98
N VAL C 39 12.32 11.81 -7.79
CA VAL C 39 11.09 11.06 -7.99
C VAL C 39 10.29 11.03 -6.70
N ASP C 40 9.00 11.17 -6.84
CA ASP C 40 8.16 11.21 -5.64
C ASP C 40 7.48 9.88 -5.35
N GLY C 41 7.42 9.03 -6.35
CA GLY C 41 6.84 7.70 -6.10
C GLY C 41 5.33 7.68 -6.21
N SER C 42 4.74 8.81 -6.68
CA SER C 42 3.30 8.95 -6.92
C SER C 42 2.79 8.14 -8.12
N GLN C 43 1.53 7.72 -8.05
CA GLN C 43 0.74 7.19 -9.16
C GLN C 43 0.67 8.12 -10.43
N ALA C 44 0.57 9.45 -10.24
CA ALA C 44 0.65 10.36 -11.41
C ALA C 44 2.00 10.28 -11.98
N GLU C 45 3.00 10.07 -11.14
CA GLU C 45 4.31 10.08 -11.66
C GLU C 45 4.46 8.78 -12.51
N TRP C 46 3.85 7.66 -12.06
CA TRP C 46 3.89 6.37 -12.78
C TRP C 46 3.15 6.44 -14.15
N ASP C 47 2.02 7.12 -14.16
CA ASP C 47 1.18 7.29 -15.33
C ASP C 47 1.90 8.09 -16.37
N ARG C 48 2.55 9.15 -15.89
CA ARG C 48 3.30 10.05 -16.70
C ARG C 48 4.42 9.21 -17.31
N MET C 49 5.02 8.28 -16.54
CA MET C 49 6.11 7.54 -17.11
C MET C 49 5.67 6.46 -18.07
N ALA C 50 4.64 5.70 -17.71
CA ALA C 50 4.03 4.82 -18.66
C ALA C 50 3.83 5.49 -20.03
N GLU C 51 3.30 6.72 -20.06
CA GLU C 51 2.95 7.37 -21.32
C GLU C 51 4.18 7.90 -22.00
N ASP C 52 5.20 8.29 -21.27
CA ASP C 52 6.40 8.64 -21.94
C ASP C 52 6.97 7.42 -22.67
N LEU C 53 7.08 6.31 -21.95
CA LEU C 53 7.66 5.07 -22.50
C LEU C 53 6.76 4.41 -23.54
N VAL C 54 5.43 4.61 -23.49
CA VAL C 54 4.57 4.09 -24.57
C VAL C 54 4.85 4.91 -25.82
N GLU C 55 5.07 6.22 -25.63
CA GLU C 55 5.43 7.11 -26.76
C GLU C 55 6.85 6.87 -27.29
N ALA C 56 7.73 6.34 -26.46
CA ALA C 56 9.08 6.01 -26.90
C ALA C 56 9.21 4.73 -27.74
N GLY C 57 8.23 3.85 -27.67
CA GLY C 57 8.38 2.52 -28.18
C GLY C 57 8.70 1.44 -27.11
N THR C 58 9.27 1.88 -25.96
CA THR C 58 9.86 1.03 -24.90
C THR C 58 8.80 0.04 -24.33
N LEU C 59 7.63 0.58 -24.02
CA LEU C 59 6.57 -0.24 -23.41
C LEU C 59 5.44 -0.31 -24.44
N ILE C 60 4.73 -1.45 -24.42
CA ILE C 60 3.52 -1.66 -25.21
C ILE C 60 2.46 -1.81 -24.14
N LYS C 61 1.42 -0.97 -24.17
CA LYS C 61 0.38 -1.14 -23.20
C LYS C 61 -0.61 -2.27 -23.58
N LEU C 62 -0.91 -3.10 -22.58
CA LEU C 62 -1.60 -4.35 -22.78
C LEU C 62 -3.07 -4.08 -22.82
N ASN C 63 -3.83 -4.99 -23.37
CA ASN C 63 -5.27 -4.81 -23.45
C ASN C 63 -5.90 -4.54 -22.10
N GLU C 64 -6.65 -3.43 -22.00
CA GLU C 64 -7.08 -2.90 -20.71
C GLU C 64 -8.19 -3.73 -20.06
N GLU C 65 -8.99 -4.41 -20.87
CA GLU C 65 -9.96 -5.34 -20.23
C GLU C 65 -9.49 -6.74 -20.03
N LYS C 66 -8.25 -7.01 -20.50
CA LYS C 66 -7.54 -8.23 -20.15
C LYS C 66 -6.73 -8.04 -18.83
N ARG C 67 -5.97 -6.96 -18.77
CA ARG C 67 -4.91 -6.71 -17.88
C ARG C 67 -4.76 -5.16 -17.75
N PRO C 68 -5.51 -4.49 -16.83
CA PRO C 68 -5.32 -3.07 -16.70
C PRO C 68 -3.95 -2.58 -16.22
N ASN C 69 -3.61 -1.38 -16.66
CA ASN C 69 -2.42 -0.73 -16.15
C ASN C 69 -1.12 -1.63 -16.16
N SER C 70 -0.91 -2.29 -17.33
CA SER C 70 0.03 -3.43 -17.55
C SER C 70 0.76 -3.23 -18.89
N TYR C 71 2.06 -3.56 -18.87
CA TYR C 71 2.97 -3.18 -19.92
C TYR C 71 3.98 -4.29 -20.22
N LEU C 72 4.39 -4.35 -21.47
CA LEU C 72 5.37 -5.21 -21.92
C LEU C 72 6.63 -4.38 -22.49
N ALA C 73 7.82 -4.78 -22.04
CA ALA C 73 9.04 -4.23 -22.41
C ALA C 73 9.71 -5.38 -23.18
N ARG C 74 10.28 -5.07 -24.33
CA ARG C 74 11.12 -5.97 -25.07
C ARG C 74 12.53 -5.43 -25.03
N SER C 75 13.51 -6.25 -24.68
CA SER C 75 14.82 -5.62 -24.48
C SER C 75 15.66 -5.94 -25.69
N ASN C 76 16.69 -5.18 -25.96
CA ASN C 76 17.68 -5.59 -26.87
C ASN C 76 18.21 -6.97 -26.57
N PRO C 77 18.23 -7.91 -27.59
CA PRO C 77 18.60 -9.28 -27.33
C PRO C 77 19.89 -9.39 -26.59
N SER C 78 20.85 -8.51 -26.82
CA SER C 78 22.08 -8.60 -26.04
C SER C 78 22.07 -7.57 -24.92
N ASP C 79 21.26 -7.86 -23.88
CA ASP C 79 21.04 -7.04 -22.69
C ASP C 79 19.80 -7.70 -22.13
N VAL C 80 19.84 -9.03 -21.97
CA VAL C 80 18.63 -9.78 -21.49
C VAL C 80 18.72 -10.51 -20.11
N ALA C 81 19.89 -10.43 -19.46
CA ALA C 81 20.13 -10.96 -18.09
C ALA C 81 21.50 -10.50 -17.50
N ARG C 82 21.87 -11.08 -16.35
CA ARG C 82 23.26 -11.51 -16.00
C ARG C 82 24.51 -10.61 -16.19
N VAL C 83 25.44 -10.91 -17.12
CA VAL C 83 26.85 -10.29 -17.23
C VAL C 83 27.83 -10.49 -16.06
N GLU C 84 27.99 -11.76 -15.60
CA GLU C 84 28.91 -12.22 -14.53
C GLU C 84 30.36 -11.76 -14.71
N SER C 85 30.92 -11.95 -15.90
CA SER C 85 32.34 -11.57 -16.20
C SER C 85 32.61 -10.05 -16.04
N ARG C 86 31.52 -9.28 -16.02
CA ARG C 86 31.66 -7.84 -15.77
C ARG C 86 30.90 -7.39 -14.55
N THR C 87 30.85 -8.25 -13.54
CA THR C 87 30.25 -7.87 -12.29
C THR C 87 31.36 -8.07 -11.32
N PHE C 88 31.68 -6.99 -10.63
CA PHE C 88 32.84 -6.95 -9.77
C PHE C 88 32.47 -6.58 -8.33
N ILE C 89 33.08 -7.29 -7.41
CA ILE C 89 33.27 -6.84 -6.05
C ILE C 89 34.59 -6.13 -5.93
N CYS C 90 34.52 -4.78 -5.85
CA CYS C 90 35.73 -3.95 -5.74
C CYS C 90 35.98 -3.59 -4.27
N SER C 91 36.34 -4.59 -3.48
CA SER C 91 36.94 -4.29 -2.19
C SER C 91 38.40 -3.73 -2.36
N GLU C 92 38.94 -3.13 -1.32
CA GLU C 92 40.32 -2.62 -1.40
C GLU C 92 41.35 -3.78 -1.58
N LYS C 93 41.14 -4.86 -0.85
CA LYS C 93 41.99 -6.06 -0.93
C LYS C 93 41.33 -7.20 -1.78
N GLU C 94 42.06 -7.79 -2.74
CA GLU C 94 41.51 -8.98 -3.51
C GLU C 94 40.93 -10.01 -2.58
N GLU C 95 41.53 -10.26 -1.43
CA GLU C 95 41.04 -11.36 -0.58
C GLU C 95 39.69 -11.16 0.05
N ASP C 96 39.22 -9.92 0.11
CA ASP C 96 37.84 -9.66 0.62
C ASP C 96 36.76 -9.86 -0.44
N ALA C 97 37.13 -9.92 -1.72
CA ALA C 97 36.23 -10.48 -2.73
C ALA C 97 36.20 -12.03 -2.68
N GLY C 98 37.38 -12.68 -2.56
CA GLY C 98 37.43 -14.12 -2.39
C GLY C 98 37.26 -14.82 -3.69
N PRO C 99 37.29 -16.20 -3.67
CA PRO C 99 37.40 -16.95 -4.89
C PRO C 99 36.10 -17.02 -5.73
N THR C 100 34.96 -16.63 -5.16
CA THR C 100 33.71 -16.85 -5.82
C THR C 100 33.22 -15.62 -6.53
N ASN C 101 34.07 -14.58 -6.46
CA ASN C 101 33.81 -13.22 -6.92
C ASN C 101 34.83 -12.80 -7.88
N ASN C 102 34.41 -11.99 -8.83
CA ASN C 102 35.33 -11.17 -9.60
C ASN C 102 35.85 -9.93 -8.78
N TRP C 103 37.05 -9.46 -9.11
CA TRP C 103 37.69 -8.36 -8.44
C TRP C 103 38.51 -7.55 -9.41
N ALA C 104 38.69 -6.29 -9.12
CA ALA C 104 39.56 -5.45 -9.94
C ALA C 104 39.78 -4.27 -9.04
N PRO C 105 40.84 -3.48 -9.30
CA PRO C 105 41.20 -2.45 -8.27
C PRO C 105 40.11 -1.38 -8.14
N PRO C 106 39.54 -1.13 -6.93
CA PRO C 106 38.50 -0.07 -6.70
C PRO C 106 38.70 1.30 -7.36
N GLN C 107 39.83 1.98 -7.28
CA GLN C 107 39.92 3.31 -7.93
C GLN C 107 40.02 3.28 -9.44
N ALA C 108 40.73 2.29 -9.94
CA ALA C 108 40.91 2.18 -11.34
C ALA C 108 39.56 1.71 -11.96
N MET C 109 38.74 0.91 -11.27
CA MET C 109 37.35 0.71 -11.76
C MET C 109 36.45 1.99 -11.71
N LYS C 110 36.57 2.79 -10.66
CA LYS C 110 35.96 4.18 -10.67
C LYS C 110 36.36 5.01 -11.88
N ASP C 111 37.67 5.02 -12.19
CA ASP C 111 38.25 5.77 -13.35
C ASP C 111 37.82 5.16 -14.64
N GLU C 112 37.85 3.85 -14.69
CA GLU C 112 37.32 3.18 -15.83
C GLU C 112 35.82 3.54 -16.05
N MET C 113 34.99 3.32 -15.05
CA MET C 113 33.59 3.75 -15.12
C MET C 113 33.22 5.28 -15.42
N SER C 114 33.96 6.28 -14.88
CA SER C 114 33.75 7.73 -15.23
C SER C 114 34.10 8.04 -16.63
N LYS C 115 35.09 7.35 -17.19
CA LYS C 115 35.38 7.54 -18.58
C LYS C 115 34.10 7.25 -19.35
N HIS C 116 33.42 6.20 -18.94
CA HIS C 116 32.10 5.81 -19.57
C HIS C 116 30.94 6.67 -19.15
N TYR C 117 30.89 7.04 -17.87
CA TYR C 117 29.82 7.92 -17.33
C TYR C 117 29.85 9.37 -17.91
N ALA C 118 31.00 9.77 -18.45
CA ALA C 118 31.19 11.19 -18.74
C ALA C 118 30.33 11.54 -19.90
N GLY C 119 29.28 12.27 -19.63
CA GLY C 119 28.42 12.66 -20.71
C GLY C 119 27.36 11.68 -21.07
N SER C 120 27.25 10.59 -20.28
CA SER C 120 26.39 9.45 -20.69
C SER C 120 24.95 9.90 -20.66
N MET C 121 24.64 10.98 -19.94
CA MET C 121 23.22 11.34 -19.76
C MET C 121 22.77 12.50 -20.70
N LYS C 122 23.73 12.98 -21.50
CA LYS C 122 23.48 14.09 -22.37
C LYS C 122 22.24 13.70 -23.17
N GLY C 123 21.35 14.67 -23.37
CA GLY C 123 20.08 14.47 -24.13
C GLY C 123 18.96 13.76 -23.39
N ARG C 124 19.21 13.41 -22.13
CA ARG C 124 18.33 12.57 -21.30
C ARG C 124 18.13 13.21 -19.90
N THR C 125 17.06 12.82 -19.20
CA THR C 125 16.90 13.25 -17.85
C THR C 125 17.39 12.31 -16.80
N MET C 126 17.96 12.92 -15.74
CA MET C 126 18.49 12.18 -14.61
C MET C 126 17.49 12.15 -13.46
N TYR C 127 16.95 10.97 -13.20
CA TYR C 127 15.96 10.80 -12.10
C TYR C 127 16.66 10.53 -10.80
N VAL C 128 16.16 11.09 -9.68
CA VAL C 128 16.77 10.90 -8.40
C VAL C 128 15.78 10.08 -7.64
N VAL C 129 16.09 8.79 -7.38
CA VAL C 129 15.11 7.77 -6.88
C VAL C 129 15.46 7.39 -5.45
N PRO C 130 14.87 8.05 -4.45
CA PRO C 130 15.12 7.60 -3.09
C PRO C 130 14.45 6.28 -2.82
N PHE C 131 15.02 5.45 -1.98
CA PHE C 131 14.30 4.19 -1.73
C PHE C 131 14.68 3.63 -0.45
N CYS C 132 13.76 2.88 0.13
CA CYS C 132 14.01 2.18 1.38
C CYS C 132 13.71 0.64 1.26
N MET C 133 14.48 -0.17 2.02
CA MET C 133 14.55 -1.63 1.82
C MET C 133 13.87 -2.42 2.92
N GLY C 134 12.61 -2.16 3.16
CA GLY C 134 11.81 -2.96 3.99
C GLY C 134 10.78 -1.95 4.45
N PRO C 135 9.92 -2.32 5.39
CA PRO C 135 8.82 -1.45 5.82
C PRO C 135 9.44 -0.07 6.08
N ILE C 136 8.78 1.03 5.66
CA ILE C 136 9.14 2.45 6.04
C ILE C 136 9.00 2.77 7.56
N SER C 137 8.20 1.96 8.27
CA SER C 137 7.92 2.11 9.72
C SER C 137 9.02 1.49 10.63
N ASP C 138 9.95 0.74 10.04
CA ASP C 138 11.13 0.37 10.80
C ASP C 138 11.76 1.67 11.27
N PRO C 139 12.13 1.72 12.57
CA PRO C 139 12.76 2.88 13.19
C PRO C 139 14.15 3.22 12.64
N ASP C 140 14.79 2.28 11.89
CA ASP C 140 16.25 2.35 11.51
C ASP C 140 16.68 1.51 10.21
N PRO C 141 16.07 1.88 9.08
CA PRO C 141 15.96 1.06 7.90
C PRO C 141 17.14 1.20 6.93
N LYS C 142 17.35 0.19 6.10
CA LYS C 142 18.38 0.37 5.11
C LYS C 142 17.79 1.11 3.89
N LEU C 143 18.59 2.01 3.31
CA LEU C 143 18.20 3.11 2.44
C LEU C 143 19.20 3.29 1.28
N GLY C 144 18.73 3.78 0.15
CA GLY C 144 19.64 4.08 -0.91
C GLY C 144 19.05 5.24 -1.72
N VAL C 145 19.91 5.81 -2.56
CA VAL C 145 19.42 6.60 -3.67
C VAL C 145 20.02 6.12 -5.02
N GLN C 146 19.18 5.93 -6.04
CA GLN C 146 19.71 5.73 -7.42
C GLN C 146 19.59 6.89 -8.42
N LEU C 147 20.71 7.26 -9.04
CA LEU C 147 20.64 8.18 -10.17
C LEU C 147 20.57 7.32 -11.43
N THR C 148 19.52 7.46 -12.22
CA THR C 148 19.41 6.71 -13.49
C THR C 148 18.87 7.48 -14.75
N ASP C 149 19.20 7.15 -15.99
CA ASP C 149 18.47 7.79 -17.12
C ASP C 149 17.29 6.96 -17.71
N SER C 150 16.85 6.00 -16.92
CA SER C 150 15.90 5.02 -17.41
C SER C 150 14.62 5.13 -16.64
N GLU C 151 13.54 5.58 -17.26
CA GLU C 151 12.22 5.66 -16.63
C GLU C 151 11.65 4.27 -16.35
N TYR C 152 12.14 3.29 -17.13
CA TYR C 152 11.85 1.86 -16.96
C TYR C 152 12.31 1.31 -15.61
N VAL C 153 13.53 1.68 -15.25
CA VAL C 153 14.15 1.33 -14.01
C VAL C 153 13.38 2.08 -12.93
N VAL C 154 13.15 3.40 -13.09
CA VAL C 154 12.26 4.15 -12.15
C VAL C 154 10.88 3.44 -11.88
N MET C 155 10.20 2.96 -12.92
CA MET C 155 8.95 2.17 -12.75
C MET C 155 9.07 0.79 -12.08
N SER C 156 10.01 -0.02 -12.55
CA SER C 156 10.33 -1.24 -11.87
C SER C 156 10.64 -1.05 -10.37
N MET C 157 11.52 -0.08 -10.06
CA MET C 157 11.86 0.39 -8.71
C MET C 157 10.62 0.81 -7.89
N ARG C 158 9.65 1.46 -8.51
CA ARG C 158 8.37 1.73 -7.84
C ARG C 158 7.70 0.45 -7.31
N ILE C 159 7.72 -0.60 -8.09
CA ILE C 159 7.18 -1.90 -7.59
C ILE C 159 8.04 -2.69 -6.57
N MET C 160 9.39 -2.68 -6.74
CA MET C 160 10.37 -3.57 -6.08
C MET C 160 10.88 -3.06 -4.78
N THR C 161 10.68 -1.78 -4.50
CA THR C 161 11.08 -1.09 -3.25
C THR C 161 10.00 -0.12 -2.79
N ARG C 162 9.97 0.29 -1.49
CA ARG C 162 9.42 1.63 -1.08
C ARG C 162 10.17 2.86 -1.65
N MET C 163 9.69 3.30 -2.79
CA MET C 163 10.33 4.48 -3.44
C MET C 163 9.62 5.93 -3.27
N GLY C 164 10.41 7.00 -3.28
CA GLY C 164 9.90 8.32 -3.38
C GLY C 164 10.00 9.22 -2.17
N ILE C 165 9.11 10.17 -2.00
CA ILE C 165 9.12 11.07 -0.82
C ILE C 165 9.19 10.46 0.59
N GLU C 166 8.39 9.44 0.94
CA GLU C 166 8.55 8.83 2.25
C GLU C 166 9.96 8.40 2.51
N ALA C 167 10.67 7.83 1.52
CA ALA C 167 12.05 7.40 1.78
C ALA C 167 13.08 8.52 1.74
N LEU C 168 12.85 9.60 1.00
CA LEU C 168 13.69 10.81 1.13
C LEU C 168 13.62 11.49 2.56
N ASP C 169 12.51 11.18 3.22
CA ASP C 169 12.22 11.72 4.51
C ASP C 169 12.83 10.87 5.55
N LYS C 170 12.99 9.60 5.23
CA LYS C 170 13.65 8.63 6.07
C LYS C 170 15.15 8.88 6.06
N ILE C 171 15.73 9.20 4.90
CA ILE C 171 17.13 9.52 4.82
C ILE C 171 17.31 10.79 5.71
N GLY C 172 16.48 11.79 5.42
CA GLY C 172 16.37 12.94 6.27
C GLY C 172 17.45 13.93 5.92
N ALA C 173 17.81 14.72 6.93
CA ALA C 173 18.76 15.82 6.76
C ALA C 173 20.18 15.29 6.93
N ASN C 174 20.34 14.27 7.79
CA ASN C 174 21.62 13.76 8.16
C ASN C 174 21.82 12.23 8.01
N GLY C 175 20.74 11.50 7.72
CA GLY C 175 20.82 10.05 7.54
C GLY C 175 21.74 9.64 6.36
N SER C 176 22.17 8.39 6.40
CA SER C 176 23.10 7.88 5.35
C SER C 176 22.30 6.95 4.45
N PHE C 177 22.96 6.46 3.41
CA PHE C 177 22.32 5.72 2.39
C PHE C 177 23.32 5.09 1.44
N VAL C 178 22.95 3.96 0.88
CA VAL C 178 23.78 3.42 -0.19
C VAL C 178 23.60 4.27 -1.43
N ARG C 179 24.72 4.65 -2.03
CA ARG C 179 24.63 5.39 -3.27
C ARG C 179 24.88 4.57 -4.56
N CYS C 180 23.88 4.67 -5.44
CA CYS C 180 23.77 3.93 -6.66
C CYS C 180 23.84 4.87 -7.84
N LEU C 181 24.69 4.52 -8.80
CA LEU C 181 24.86 5.31 -10.01
C LEU C 181 24.42 4.42 -11.16
N HIS C 182 23.68 4.92 -12.15
CA HIS C 182 23.30 4.00 -13.26
C HIS C 182 23.11 4.80 -14.45
N SER C 183 23.73 4.37 -15.53
CA SER C 183 23.41 4.93 -16.82
C SER C 183 23.21 3.82 -17.93
N VAL C 184 22.24 3.94 -18.79
CA VAL C 184 22.14 2.88 -19.80
C VAL C 184 23.24 3.06 -20.87
N GLY C 185 24.02 4.16 -20.83
CA GLY C 185 25.17 4.44 -21.72
C GLY C 185 24.79 4.68 -23.18
N ALA C 186 23.82 5.56 -23.40
CA ALA C 186 23.32 5.84 -24.71
C ALA C 186 22.98 7.36 -24.78
N PRO C 187 24.01 8.24 -24.56
CA PRO C 187 23.80 9.72 -24.64
C PRO C 187 23.15 10.02 -26.02
N LEU C 188 22.33 11.07 -26.12
CA LEU C 188 21.79 11.55 -27.39
C LEU C 188 22.46 12.91 -27.80
N GLU C 189 22.61 13.17 -29.10
CA GLU C 189 23.07 14.46 -29.66
C GLU C 189 21.77 15.30 -29.94
N PRO C 190 21.85 16.63 -30.00
CA PRO C 190 20.60 17.37 -30.27
C PRO C 190 19.87 17.04 -31.60
N GLY C 191 18.53 17.00 -31.55
CA GLY C 191 17.71 16.53 -32.64
C GLY C 191 18.06 15.10 -33.02
N GLN C 192 18.53 14.28 -32.08
CA GLN C 192 18.80 12.86 -32.35
C GLN C 192 17.74 11.87 -31.73
N GLU C 193 17.13 11.12 -32.64
CA GLU C 193 16.08 10.13 -32.42
C GLU C 193 16.60 8.95 -31.62
N ASP C 194 15.75 8.40 -30.77
CA ASP C 194 16.29 7.50 -29.77
C ASP C 194 15.88 6.08 -30.09
N VAL C 195 16.31 5.07 -29.36
CA VAL C 195 15.75 3.69 -29.55
C VAL C 195 14.73 3.24 -28.46
N ALA C 196 13.83 2.34 -28.81
CA ALA C 196 12.99 1.65 -27.79
C ALA C 196 13.76 1.30 -26.46
N TRP C 197 14.84 0.51 -26.56
CA TRP C 197 15.55 -0.03 -25.41
C TRP C 197 17.00 0.51 -25.40
N PRO C 198 17.30 1.72 -24.84
CA PRO C 198 18.75 2.14 -24.95
C PRO C 198 19.75 1.28 -24.12
N CYS C 199 21.03 1.22 -24.52
CA CYS C 199 22.08 0.29 -23.93
C CYS C 199 23.51 0.38 -24.56
N ASN C 200 24.51 -0.26 -23.95
CA ASN C 200 25.86 -0.19 -24.45
C ASN C 200 26.45 -1.56 -24.60
N ASP C 201 27.26 -1.74 -25.65
CA ASP C 201 28.08 -2.98 -25.84
C ASP C 201 29.12 -3.21 -24.69
N THR C 202 29.51 -2.13 -24.01
CA THR C 202 30.23 -2.20 -22.75
C THR C 202 29.28 -2.22 -21.56
N LYS C 203 29.30 -3.23 -20.76
CA LYS C 203 28.43 -3.31 -19.62
C LYS C 203 29.23 -3.63 -18.38
N TYR C 204 29.08 -2.84 -17.33
CA TYR C 204 29.73 -3.01 -16.03
C TYR C 204 28.73 -3.00 -14.83
N ILE C 205 28.86 -3.89 -13.86
CA ILE C 205 28.13 -3.75 -12.61
C ILE C 205 29.12 -3.93 -11.47
N THR C 206 29.37 -2.84 -10.71
CA THR C 206 30.49 -2.75 -9.75
C THR C 206 29.94 -2.35 -8.40
N GLN C 207 30.30 -3.18 -7.44
CA GLN C 207 29.98 -2.97 -6.10
C GLN C 207 31.28 -2.55 -5.37
N PHE C 208 31.20 -1.54 -4.50
CA PHE C 208 32.34 -1.05 -3.75
C PHE C 208 31.93 -1.08 -2.33
N PRO C 209 32.16 -2.24 -1.60
CA PRO C 209 31.79 -2.59 -0.20
C PRO C 209 32.16 -1.58 0.93
N GLU C 210 33.33 -0.95 0.83
CA GLU C 210 33.92 -0.15 1.89
C GLU C 210 33.11 1.18 2.11
N THR C 211 32.87 1.78 0.95
CA THR C 211 32.14 3.00 0.69
C THR C 211 30.60 2.80 0.45
N LYS C 212 30.13 1.54 0.33
CA LYS C 212 28.69 1.27 0.03
C LYS C 212 28.15 2.01 -1.20
N GLU C 213 28.85 1.87 -2.32
CA GLU C 213 28.39 2.41 -3.56
C GLU C 213 28.12 1.21 -4.50
N ILE C 214 27.23 1.42 -5.49
CA ILE C 214 26.92 0.46 -6.52
C ILE C 214 26.86 1.23 -7.80
N TRP C 215 27.69 0.89 -8.79
CA TRP C 215 27.72 1.66 -10.05
C TRP C 215 27.60 0.69 -11.20
N SER C 216 26.53 0.88 -11.97
CA SER C 216 26.21 0.15 -13.14
C SER C 216 26.29 0.97 -14.41
N TYR C 217 26.55 0.30 -15.50
CA TYR C 217 26.70 0.94 -16.81
C TYR C 217 26.31 0.01 -18.01
N GLY C 218 25.49 0.53 -18.92
CA GLY C 218 25.29 -0.09 -20.25
C GLY C 218 24.13 -1.06 -20.36
N SER C 219 23.52 -1.29 -19.22
CA SER C 219 22.42 -2.27 -19.12
C SER C 219 21.14 -1.72 -18.52
N GLY C 220 20.07 -1.72 -19.30
CA GLY C 220 18.73 -1.44 -18.78
C GLY C 220 17.91 -2.62 -18.25
N TYR C 221 18.54 -3.78 -18.12
CA TYR C 221 17.83 -5.00 -17.83
C TYR C 221 17.92 -5.38 -16.36
N GLY C 222 16.76 -5.68 -15.76
CA GLY C 222 16.63 -6.32 -14.48
C GLY C 222 17.78 -5.98 -13.55
N GLY C 223 18.39 -7.03 -13.00
CA GLY C 223 19.38 -6.93 -11.98
C GLY C 223 20.58 -6.03 -12.28
N ASN C 224 20.87 -5.72 -13.52
CA ASN C 224 22.00 -4.86 -13.75
C ASN C 224 21.66 -3.41 -13.49
N ALA C 225 20.35 -3.11 -13.51
CA ALA C 225 19.78 -1.76 -13.74
C ALA C 225 18.95 -1.42 -12.49
N ILE C 226 18.13 -2.35 -12.04
CA ILE C 226 17.44 -2.30 -10.74
C ILE C 226 18.45 -2.68 -9.62
N LEU C 227 19.27 -1.73 -9.25
CA LEU C 227 20.37 -1.96 -8.35
C LEU C 227 19.94 -2.36 -6.96
N ALA C 228 18.65 -2.17 -6.66
CA ALA C 228 18.02 -2.66 -5.38
C ALA C 228 17.92 -4.20 -5.25
N LYS C 229 17.53 -4.83 -6.36
CA LYS C 229 17.41 -6.26 -6.58
C LYS C 229 18.55 -7.18 -5.98
N LYS C 230 19.67 -7.28 -6.63
CA LYS C 230 20.63 -8.25 -6.14
C LYS C 230 21.81 -7.46 -5.55
N CYS C 231 22.11 -6.32 -6.15
CA CYS C 231 23.32 -5.66 -5.85
C CYS C 231 23.17 -5.15 -4.45
N TYR C 232 22.00 -4.62 -4.12
CA TYR C 232 21.81 -4.06 -2.80
C TYR C 232 21.40 -5.12 -1.86
N ALA C 233 20.26 -5.72 -2.14
CA ALA C 233 19.61 -6.61 -1.17
C ALA C 233 20.37 -7.87 -0.85
N LEU C 234 21.37 -8.22 -1.67
CA LEU C 234 22.23 -9.36 -1.43
C LEU C 234 23.70 -8.95 -1.34
N ARG C 235 24.25 -8.26 -2.31
CA ARG C 235 25.71 -8.14 -2.36
C ARG C 235 26.27 -7.16 -1.40
N ILE C 236 25.77 -5.92 -1.47
CA ILE C 236 26.05 -4.96 -0.40
C ILE C 236 25.39 -5.30 0.94
N ALA C 237 24.06 -5.48 0.99
CA ALA C 237 23.45 -5.99 2.24
C ALA C 237 24.29 -7.09 2.94
N SER C 238 24.82 -8.09 2.20
CA SER C 238 25.56 -9.15 2.86
C SER C 238 26.78 -8.61 3.68
N VAL C 239 27.52 -7.63 3.14
CA VAL C 239 28.66 -6.93 3.78
C VAL C 239 28.25 -6.16 5.07
N MET C 240 27.12 -5.45 4.96
CA MET C 240 26.47 -4.75 6.09
C MET C 240 26.14 -5.83 7.06
N ALA C 241 25.54 -6.95 6.64
CA ALA C 241 25.21 -8.01 7.62
C ALA C 241 26.45 -8.60 8.31
N ARG C 242 27.58 -8.61 7.55
CA ARG C 242 28.86 -9.09 8.09
C ARG C 242 29.43 -8.07 9.14
N GLU C 243 29.47 -6.78 8.73
CA GLU C 243 29.98 -5.66 9.53
C GLU C 243 29.11 -5.42 10.75
N GLU C 244 27.82 -5.66 10.62
CA GLU C 244 26.88 -5.38 11.76
C GLU C 244 26.38 -6.56 12.60
N GLY C 245 26.60 -7.78 12.24
CA GLY C 245 25.98 -8.80 13.07
C GLY C 245 24.55 -9.28 12.70
N TRP C 246 24.24 -9.32 11.41
CA TRP C 246 22.97 -9.97 10.96
C TRP C 246 23.23 -10.91 9.73
N MET C 247 22.22 -11.20 8.91
CA MET C 247 22.35 -12.12 7.72
C MET C 247 21.47 -11.59 6.58
N ALA C 248 22.03 -11.33 5.38
CA ALA C 248 21.31 -11.10 4.13
C ALA C 248 21.45 -12.35 3.23
N GLU C 249 20.32 -12.91 2.82
CA GLU C 249 20.24 -14.22 2.31
C GLU C 249 19.34 -14.33 1.15
N HIS C 250 19.52 -15.45 0.47
CA HIS C 250 18.74 -15.72 -0.76
C HIS C 250 17.63 -16.69 -0.38
N MET C 251 16.84 -16.23 0.58
CA MET C 251 15.68 -16.97 1.07
C MET C 251 14.27 -16.43 0.76
N LEU C 252 13.41 -17.37 0.43
CA LEU C 252 12.01 -17.20 0.47
C LEU C 252 11.56 -17.25 1.95
N ILE C 253 10.58 -16.37 2.25
CA ILE C 253 9.82 -16.47 3.51
C ILE C 253 8.35 -16.78 3.25
N LEU C 254 7.95 -17.91 3.80
CA LEU C 254 6.66 -18.51 3.66
C LEU C 254 6.04 -18.59 5.06
N LYS C 255 4.74 -18.36 5.16
CA LYS C 255 4.05 -18.57 6.44
C LYS C 255 3.04 -19.71 6.29
N LEU C 256 3.09 -20.70 7.15
CA LEU C 256 2.26 -21.92 7.09
C LEU C 256 1.43 -21.93 8.36
N ILE C 257 0.13 -22.02 8.10
CA ILE C 257 -0.88 -22.00 9.12
C ILE C 257 -1.59 -23.37 9.05
N ASN C 258 -1.67 -24.05 10.20
CA ASN C 258 -2.22 -25.43 10.25
C ASN C 258 -3.74 -25.44 10.38
N PRO C 259 -4.41 -26.65 10.47
CA PRO C 259 -5.89 -26.52 10.70
C PRO C 259 -6.23 -25.79 12.03
N GLU C 260 -5.49 -26.10 13.11
CA GLU C 260 -5.64 -25.44 14.45
C GLU C 260 -5.45 -23.93 14.34
N GLY C 261 -4.88 -23.49 13.22
CA GLY C 261 -4.65 -22.07 13.00
C GLY C 261 -3.36 -21.53 13.54
N LYS C 262 -2.46 -22.38 14.03
CA LYS C 262 -1.13 -21.90 14.49
C LYS C 262 -0.27 -21.40 13.29
N ALA C 263 0.42 -20.29 13.46
CA ALA C 263 1.28 -19.84 12.42
C ALA C 263 2.71 -20.21 12.76
N TYR C 264 3.37 -20.72 11.71
CA TYR C 264 4.81 -21.04 11.57
C TYR C 264 5.38 -20.35 10.31
N HIS C 265 6.65 -19.94 10.33
CA HIS C 265 7.31 -19.35 9.20
C HIS C 265 8.55 -20.11 8.87
N ILE C 266 8.69 -20.32 7.56
CA ILE C 266 9.76 -21.08 6.98
C ILE C 266 10.58 -20.26 5.98
N ALA C 267 11.83 -19.92 6.32
CA ALA C 267 12.87 -19.52 5.32
C ALA C 267 13.40 -20.76 4.47
N ALA C 268 13.55 -20.64 3.12
CA ALA C 268 14.12 -21.68 2.29
C ALA C 268 15.09 -21.09 1.23
N ALA C 269 16.33 -21.65 1.12
CA ALA C 269 17.34 -21.24 0.14
C ALA C 269 17.53 -22.34 -0.93
N PHE C 270 17.05 -22.01 -2.12
CA PHE C 270 17.03 -22.89 -3.34
C PHE C 270 17.75 -22.12 -4.47
N PRO C 271 18.60 -22.78 -5.25
CA PRO C 271 19.12 -22.13 -6.51
C PRO C 271 17.98 -21.91 -7.51
N SER C 272 16.98 -22.81 -7.48
CA SER C 272 16.03 -23.04 -8.59
C SER C 272 15.32 -21.69 -8.88
N ALA C 273 15.34 -21.33 -10.17
CA ALA C 273 14.68 -20.12 -10.64
C ALA C 273 13.19 -20.48 -10.53
N CYS C 274 12.45 -19.85 -9.60
CA CYS C 274 11.04 -20.22 -9.48
C CYS C 274 10.79 -21.60 -8.88
N GLY C 275 11.85 -22.31 -8.45
CA GLY C 275 11.80 -23.38 -7.43
C GLY C 275 11.30 -22.67 -6.19
N LYS C 276 12.01 -21.58 -5.82
CA LYS C 276 11.67 -20.67 -4.72
C LYS C 276 10.22 -20.09 -4.79
N THR C 277 9.91 -19.53 -5.95
CA THR C 277 8.63 -18.91 -6.19
C THR C 277 7.46 -19.94 -6.00
N ASN C 278 7.59 -21.18 -6.47
CA ASN C 278 6.46 -22.13 -6.46
C ASN C 278 6.19 -22.74 -5.06
N LEU C 279 7.20 -22.69 -4.20
CA LEU C 279 7.03 -22.91 -2.79
C LEU C 279 6.70 -21.62 -1.99
N ALA C 280 7.26 -20.45 -2.35
CA ALA C 280 7.00 -19.18 -1.62
C ALA C 280 5.51 -18.93 -1.64
N MET C 281 4.87 -19.24 -2.79
CA MET C 281 3.42 -19.04 -3.10
C MET C 281 2.58 -20.30 -3.12
N ILE C 282 3.03 -21.35 -2.43
CA ILE C 282 2.42 -22.70 -2.46
C ILE C 282 0.91 -22.68 -2.13
N THR C 283 0.10 -23.55 -2.71
CA THR C 283 -1.22 -23.80 -2.17
C THR C 283 -1.17 -25.26 -1.61
N PRO C 284 -1.31 -25.44 -0.26
CA PRO C 284 -1.29 -26.75 0.35
C PRO C 284 -2.39 -27.61 -0.18
N THR C 285 -2.02 -28.83 -0.43
CA THR C 285 -2.85 -29.81 -1.05
C THR C 285 -3.49 -30.75 0.04
N ILE C 286 -3.21 -30.42 1.30
CA ILE C 286 -3.67 -31.11 2.50
C ILE C 286 -4.69 -30.21 3.16
N PRO C 287 -5.91 -30.77 3.49
CA PRO C 287 -7.11 -30.03 4.01
C PRO C 287 -6.78 -29.36 5.29
N GLY C 288 -7.14 -28.09 5.41
CA GLY C 288 -6.89 -27.31 6.64
C GLY C 288 -5.56 -26.55 6.68
N TRP C 289 -4.75 -26.75 5.66
CA TRP C 289 -3.49 -26.04 5.68
C TRP C 289 -3.67 -24.93 4.64
N THR C 290 -3.32 -23.69 4.99
CA THR C 290 -3.21 -22.61 4.04
C THR C 290 -1.79 -22.05 4.18
N ALA C 291 -1.36 -21.15 3.30
CA ALA C 291 -0.01 -20.55 3.37
C ALA C 291 0.00 -19.13 2.84
N GLN C 292 0.77 -18.28 3.43
CA GLN C 292 0.82 -16.98 2.87
C GLN C 292 2.26 -16.69 2.54
N VAL C 293 2.55 -15.84 1.54
CA VAL C 293 3.94 -15.48 1.17
C VAL C 293 4.43 -14.19 1.85
N VAL C 294 5.65 -14.19 2.41
CA VAL C 294 6.27 -12.94 2.87
C VAL C 294 7.30 -12.41 1.88
N GLY C 295 8.01 -13.30 1.19
CA GLY C 295 8.81 -12.87 0.09
C GLY C 295 9.23 -14.14 -0.55
N ASP C 296 9.64 -14.05 -1.80
CA ASP C 296 10.09 -15.23 -2.55
C ASP C 296 11.55 -15.22 -3.05
N ASP C 297 12.38 -14.35 -2.49
CA ASP C 297 13.67 -14.15 -3.09
C ASP C 297 14.80 -13.83 -2.09
N ILE C 298 14.54 -12.86 -1.27
CA ILE C 298 15.54 -12.31 -0.37
C ILE C 298 14.93 -12.13 1.04
N ALA C 299 15.77 -12.46 2.05
CA ALA C 299 15.46 -12.48 3.46
C ALA C 299 16.64 -11.94 4.25
N TRP C 300 16.43 -10.84 4.97
CA TRP C 300 17.35 -10.23 5.93
C TRP C 300 16.91 -10.73 7.29
N LEU C 301 17.82 -11.36 8.03
CA LEU C 301 17.50 -11.96 9.35
C LEU C 301 18.47 -11.40 10.42
N LYS C 302 17.93 -11.20 11.62
CA LYS C 302 18.70 -10.89 12.84
C LYS C 302 18.18 -11.58 14.12
N LEU C 303 19.04 -11.60 15.09
CA LEU C 303 18.73 -12.29 16.29
C LEU C 303 17.98 -11.31 17.21
N ARG C 304 16.69 -11.50 17.40
CA ARG C 304 15.94 -10.84 18.49
C ARG C 304 16.18 -11.78 19.72
N GLU C 305 16.08 -11.32 20.95
CA GLU C 305 16.17 -12.39 21.94
C GLU C 305 14.82 -12.98 22.31
N ASP C 306 14.31 -13.80 21.38
CA ASP C 306 13.59 -15.06 21.57
C ASP C 306 13.63 -15.88 20.23
N GLY C 307 14.51 -15.48 19.28
CA GLY C 307 14.66 -16.18 18.02
C GLY C 307 15.33 -15.46 16.86
N LEU C 308 15.42 -16.13 15.70
CA LEU C 308 15.92 -15.50 14.48
C LEU C 308 14.63 -14.94 13.79
N TYR C 309 14.66 -13.67 13.36
CA TYR C 309 13.55 -13.02 12.69
C TYR C 309 14.00 -12.64 11.31
N ALA C 310 13.09 -12.71 10.33
CA ALA C 310 13.38 -12.31 8.95
C ALA C 310 12.48 -11.17 8.58
N VAL C 311 12.97 -10.20 7.85
CA VAL C 311 12.17 -9.27 7.02
C VAL C 311 12.52 -9.51 5.50
N ASN C 312 11.56 -9.19 4.65
CA ASN C 312 11.72 -9.17 3.22
C ASN C 312 12.12 -7.74 2.82
N PRO C 313 13.35 -7.46 2.37
CA PRO C 313 13.69 -6.03 1.97
C PRO C 313 12.98 -5.53 0.68
N GLU C 314 12.25 -6.43 0.05
CA GLU C 314 11.62 -6.12 -1.22
C GLU C 314 10.14 -5.86 -1.03
N ASN C 315 9.62 -5.06 -1.94
CA ASN C 315 8.21 -4.70 -2.00
C ASN C 315 7.40 -5.32 -3.19
N GLY C 316 8.07 -6.08 -4.03
CA GLY C 316 7.44 -6.69 -5.16
C GLY C 316 8.08 -8.02 -5.52
N PHE C 317 7.34 -8.80 -6.30
CA PHE C 317 7.72 -10.01 -7.01
C PHE C 317 8.33 -9.71 -8.36
N PHE C 318 9.46 -10.32 -8.72
CA PHE C 318 10.12 -10.06 -10.00
C PHE C 318 10.47 -11.45 -10.49
N GLY C 319 9.47 -12.17 -10.97
CA GLY C 319 9.60 -13.58 -11.13
C GLY C 319 9.83 -14.03 -12.54
N VAL C 320 10.49 -15.19 -12.73
CA VAL C 320 10.61 -15.82 -14.11
C VAL C 320 9.22 -16.16 -14.67
N ALA C 321 8.90 -15.64 -15.85
CA ALA C 321 7.62 -15.97 -16.38
C ALA C 321 7.39 -17.39 -16.89
N PRO C 322 8.19 -17.91 -17.88
CA PRO C 322 8.01 -19.31 -18.32
C PRO C 322 7.76 -20.39 -17.24
N GLY C 323 6.83 -21.28 -17.51
CA GLY C 323 6.55 -22.32 -16.56
C GLY C 323 5.47 -22.00 -15.54
N THR C 324 5.16 -20.72 -15.36
CA THR C 324 4.06 -20.15 -14.53
C THR C 324 2.68 -20.36 -15.15
N ASN C 325 1.80 -20.96 -14.36
CA ASN C 325 0.53 -21.37 -14.81
C ASN C 325 -0.39 -21.80 -13.66
N TYR C 326 -1.68 -22.06 -13.91
CA TYR C 326 -2.65 -22.39 -12.82
C TYR C 326 -2.49 -23.76 -12.16
N ALA C 327 -1.78 -24.67 -12.80
CA ALA C 327 -1.45 -25.91 -12.13
C ALA C 327 -0.17 -25.77 -11.22
N SER C 328 0.77 -24.96 -11.66
CA SER C 328 2.08 -24.99 -11.06
C SER C 328 2.31 -23.81 -10.11
N ASN C 329 1.63 -22.68 -10.40
CA ASN C 329 1.61 -21.53 -9.49
C ASN C 329 0.27 -20.74 -9.63
N PRO C 330 -0.83 -21.25 -9.07
CA PRO C 330 -2.01 -20.46 -9.33
C PRO C 330 -1.97 -19.08 -8.60
N ILE C 331 -1.31 -19.03 -7.44
CA ILE C 331 -1.09 -17.80 -6.66
C ILE C 331 -0.34 -16.70 -7.41
N ALA C 332 0.75 -17.04 -8.10
CA ALA C 332 1.39 -16.08 -8.99
C ALA C 332 0.46 -15.63 -10.11
N MET C 333 -0.29 -16.53 -10.74
CA MET C 333 -1.31 -16.09 -11.79
C MET C 333 -2.44 -15.22 -11.21
N LYS C 334 -3.02 -15.62 -10.07
CA LYS C 334 -4.05 -14.78 -9.36
C LYS C 334 -3.49 -13.38 -8.92
N THR C 335 -2.18 -13.27 -8.67
CA THR C 335 -1.53 -11.94 -8.43
C THR C 335 -1.45 -11.06 -9.66
N MET C 336 -1.34 -11.63 -10.82
CA MET C 336 -1.20 -10.73 -11.97
C MET C 336 -2.48 -10.47 -12.68
N GLU C 337 -3.53 -11.10 -12.12
CA GLU C 337 -4.90 -10.98 -12.54
C GLU C 337 -5.46 -9.57 -12.42
N PRO C 338 -5.28 -8.86 -11.28
CA PRO C 338 -5.79 -7.43 -11.29
C PRO C 338 -5.07 -6.55 -12.30
N GLY C 339 -3.90 -7.02 -12.77
CA GLY C 339 -3.06 -6.27 -13.69
C GLY C 339 -2.00 -5.59 -12.86
N ASN C 340 -1.62 -4.38 -13.28
CA ASN C 340 -0.63 -3.55 -12.61
C ASN C 340 0.77 -4.19 -12.64
N THR C 341 1.10 -4.86 -13.75
CA THR C 341 2.34 -5.62 -13.90
C THR C 341 3.19 -5.14 -15.08
N LEU C 342 4.50 -5.00 -14.87
CA LEU C 342 5.44 -4.80 -15.91
C LEU C 342 5.91 -6.17 -16.37
N PHE C 343 5.61 -6.62 -17.61
CA PHE C 343 6.23 -7.84 -18.17
C PHE C 343 7.35 -7.44 -19.08
N THR C 344 8.45 -8.25 -19.10
CA THR C 344 9.67 -7.93 -19.90
C THR C 344 10.06 -9.13 -20.70
N ASN C 345 10.16 -9.01 -22.03
CA ASN C 345 10.59 -10.09 -22.93
C ASN C 345 9.72 -11.38 -22.86
N VAL C 346 8.44 -11.22 -22.51
CA VAL C 346 7.38 -12.27 -22.74
C VAL C 346 6.70 -12.14 -24.17
N ALA C 347 5.85 -13.09 -24.59
CA ALA C 347 5.25 -12.88 -25.90
C ALA C 347 4.01 -11.98 -25.87
N LEU C 348 3.52 -11.56 -27.03
CA LEU C 348 2.24 -10.81 -27.21
C LEU C 348 1.17 -11.58 -28.07
N THR C 349 -0.04 -11.75 -27.56
CA THR C 349 -1.15 -12.34 -28.35
C THR C 349 -1.94 -11.29 -29.18
N ASP C 350 -2.71 -11.79 -30.15
CA ASP C 350 -3.53 -10.98 -31.04
C ASP C 350 -4.60 -10.16 -30.23
N ASP C 351 -5.18 -10.74 -29.16
CA ASP C 351 -5.88 -9.96 -28.05
C ASP C 351 -5.10 -8.86 -27.25
N GLY C 352 -3.82 -8.58 -27.59
CA GLY C 352 -3.03 -7.64 -26.78
C GLY C 352 -2.82 -8.07 -25.34
N ASP C 353 -2.88 -9.38 -25.10
CA ASP C 353 -2.49 -9.97 -23.84
C ASP C 353 -1.06 -10.59 -23.92
N ILE C 354 -0.66 -11.40 -22.95
CA ILE C 354 0.72 -11.86 -22.96
C ILE C 354 0.73 -13.34 -22.98
N TRP C 355 1.79 -13.96 -23.50
CA TRP C 355 1.90 -15.42 -23.34
C TRP C 355 3.36 -15.81 -23.04
N TRP C 356 3.54 -17.04 -22.53
CA TRP C 356 4.80 -17.63 -22.37
C TRP C 356 4.68 -19.17 -22.34
N GLU C 357 5.80 -19.82 -22.66
CA GLU C 357 5.94 -21.26 -22.58
C GLU C 357 5.62 -21.74 -21.19
N GLY C 358 4.74 -22.73 -21.11
CA GLY C 358 4.32 -23.28 -19.85
C GLY C 358 2.98 -22.79 -19.38
N MET C 359 2.38 -21.80 -20.08
CA MET C 359 1.02 -21.32 -19.81
C MET C 359 -0.05 -22.38 -19.99
N ASP C 360 -1.18 -22.21 -19.28
CA ASP C 360 -2.23 -23.29 -19.20
C ASP C 360 -2.94 -23.77 -20.50
N GLY C 361 -2.95 -22.97 -21.57
CA GLY C 361 -3.50 -23.48 -22.84
C GLY C 361 -2.67 -24.46 -23.71
N ASP C 362 -3.04 -24.56 -24.99
CA ASP C 362 -2.19 -25.09 -26.06
C ASP C 362 -1.53 -23.86 -26.55
N ALA C 363 -0.27 -23.95 -26.99
CA ALA C 363 0.37 -22.71 -27.52
C ALA C 363 -0.59 -22.10 -28.57
N PRO C 364 -0.81 -20.76 -28.51
CA PRO C 364 -1.62 -20.13 -29.56
C PRO C 364 -0.92 -20.24 -30.90
N ALA C 365 -1.71 -20.25 -31.98
CA ALA C 365 -1.13 -20.45 -33.29
C ALA C 365 -0.40 -19.19 -33.87
N HIS C 366 -0.64 -18.02 -33.31
CA HIS C 366 0.14 -16.82 -33.64
C HIS C 366 0.46 -15.91 -32.41
N LEU C 367 1.68 -15.35 -32.37
CA LEU C 367 2.02 -14.39 -31.34
C LEU C 367 3.00 -13.46 -31.95
N ILE C 368 3.32 -12.40 -31.27
CA ILE C 368 4.58 -11.62 -31.55
C ILE C 368 5.55 -11.96 -30.45
N ASP C 369 6.74 -12.41 -30.78
CA ASP C 369 7.66 -12.85 -29.80
C ASP C 369 8.51 -11.66 -29.23
N TRP C 370 9.22 -11.96 -28.15
CA TRP C 370 9.86 -10.96 -27.35
C TRP C 370 10.81 -10.15 -28.18
N MET C 371 10.96 -10.56 -29.44
CA MET C 371 11.83 -9.90 -30.37
C MET C 371 11.05 -9.05 -31.38
N GLY C 372 9.71 -9.17 -31.40
CA GLY C 372 8.87 -8.36 -32.26
C GLY C 372 8.50 -9.05 -33.55
N ASN C 373 8.88 -10.33 -33.69
CA ASN C 373 8.63 -11.18 -34.84
C ASN C 373 7.34 -12.08 -34.80
N ASP C 374 6.64 -12.24 -35.92
CA ASP C 374 5.54 -13.14 -35.95
C ASP C 374 6.02 -14.48 -35.50
N TRP C 375 5.21 -15.21 -34.73
CA TRP C 375 5.68 -16.46 -34.16
C TRP C 375 4.58 -17.51 -34.28
N THR C 376 4.96 -18.69 -34.67
CA THR C 376 4.03 -19.79 -34.67
C THR C 376 4.66 -20.91 -33.83
N PRO C 377 3.85 -21.83 -33.30
CA PRO C 377 4.45 -22.92 -32.52
C PRO C 377 5.53 -23.78 -33.22
N GLU C 378 5.67 -23.69 -34.52
CA GLU C 378 6.70 -24.55 -35.09
C GLU C 378 8.10 -23.94 -35.07
N SER C 379 8.21 -22.62 -34.84
CA SER C 379 9.47 -22.04 -34.36
C SER C 379 10.13 -22.97 -33.33
N ASP C 380 11.43 -23.21 -33.52
CA ASP C 380 12.19 -23.87 -32.44
C ASP C 380 12.87 -22.91 -31.44
N GLU C 381 12.77 -21.62 -31.69
CA GLU C 381 13.20 -20.61 -30.71
C GLU C 381 11.95 -20.17 -29.88
N ASN C 382 12.17 -19.86 -28.60
CA ASN C 382 11.04 -19.55 -27.70
C ASN C 382 10.33 -18.24 -28.01
N ALA C 383 9.00 -18.20 -27.88
CA ALA C 383 8.23 -16.89 -27.94
C ALA C 383 8.54 -15.87 -26.83
N ALA C 384 8.79 -16.34 -25.62
CA ALA C 384 9.21 -15.51 -24.48
C ALA C 384 10.61 -15.96 -24.09
N HIS C 385 11.49 -15.02 -23.76
CA HIS C 385 12.90 -15.38 -23.51
C HIS C 385 12.85 -16.34 -22.26
N PRO C 386 13.80 -17.34 -22.12
CA PRO C 386 13.95 -18.15 -20.86
C PRO C 386 13.97 -17.35 -19.55
N ASN C 387 14.76 -16.24 -19.50
CA ASN C 387 14.78 -15.27 -18.39
C ASN C 387 13.69 -14.16 -18.31
N SER C 388 12.63 -14.25 -19.11
CA SER C 388 11.54 -13.30 -19.06
C SER C 388 10.85 -13.15 -17.69
N ARG C 389 10.31 -11.95 -17.43
CA ARG C 389 9.91 -11.61 -16.07
C ARG C 389 8.54 -10.94 -16.06
N TYR C 390 7.80 -11.19 -14.98
CA TYR C 390 6.77 -10.30 -14.44
C TYR C 390 7.28 -9.49 -13.22
N CYS C 391 6.69 -8.33 -13.04
CA CYS C 391 7.04 -7.47 -11.98
C CYS C 391 5.71 -6.90 -11.50
N VAL C 392 5.33 -7.32 -10.32
CA VAL C 392 4.05 -6.91 -9.74
C VAL C 392 4.29 -6.74 -8.23
N ALA C 393 3.49 -5.90 -7.59
CA ALA C 393 3.56 -5.58 -6.19
C ALA C 393 3.10 -6.74 -5.31
N ILE C 394 3.77 -6.89 -4.18
CA ILE C 394 3.47 -7.98 -3.29
C ILE C 394 2.07 -7.93 -2.69
N ASP C 395 1.61 -6.76 -2.30
CA ASP C 395 0.30 -6.60 -1.62
C ASP C 395 -0.95 -6.79 -2.48
N GLN C 396 -0.80 -6.71 -3.81
CA GLN C 396 -1.73 -7.30 -4.77
C GLN C 396 -1.92 -8.87 -4.59
N SER C 397 -1.00 -9.61 -3.96
CA SER C 397 -1.25 -11.02 -3.86
C SER C 397 -2.40 -11.42 -2.90
N PRO C 398 -3.37 -12.21 -3.40
CA PRO C 398 -4.33 -12.82 -2.50
C PRO C 398 -3.71 -13.61 -1.35
N ALA C 399 -2.50 -14.19 -1.52
CA ALA C 399 -1.80 -14.90 -0.39
C ALA C 399 -0.66 -14.15 0.29
N ALA C 400 -0.69 -12.83 0.18
CA ALA C 400 0.31 -11.93 0.73
C ALA C 400 0.07 -11.95 2.24
N ALA C 401 1.16 -12.13 3.00
CA ALA C 401 1.06 -12.38 4.43
C ALA C 401 0.72 -11.06 5.04
N PRO C 402 -0.25 -11.04 6.01
CA PRO C 402 -0.60 -9.71 6.41
C PRO C 402 0.64 -8.95 7.01
N GLU C 403 1.66 -9.65 7.57
CA GLU C 403 2.75 -9.01 8.33
C GLU C 403 4.06 -8.80 7.51
N PHE C 404 3.93 -9.06 6.21
CA PHE C 404 4.98 -8.82 5.22
C PHE C 404 5.43 -7.32 5.26
N ASN C 405 4.57 -6.36 5.61
CA ASN C 405 5.03 -4.91 5.58
C ASN C 405 5.39 -4.36 6.96
N ASP C 406 5.45 -5.26 7.91
CA ASP C 406 5.61 -4.96 9.36
C ASP C 406 7.09 -5.17 9.78
N TRP C 407 7.69 -4.12 10.33
CA TRP C 407 9.13 -4.07 10.72
C TRP C 407 9.56 -5.11 11.76
N GLU C 408 8.64 -5.62 12.60
CA GLU C 408 9.01 -6.61 13.65
C GLU C 408 9.64 -7.88 13.09
N GLY C 409 9.37 -8.19 11.82
CA GLY C 409 9.88 -9.43 11.18
C GLY C 409 9.05 -10.61 11.59
N VAL C 410 9.31 -11.77 11.02
CA VAL C 410 8.64 -12.94 11.43
C VAL C 410 9.65 -13.96 11.98
N LYS C 411 9.20 -14.70 13.00
CA LYS C 411 10.09 -15.62 13.70
C LYS C 411 10.25 -16.81 12.78
N ILE C 412 11.48 -17.24 12.58
CA ILE C 412 11.74 -18.34 11.66
C ILE C 412 11.82 -19.56 12.60
N ASP C 413 11.15 -20.61 12.10
CA ASP C 413 10.86 -21.86 12.79
C ASP C 413 11.69 -22.98 12.21
N ALA C 414 12.04 -22.84 10.93
CA ALA C 414 12.82 -23.79 10.16
C ALA C 414 13.41 -23.12 8.91
N ILE C 415 14.64 -23.52 8.61
CA ILE C 415 15.27 -23.19 7.38
C ILE C 415 15.48 -24.43 6.55
N LEU C 416 15.19 -24.32 5.27
CA LEU C 416 15.37 -25.36 4.34
C LEU C 416 16.49 -24.91 3.37
N PHE C 417 17.31 -25.91 2.98
CA PHE C 417 18.20 -25.83 1.82
C PHE C 417 17.76 -26.92 0.85
N GLY C 418 17.67 -26.68 -0.45
CA GLY C 418 17.67 -27.83 -1.30
C GLY C 418 18.20 -27.56 -2.69
N GLY C 419 18.48 -28.64 -3.43
CA GLY C 419 18.83 -28.48 -4.87
C GLY C 419 18.11 -29.55 -5.64
N ARG C 420 18.17 -29.54 -6.97
CA ARG C 420 17.77 -30.78 -7.70
C ARG C 420 18.86 -31.82 -7.81
N ARG C 421 18.65 -32.95 -7.16
CA ARG C 421 19.46 -34.16 -7.31
C ARG C 421 18.58 -35.36 -7.77
N ALA C 422 19.05 -36.07 -8.80
CA ALA C 422 18.36 -37.29 -9.26
C ALA C 422 18.61 -38.42 -8.24
N ASP C 423 19.69 -38.36 -7.52
CA ASP C 423 19.85 -39.37 -6.54
C ASP C 423 20.41 -38.88 -5.21
N THR C 424 20.77 -39.82 -4.31
CA THR C 424 21.62 -39.50 -3.17
C THR C 424 20.91 -38.78 -2.02
N VAL C 425 20.27 -37.64 -2.30
CA VAL C 425 19.79 -36.71 -1.22
C VAL C 425 18.34 -37.02 -0.85
N PRO C 426 18.06 -37.39 0.42
CA PRO C 426 16.67 -37.76 0.64
C PRO C 426 15.73 -36.60 0.48
N LEU C 427 14.50 -36.93 0.08
CA LEU C 427 13.39 -35.98 0.01
C LEU C 427 13.37 -34.86 1.09
N VAL C 428 13.60 -35.23 2.34
CA VAL C 428 13.73 -34.31 3.50
C VAL C 428 14.54 -34.87 4.67
N THR C 429 15.53 -34.08 5.12
CA THR C 429 16.27 -34.41 6.32
C THR C 429 16.66 -33.34 7.28
N GLN C 430 16.51 -33.73 8.55
CA GLN C 430 16.78 -32.74 9.57
C GLN C 430 18.26 -32.88 9.98
N THR C 431 18.89 -31.72 9.98
CA THR C 431 20.26 -31.51 10.32
C THR C 431 20.39 -31.65 11.88
N TYR C 432 21.62 -31.72 12.44
CA TYR C 432 21.83 -31.92 13.89
C TYR C 432 21.75 -30.65 14.73
N ASP C 433 22.15 -29.53 14.14
CA ASP C 433 22.37 -28.31 14.85
C ASP C 433 22.88 -27.35 13.78
N TRP C 434 22.89 -26.07 14.08
CA TRP C 434 23.29 -25.05 13.15
C TRP C 434 24.69 -25.25 12.47
N GLU C 435 25.65 -25.82 13.21
CA GLU C 435 26.99 -25.92 12.68
C GLU C 435 26.98 -26.99 11.62
N HIS C 436 26.18 -28.05 11.86
CA HIS C 436 25.97 -29.11 10.92
C HIS C 436 25.27 -28.59 9.68
N GLY C 437 24.25 -27.75 9.97
CA GLY C 437 23.38 -27.05 9.08
C GLY C 437 24.19 -26.16 8.19
N THR C 438 25.21 -25.43 8.74
CA THR C 438 26.10 -24.52 8.02
C THR C 438 26.97 -25.26 7.01
N MET C 439 27.37 -26.50 7.38
CA MET C 439 28.11 -27.36 6.47
C MET C 439 27.28 -27.87 5.25
N VAL C 440 26.12 -28.39 5.53
CA VAL C 440 25.16 -28.85 4.56
C VAL C 440 24.77 -27.70 3.58
N GLY C 441 24.66 -26.47 4.07
CA GLY C 441 24.41 -25.35 3.21
C GLY C 441 25.57 -25.11 2.28
N ALA C 442 26.79 -25.17 2.80
CA ALA C 442 28.10 -24.95 2.10
C ALA C 442 28.36 -25.85 0.89
N LEU C 443 27.83 -27.08 1.05
CA LEU C 443 27.92 -28.11 0.09
C LEU C 443 26.72 -28.14 -0.75
N LEU C 444 25.81 -27.18 -0.59
CA LEU C 444 24.51 -27.31 -1.36
C LEU C 444 24.87 -27.46 -2.88
N ALA C 445 24.21 -28.30 -3.63
CA ALA C 445 24.52 -28.47 -5.05
C ALA C 445 23.37 -29.15 -5.77
N SER C 446 23.46 -29.23 -7.13
CA SER C 446 22.52 -29.96 -8.14
C SER C 446 23.27 -30.93 -9.09
N GLY C 447 22.50 -31.77 -9.79
CA GLY C 447 23.04 -32.83 -10.64
C GLY C 447 22.43 -34.26 -10.54
N GLN C 448 23.31 -35.25 -10.40
CA GLN C 448 22.88 -36.65 -10.28
C GLN C 448 22.91 -37.09 -8.82
N VAL C 457 33.61 -36.11 -9.72
CA VAL C 457 34.38 -34.81 -9.61
C VAL C 457 34.13 -33.84 -10.77
N GLY C 458 33.68 -32.64 -10.41
CA GLY C 458 33.38 -31.64 -11.44
C GLY C 458 31.94 -31.71 -11.92
N THR C 459 31.28 -32.84 -11.64
CA THR C 459 29.88 -33.08 -12.12
C THR C 459 28.73 -32.38 -11.35
N LEU C 460 28.86 -32.28 -10.01
CA LEU C 460 27.88 -31.55 -9.17
C LEU C 460 27.96 -30.03 -9.40
N ARG C 461 26.81 -29.36 -9.44
CA ARG C 461 26.87 -27.93 -9.59
C ARG C 461 26.62 -27.33 -8.21
N HIS C 462 27.66 -26.66 -7.69
CA HIS C 462 27.76 -26.20 -6.32
C HIS C 462 27.16 -24.85 -6.14
N ASP C 463 26.31 -24.64 -5.12
CA ASP C 463 25.73 -23.31 -4.89
C ASP C 463 25.53 -23.21 -3.37
N PRO C 464 26.61 -22.96 -2.62
CA PRO C 464 26.64 -22.79 -1.22
C PRO C 464 25.54 -21.80 -0.76
N MET C 465 24.64 -22.26 0.12
CA MET C 465 23.51 -21.42 0.59
C MET C 465 22.59 -20.90 -0.51
N ALA C 466 22.73 -21.37 -1.75
CA ALA C 466 22.05 -20.78 -2.96
C ALA C 466 22.43 -19.32 -3.10
N MET C 467 23.66 -19.01 -2.75
CA MET C 467 24.14 -17.63 -2.73
C MET C 467 25.27 -17.41 -3.71
N LEU C 468 25.68 -18.43 -4.42
CA LEU C 468 26.95 -18.33 -5.11
C LEU C 468 27.09 -16.96 -5.82
N PRO C 469 26.19 -16.59 -6.79
CA PRO C 469 26.62 -15.34 -7.46
C PRO C 469 26.49 -14.03 -6.60
N PHE C 470 26.03 -14.14 -5.35
CA PHE C 470 25.53 -12.97 -4.61
C PHE C 470 26.31 -12.62 -3.34
N ILE C 471 27.36 -13.41 -2.97
CA ILE C 471 28.13 -13.12 -1.77
C ILE C 471 29.01 -11.95 -2.15
N GLY C 472 29.05 -10.98 -1.25
CA GLY C 472 29.58 -9.73 -1.60
C GLY C 472 30.91 -9.62 -0.94
N TYR C 473 31.32 -10.69 -0.31
CA TYR C 473 32.63 -10.73 0.22
C TYR C 473 33.22 -12.17 0.17
N ASN C 474 34.30 -12.40 0.92
CA ASN C 474 34.94 -13.67 0.93
C ASN C 474 34.05 -14.84 1.40
N ALA C 475 33.80 -15.78 0.51
CA ALA C 475 32.78 -16.78 0.71
C ALA C 475 33.04 -17.66 1.94
N GLY C 476 34.29 -17.87 2.27
CA GLY C 476 34.67 -18.59 3.49
C GLY C 476 34.39 -17.81 4.73
N GLU C 477 34.75 -16.55 4.77
CA GLU C 477 34.24 -15.63 5.84
C GLU C 477 32.67 -15.61 5.95
N TYR C 478 31.98 -15.68 4.82
CA TYR C 478 30.51 -15.72 4.74
C TYR C 478 30.03 -17.00 5.43
N LEU C 479 30.80 -18.06 5.39
CA LEU C 479 30.42 -19.23 6.16
C LEU C 479 30.80 -19.06 7.62
N GLN C 480 31.78 -18.22 7.92
CA GLN C 480 32.14 -17.90 9.27
C GLN C 480 31.03 -16.95 9.89
N ASN C 481 30.45 -16.02 9.10
CA ASN C 481 29.25 -15.30 9.52
C ASN C 481 28.20 -16.24 9.97
N TRP C 482 28.03 -17.32 9.25
CA TRP C 482 27.01 -18.32 9.66
C TRP C 482 27.27 -18.92 11.01
N ILE C 483 28.56 -19.18 11.29
CA ILE C 483 29.03 -19.89 12.49
C ILE C 483 28.85 -18.88 13.62
N ASP C 484 29.34 -17.67 13.40
CA ASP C 484 29.16 -16.57 14.32
C ASP C 484 27.68 -16.40 14.79
N MET C 485 26.78 -16.11 13.87
CA MET C 485 25.33 -16.15 14.22
C MET C 485 24.82 -17.34 15.08
N GLY C 486 25.20 -18.57 14.79
CA GLY C 486 24.76 -19.73 15.57
C GLY C 486 25.36 -19.71 16.97
N ASN C 487 26.44 -18.99 17.22
CA ASN C 487 27.07 -18.99 18.55
C ASN C 487 26.56 -17.80 19.33
N LYS C 488 26.96 -16.61 18.95
CA LYS C 488 26.14 -15.44 19.27
C LYS C 488 24.73 -15.91 19.56
N GLY C 489 24.26 -16.92 18.85
CA GLY C 489 22.82 -17.14 18.90
C GLY C 489 22.31 -18.26 19.75
N GLY C 490 23.02 -19.37 19.81
CA GLY C 490 22.71 -20.42 20.78
C GLY C 490 21.46 -21.23 20.49
N ASP C 491 20.72 -21.59 21.55
CA ASP C 491 19.56 -22.52 21.39
C ASP C 491 18.32 -21.85 20.80
N LYS C 492 18.40 -20.54 20.50
CA LYS C 492 17.32 -19.81 19.79
C LYS C 492 17.35 -19.82 18.22
N MET C 493 18.39 -20.45 17.67
CA MET C 493 18.46 -20.73 16.20
C MET C 493 17.44 -21.78 15.80
N PRO C 494 16.78 -21.54 14.66
CA PRO C 494 15.88 -22.55 14.12
C PRO C 494 16.63 -23.75 13.50
N SER C 495 15.98 -24.92 13.40
CA SER C 495 16.58 -26.10 12.82
C SER C 495 16.67 -26.00 11.28
N ILE C 496 17.82 -26.44 10.73
CA ILE C 496 18.05 -26.49 9.30
C ILE C 496 17.68 -27.83 8.74
N PHE C 497 16.99 -27.81 7.61
CA PHE C 497 16.60 -29.02 6.89
C PHE C 497 17.17 -29.06 5.49
N LEU C 498 17.33 -30.27 4.97
CA LEU C 498 17.75 -30.48 3.66
C LEU C 498 16.63 -31.18 2.91
N VAL C 499 16.13 -30.55 1.83
CA VAL C 499 15.13 -31.17 0.95
C VAL C 499 15.55 -31.44 -0.52
N ASN C 500 14.82 -32.23 -1.25
CA ASN C 500 15.18 -32.48 -2.54
C ASN C 500 13.92 -33.15 -3.05
N TRP C 501 13.37 -32.65 -4.17
CA TRP C 501 12.08 -32.99 -4.66
C TRP C 501 12.20 -33.73 -5.94
N PHE C 502 13.44 -33.99 -6.40
CA PHE C 502 13.85 -34.39 -7.77
C PHE C 502 14.56 -35.76 -7.89
N ARG C 503 14.46 -36.61 -6.85
CA ARG C 503 14.89 -38.00 -6.90
C ARG C 503 14.23 -38.65 -8.08
N ARG C 504 14.93 -39.53 -8.77
CA ARG C 504 14.37 -40.20 -9.93
C ARG C 504 14.45 -41.69 -9.74
N GLY C 505 13.41 -42.41 -10.20
CA GLY C 505 13.32 -43.89 -10.17
C GLY C 505 14.22 -44.52 -11.23
N GLU C 506 14.54 -45.84 -11.13
CA GLU C 506 15.55 -46.51 -12.04
C GLU C 506 15.10 -46.47 -13.52
N ASP C 507 13.82 -46.66 -13.71
CA ASP C 507 13.05 -46.12 -14.82
C ASP C 507 13.48 -44.68 -15.32
N GLY C 508 13.64 -43.71 -14.41
CA GLY C 508 13.93 -42.31 -14.76
C GLY C 508 12.82 -41.34 -14.37
N ARG C 509 11.69 -41.90 -13.94
CA ARG C 509 10.51 -41.11 -13.56
C ARG C 509 10.82 -40.32 -12.29
N PHE C 510 10.18 -39.15 -12.13
CA PHE C 510 10.28 -38.46 -10.83
C PHE C 510 9.58 -39.26 -9.79
N LEU C 511 10.18 -39.35 -8.61
CA LEU C 511 9.60 -40.19 -7.57
C LEU C 511 8.49 -39.47 -6.73
N TRP C 512 8.75 -38.20 -6.40
CA TRP C 512 7.86 -37.33 -5.61
C TRP C 512 7.15 -36.37 -6.51
N PRO C 513 5.78 -36.23 -6.41
CA PRO C 513 5.07 -35.42 -7.41
C PRO C 513 5.46 -33.96 -7.39
N GLY C 514 5.82 -33.43 -6.25
CA GLY C 514 6.18 -32.05 -6.10
C GLY C 514 4.99 -31.10 -6.11
N PHE C 515 5.24 -29.89 -6.56
CA PHE C 515 4.30 -28.83 -6.56
C PHE C 515 3.49 -28.62 -5.25
N GLY C 516 2.16 -28.79 -5.28
CA GLY C 516 1.37 -28.43 -4.10
C GLY C 516 1.59 -29.52 -3.06
N ASP C 517 2.05 -30.67 -3.49
CA ASP C 517 2.30 -31.76 -2.56
C ASP C 517 3.55 -31.58 -1.64
N ASN C 518 4.33 -30.54 -1.84
CA ASN C 518 5.49 -30.38 -1.02
C ASN C 518 5.03 -29.88 0.30
N SER C 519 3.73 -29.64 0.44
CA SER C 519 3.14 -29.12 1.71
C SER C 519 3.16 -30.26 2.70
N ARG C 520 3.28 -31.48 2.19
CA ARG C 520 3.30 -32.66 2.97
C ARG C 520 4.68 -32.74 3.52
N VAL C 521 5.66 -32.37 2.71
CA VAL C 521 7.00 -32.24 3.28
C VAL C 521 7.15 -31.13 4.30
N LEU C 522 6.39 -30.07 4.13
CA LEU C 522 6.50 -28.92 5.05
C LEU C 522 5.79 -29.15 6.37
N LYS C 523 4.79 -30.03 6.36
CA LYS C 523 4.10 -30.43 7.56
C LYS C 523 4.99 -31.34 8.35
N TRP C 524 5.58 -32.34 7.68
CA TRP C 524 6.59 -33.18 8.28
C TRP C 524 7.56 -32.29 9.04
N VAL C 525 8.13 -31.28 8.40
CA VAL C 525 9.09 -30.35 9.04
C VAL C 525 8.55 -29.72 10.33
N ILE C 526 7.26 -29.38 10.29
CA ILE C 526 6.62 -28.67 11.39
C ILE C 526 6.38 -29.68 12.55
N ASP C 527 5.95 -30.88 12.15
CA ASP C 527 5.85 -32.01 13.02
C ASP C 527 7.14 -32.48 13.70
N ARG C 528 8.34 -32.10 13.18
CA ARG C 528 9.70 -32.45 13.76
C ARG C 528 10.07 -31.41 14.73
N ILE C 529 9.94 -30.16 14.34
CA ILE C 529 10.47 -29.14 15.23
C ILE C 529 9.70 -29.04 16.54
N GLU C 530 8.50 -29.65 16.58
CA GLU C 530 7.62 -29.64 17.79
C GLU C 530 7.88 -30.97 18.52
N GLY C 531 7.59 -32.12 17.92
CA GLY C 531 8.28 -33.34 18.36
C GLY C 531 7.39 -34.55 18.14
N HIS C 532 6.59 -34.51 17.11
CA HIS C 532 5.61 -35.53 16.87
C HIS C 532 6.33 -36.23 15.79
N VAL C 533 7.65 -35.93 15.81
CA VAL C 533 8.80 -36.68 15.20
C VAL C 533 8.54 -37.88 14.36
N GLY C 534 9.42 -38.85 14.55
CA GLY C 534 9.69 -39.96 13.62
C GLY C 534 10.84 -39.57 12.64
N ALA C 535 12.08 -39.91 13.03
CA ALA C 535 13.27 -39.99 12.13
C ALA C 535 14.01 -41.30 12.37
N ASP C 536 14.38 -41.98 11.28
CA ASP C 536 15.32 -43.09 11.34
C ASP C 536 16.61 -42.64 10.62
N GLU C 537 17.70 -42.57 11.41
CA GLU C 537 19.05 -41.97 11.09
C GLU C 537 19.75 -42.38 9.75
N THR C 538 20.31 -41.41 9.02
CA THR C 538 21.10 -41.68 7.78
C THR C 538 22.49 -41.02 7.89
N VAL C 539 23.32 -41.16 6.86
CA VAL C 539 24.63 -40.41 6.86
C VAL C 539 24.36 -38.90 6.85
N VAL C 540 23.29 -38.48 6.13
CA VAL C 540 22.93 -37.06 5.98
C VAL C 540 22.37 -36.44 7.30
N GLY C 541 21.68 -37.22 8.11
CA GLY C 541 21.23 -36.73 9.40
C GLY C 541 19.99 -37.48 9.88
N HIS C 542 19.08 -36.74 10.51
CA HIS C 542 17.70 -37.24 10.93
C HIS C 542 16.66 -37.16 9.82
N THR C 543 16.39 -38.26 9.13
CA THR C 543 15.58 -38.20 7.97
C THR C 543 14.17 -38.82 7.94
N ALA C 544 13.27 -38.32 7.10
CA ALA C 544 11.84 -38.54 7.33
C ALA C 544 11.70 -40.03 7.47
N LYS C 545 10.95 -40.57 8.44
CA LYS C 545 10.73 -42.02 8.40
C LYS C 545 9.80 -42.45 7.30
N ALA C 546 9.04 -41.55 6.71
CA ALA C 546 8.36 -41.89 5.41
C ALA C 546 7.03 -42.57 5.51
N GLU C 547 6.51 -42.59 6.74
CA GLU C 547 5.12 -42.84 7.14
C GLU C 547 4.88 -42.06 8.45
N ASP C 548 5.78 -41.14 8.79
CA ASP C 548 5.43 -39.96 9.56
C ASP C 548 4.98 -38.80 8.59
N LEU C 549 4.80 -39.16 7.30
CA LEU C 549 4.52 -38.24 6.20
C LEU C 549 3.05 -38.38 5.86
N ASP C 550 2.31 -37.28 5.96
CA ASP C 550 0.94 -37.26 5.41
C ASP C 550 0.91 -37.58 3.91
N LEU C 551 0.60 -38.83 3.60
CA LEU C 551 0.44 -39.23 2.21
C LEU C 551 -0.99 -39.56 1.75
N ASP C 552 -2.03 -38.94 2.31
CA ASP C 552 -3.43 -39.15 1.75
C ASP C 552 -3.75 -38.45 0.41
N GLY C 553 -4.10 -39.23 -0.63
CA GLY C 553 -4.20 -38.72 -2.02
C GLY C 553 -2.77 -38.62 -2.53
N LEU C 554 -2.37 -39.52 -3.42
CA LEU C 554 -1.02 -39.52 -4.01
C LEU C 554 -0.74 -40.68 -4.98
N ASP C 555 0.01 -40.34 -6.03
CA ASP C 555 0.27 -41.22 -7.19
C ASP C 555 -0.95 -42.13 -7.44
N THR C 556 -0.84 -43.42 -7.07
CA THR C 556 -2.00 -44.32 -6.78
C THR C 556 -1.72 -45.05 -5.42
N PRO C 557 -2.72 -45.07 -4.47
CA PRO C 557 -2.69 -45.79 -3.14
C PRO C 557 -1.93 -47.13 -2.99
N ILE C 558 -1.52 -47.38 -1.73
CA ILE C 558 -0.50 -48.41 -1.26
C ILE C 558 0.95 -47.90 -1.42
N GLU C 559 1.11 -47.02 -2.43
CA GLU C 559 2.29 -46.14 -2.68
C GLU C 559 3.59 -46.46 -1.93
N ASP C 560 4.26 -45.42 -1.47
CA ASP C 560 5.43 -45.60 -0.66
C ASP C 560 6.64 -45.91 -1.51
N VAL C 561 6.89 -45.02 -2.47
CA VAL C 561 8.26 -44.65 -2.91
C VAL C 561 8.97 -43.94 -1.71
N LYS C 562 9.65 -44.82 -0.94
CA LYS C 562 10.50 -44.50 0.20
C LYS C 562 11.92 -44.48 -0.35
N GLU C 563 12.04 -44.88 -1.62
CA GLU C 563 13.20 -44.64 -2.44
C GLU C 563 13.66 -43.18 -2.46
N ALA C 564 12.73 -42.24 -2.59
CA ALA C 564 13.02 -40.77 -2.45
C ALA C 564 13.66 -40.41 -1.10
N LEU C 565 13.49 -41.29 -0.09
CA LEU C 565 14.03 -41.12 1.26
C LEU C 565 15.33 -41.85 1.61
N THR C 566 15.80 -42.73 0.73
CA THR C 566 17.18 -43.32 0.84
C THR C 566 18.31 -42.26 0.71
N ALA C 567 19.41 -42.49 1.42
CA ALA C 567 20.69 -41.87 1.14
C ALA C 567 21.72 -42.97 1.11
N PRO C 568 21.78 -43.79 0.02
CA PRO C 568 22.66 -44.99 -0.16
C PRO C 568 24.13 -44.57 -0.13
N ALA C 569 24.88 -45.16 0.80
CA ALA C 569 26.15 -44.64 1.30
C ALA C 569 27.24 -44.67 0.29
N GLU C 570 27.14 -45.61 -0.63
CA GLU C 570 27.89 -45.61 -1.90
C GLU C 570 27.75 -44.31 -2.73
N GLN C 571 26.52 -43.84 -2.86
CA GLN C 571 26.21 -42.51 -3.44
C GLN C 571 26.86 -41.33 -2.71
N TRP C 572 26.81 -41.39 -1.40
CA TRP C 572 27.49 -40.42 -0.59
C TRP C 572 29.05 -40.52 -0.69
N ALA C 573 29.62 -41.75 -0.65
CA ALA C 573 31.03 -42.08 -0.93
C ALA C 573 31.47 -41.48 -2.27
N ASN C 574 30.66 -41.66 -3.31
CA ASN C 574 30.95 -41.11 -4.59
C ASN C 574 31.21 -39.61 -4.60
N ASP C 575 30.45 -38.85 -3.77
CA ASP C 575 30.54 -37.40 -3.64
C ASP C 575 31.65 -36.82 -2.78
N VAL C 576 32.33 -37.67 -2.02
CA VAL C 576 33.21 -37.24 -0.92
C VAL C 576 34.36 -36.39 -1.48
N GLU C 577 35.04 -36.89 -2.48
CA GLU C 577 36.18 -36.15 -3.10
C GLU C 577 35.77 -34.78 -3.64
N ASP C 578 34.61 -34.67 -4.31
CA ASP C 578 34.17 -33.40 -4.95
C ASP C 578 33.92 -32.37 -3.88
N ASN C 579 33.22 -32.88 -2.85
CA ASN C 579 32.92 -32.05 -1.67
C ASN C 579 34.19 -31.60 -0.94
N ALA C 580 35.13 -32.49 -0.68
CA ALA C 580 36.45 -32.18 -0.21
C ALA C 580 37.15 -31.10 -1.06
N GLU C 581 37.14 -31.25 -2.38
CA GLU C 581 37.72 -30.21 -3.26
C GLU C 581 37.09 -28.87 -3.11
N TYR C 582 35.77 -28.85 -2.90
CA TYR C 582 34.98 -27.58 -2.99
C TYR C 582 35.29 -26.66 -1.81
N LEU C 583 35.15 -27.22 -0.59
CA LEU C 583 35.67 -26.63 0.72
C LEU C 583 37.09 -26.10 0.70
N THR C 584 38.02 -26.76 0.02
CA THR C 584 39.36 -26.19 -0.23
C THR C 584 39.29 -24.97 -1.15
N PHE C 585 38.54 -25.12 -2.23
CA PHE C 585 38.22 -24.03 -3.17
C PHE C 585 37.76 -22.83 -2.40
N LEU C 586 36.84 -23.05 -1.44
CA LEU C 586 36.25 -21.94 -0.70
C LEU C 586 37.30 -21.18 0.13
N GLY C 587 38.47 -21.79 0.41
CA GLY C 587 39.63 -20.97 0.80
C GLY C 587 40.05 -21.04 2.28
N PRO C 588 41.09 -20.28 2.68
CA PRO C 588 41.55 -20.08 4.05
C PRO C 588 40.53 -19.51 5.06
N ARG C 589 39.45 -18.83 4.69
CA ARG C 589 38.53 -18.44 5.77
C ARG C 589 37.46 -19.50 6.03
N VAL C 590 37.47 -20.62 5.32
CA VAL C 590 36.44 -21.63 5.66
C VAL C 590 36.64 -21.99 7.14
N PRO C 591 35.55 -21.88 7.97
CA PRO C 591 35.71 -22.13 9.38
C PRO C 591 36.18 -23.55 9.72
N ALA C 592 37.06 -23.62 10.73
CA ALA C 592 37.45 -24.86 11.36
C ALA C 592 36.20 -25.75 11.61
N GLU C 593 35.11 -25.16 12.07
CA GLU C 593 33.82 -25.86 12.34
C GLU C 593 33.15 -26.57 11.16
N VAL C 594 33.42 -26.06 9.95
CA VAL C 594 32.80 -26.62 8.72
C VAL C 594 33.58 -27.82 8.26
N HIS C 595 34.92 -27.68 8.32
CA HIS C 595 35.84 -28.81 8.10
C HIS C 595 35.58 -29.97 9.05
N SER C 596 35.35 -29.67 10.33
CA SER C 596 35.07 -30.75 11.34
C SER C 596 33.77 -31.46 11.09
N GLN C 597 32.75 -30.74 10.67
CA GLN C 597 31.42 -31.33 10.28
C GLN C 597 31.57 -32.13 9.12
N PHE C 598 32.59 -31.76 8.32
CA PHE C 598 32.87 -32.57 7.08
C PHE C 598 33.64 -33.85 7.32
N ASP C 599 34.76 -33.82 8.00
CA ASP C 599 35.27 -35.08 8.75
C ASP C 599 34.19 -36.07 9.26
N ALA C 600 33.29 -35.57 10.08
CA ALA C 600 32.24 -36.36 10.67
C ALA C 600 31.33 -37.02 9.69
N LEU C 601 31.00 -36.26 8.66
CA LEU C 601 30.27 -36.77 7.49
C LEU C 601 31.00 -37.92 6.78
N LYS C 602 32.28 -37.72 6.56
CA LYS C 602 33.10 -38.78 6.02
C LYS C 602 33.25 -39.94 7.02
N ALA C 603 33.45 -39.68 8.34
CA ALA C 603 33.43 -40.80 9.34
C ALA C 603 32.14 -41.57 9.23
N ARG C 604 31.01 -40.87 9.00
CA ARG C 604 29.73 -41.48 8.97
C ARG C 604 29.47 -42.32 7.77
N ILE C 605 29.91 -41.85 6.57
CA ILE C 605 29.77 -42.67 5.32
C ILE C 605 30.72 -43.89 5.38
N SER C 606 31.94 -43.63 5.84
CA SER C 606 32.92 -44.70 5.96
C SER C 606 32.34 -45.78 6.91
N THR D 15 0.99 -10.16 18.36
CA THR D 15 -0.45 -10.34 18.70
C THR D 15 -0.73 -10.67 20.17
N LYS D 16 -0.31 -9.75 21.07
CA LYS D 16 -1.01 -9.50 22.37
C LYS D 16 -1.12 -8.03 22.80
N ASN D 17 -1.06 -7.87 24.15
CA ASN D 17 -0.90 -6.60 24.98
C ASN D 17 -1.02 -7.04 26.43
N LYS D 18 -1.91 -6.38 27.23
CA LYS D 18 -2.25 -6.74 28.65
C LYS D 18 -3.57 -6.09 29.18
N GLU D 19 -3.59 -4.76 29.29
CA GLU D 19 -4.88 -3.95 29.32
C GLU D 19 -5.81 -4.31 28.12
N LEU D 20 -5.22 -4.55 26.93
CA LEU D 20 -5.97 -5.02 25.74
C LEU D 20 -6.68 -6.30 26.03
N LEU D 21 -5.92 -7.31 26.49
CA LEU D 21 -6.46 -8.66 26.48
C LEU D 21 -7.58 -8.78 27.52
N ASN D 22 -7.40 -8.07 28.63
CA ASN D 22 -8.41 -7.91 29.69
C ASN D 22 -9.68 -7.13 29.24
N TRP D 23 -9.48 -5.99 28.59
CA TRP D 23 -10.58 -5.30 27.90
C TRP D 23 -11.48 -6.27 27.08
N ILE D 24 -10.86 -7.22 26.36
CA ILE D 24 -11.62 -8.05 25.43
C ILE D 24 -12.41 -9.12 26.16
N ALA D 25 -11.71 -9.83 27.05
CA ALA D 25 -12.30 -10.85 27.92
C ALA D 25 -13.49 -10.30 28.69
N ASP D 26 -13.41 -9.03 29.09
CA ASP D 26 -14.56 -8.27 29.61
C ASP D 26 -15.68 -8.09 28.58
N ALA D 27 -15.34 -7.55 27.41
CA ALA D 27 -16.30 -7.45 26.32
C ALA D 27 -16.91 -8.78 25.98
N VAL D 28 -16.09 -9.82 25.86
CA VAL D 28 -16.60 -11.18 25.60
C VAL D 28 -17.53 -11.68 26.68
N GLU D 29 -17.21 -11.39 27.97
CA GLU D 29 -18.15 -11.72 29.07
C GLU D 29 -19.54 -11.21 28.78
N LEU D 30 -19.67 -9.90 28.55
CA LEU D 30 -20.93 -9.15 28.35
C LEU D 30 -21.61 -9.50 27.04
N PHE D 31 -20.84 -9.57 25.96
CA PHE D 31 -21.35 -9.63 24.61
C PHE D 31 -21.86 -11.04 24.20
N GLN D 32 -21.20 -12.09 24.73
CA GLN D 32 -21.34 -13.47 24.28
C GLN D 32 -21.17 -13.72 22.78
N PRO D 33 -19.99 -13.33 22.25
CA PRO D 33 -19.80 -13.66 20.86
C PRO D 33 -19.65 -15.20 20.76
N GLU D 34 -20.14 -15.86 19.70
CA GLU D 34 -19.89 -17.32 19.59
C GLU D 34 -18.45 -17.52 19.23
N ALA D 35 -17.86 -16.71 18.37
CA ALA D 35 -16.38 -16.68 18.25
C ALA D 35 -15.72 -15.27 18.42
N VAL D 36 -14.47 -15.23 18.88
CA VAL D 36 -13.62 -14.03 18.78
C VAL D 36 -12.50 -14.24 17.75
N VAL D 37 -12.42 -13.37 16.77
CA VAL D 37 -11.36 -13.40 15.78
C VAL D 37 -10.58 -12.06 15.75
N PHE D 38 -9.25 -12.11 15.81
CA PHE D 38 -8.44 -10.90 15.73
C PHE D 38 -8.32 -10.63 14.24
N VAL D 39 -8.56 -9.42 13.79
CA VAL D 39 -8.48 -9.08 12.36
C VAL D 39 -7.00 -8.79 12.00
N ASP D 40 -6.54 -9.20 10.83
CA ASP D 40 -5.13 -9.06 10.54
C ASP D 40 -4.88 -8.13 9.39
N GLY D 41 -5.94 -7.62 8.74
CA GLY D 41 -5.77 -6.86 7.49
C GLY D 41 -5.29 -7.53 6.17
N SER D 42 -5.29 -8.86 6.06
CA SER D 42 -4.89 -9.38 4.72
C SER D 42 -5.92 -9.33 3.62
N GLN D 43 -5.43 -9.66 2.44
CA GLN D 43 -6.19 -9.65 1.26
C GLN D 43 -6.92 -10.98 1.39
N ALA D 44 -6.32 -11.95 2.11
CA ALA D 44 -7.07 -13.25 2.27
C ALA D 44 -8.32 -13.09 3.15
N GLU D 45 -8.17 -12.25 4.14
CA GLU D 45 -9.24 -12.01 5.08
C GLU D 45 -10.34 -11.14 4.40
N TRP D 46 -9.95 -10.08 3.69
CA TRP D 46 -10.91 -9.38 2.93
C TRP D 46 -11.71 -10.23 1.93
N ASP D 47 -11.02 -11.15 1.24
CA ASP D 47 -11.62 -12.03 0.26
C ASP D 47 -12.65 -12.94 0.92
N ARG D 48 -12.28 -13.42 2.12
CA ARG D 48 -13.05 -14.37 2.89
C ARG D 48 -14.28 -13.66 3.45
N MET D 49 -14.12 -12.42 3.93
CA MET D 49 -15.22 -11.59 4.36
C MET D 49 -16.19 -11.20 3.24
N ALA D 50 -15.74 -10.76 2.05
CA ALA D 50 -16.62 -10.42 0.90
C ALA D 50 -17.52 -11.61 0.46
N GLU D 51 -16.93 -12.81 0.48
CA GLU D 51 -17.62 -14.03 0.19
C GLU D 51 -18.56 -14.38 1.31
N ASP D 52 -18.23 -14.00 2.55
CA ASP D 52 -19.17 -14.27 3.67
C ASP D 52 -20.39 -13.41 3.47
N LEU D 53 -20.11 -12.16 3.07
CA LEU D 53 -21.14 -11.11 2.88
C LEU D 53 -21.94 -11.30 1.62
N VAL D 54 -21.34 -11.75 0.53
CA VAL D 54 -22.17 -12.04 -0.66
C VAL D 54 -23.11 -13.19 -0.36
N GLU D 55 -22.62 -14.19 0.36
CA GLU D 55 -23.43 -15.33 0.85
C GLU D 55 -24.65 -15.00 1.80
N ALA D 56 -24.47 -14.05 2.70
CA ALA D 56 -25.55 -13.70 3.59
C ALA D 56 -26.49 -12.86 2.80
N GLY D 57 -26.05 -12.40 1.64
CA GLY D 57 -26.82 -11.38 0.90
C GLY D 57 -26.61 -9.94 1.32
N THR D 58 -25.78 -9.72 2.32
CA THR D 58 -25.39 -8.33 2.70
C THR D 58 -24.81 -7.62 1.52
N LEU D 59 -23.82 -8.17 0.86
CA LEU D 59 -23.26 -7.54 -0.30
C LEU D 59 -23.63 -8.25 -1.64
N ILE D 60 -23.67 -7.45 -2.71
CA ILE D 60 -23.73 -7.89 -4.10
C ILE D 60 -22.35 -7.63 -4.69
N LYS D 61 -21.82 -8.60 -5.43
CA LYS D 61 -20.59 -8.37 -6.13
C LYS D 61 -20.85 -7.69 -7.49
N LEU D 62 -20.11 -6.62 -7.73
CA LEU D 62 -20.27 -5.88 -9.01
C LEU D 62 -19.73 -6.67 -10.20
N ASN D 63 -20.15 -6.31 -11.41
CA ASN D 63 -19.89 -7.08 -12.62
C ASN D 63 -18.40 -7.13 -12.67
N GLU D 64 -17.87 -8.30 -12.30
CA GLU D 64 -16.45 -8.45 -11.95
C GLU D 64 -15.47 -7.92 -13.03
N GLU D 65 -16.02 -7.48 -14.17
CA GLU D 65 -15.28 -7.00 -15.33
C GLU D 65 -15.64 -5.56 -15.72
N LYS D 66 -16.69 -5.03 -15.15
CA LYS D 66 -16.88 -3.59 -15.15
C LYS D 66 -16.21 -2.94 -13.88
N ARG D 67 -16.39 -3.52 -12.67
CA ARG D 67 -15.86 -2.91 -11.41
C ARG D 67 -15.27 -4.00 -10.61
N PRO D 68 -13.96 -4.25 -10.81
CA PRO D 68 -13.23 -5.36 -10.20
C PRO D 68 -13.19 -5.27 -8.70
N ASN D 69 -13.24 -6.39 -8.02
CA ASN D 69 -13.16 -6.35 -6.57
C ASN D 69 -13.98 -5.16 -5.97
N SER D 70 -15.14 -4.89 -6.60
CA SER D 70 -16.18 -3.99 -6.06
C SER D 70 -17.46 -4.67 -5.61
N TYR D 71 -18.08 -4.08 -4.58
CA TYR D 71 -19.27 -4.62 -3.89
C TYR D 71 -20.36 -3.57 -3.55
N LEU D 72 -21.63 -3.98 -3.69
CA LEU D 72 -22.75 -3.19 -3.25
C LEU D 72 -23.45 -3.65 -1.91
N ALA D 73 -23.47 -2.76 -0.92
CA ALA D 73 -24.13 -3.05 0.32
C ALA D 73 -25.47 -2.33 0.26
N ARG D 74 -26.53 -2.95 0.73
CA ARG D 74 -27.75 -2.18 0.89
C ARG D 74 -28.21 -2.15 2.36
N SER D 75 -28.39 -0.98 2.95
CA SER D 75 -28.85 -0.94 4.36
C SER D 75 -30.37 -1.00 4.58
N ASN D 76 -30.75 -1.40 5.79
CA ASN D 76 -32.14 -1.34 6.16
C ASN D 76 -32.51 0.17 6.15
N PRO D 77 -33.62 0.53 5.50
CA PRO D 77 -33.90 1.95 5.38
C PRO D 77 -33.98 2.78 6.69
N SER D 78 -34.38 2.20 7.84
CA SER D 78 -34.00 2.78 9.14
C SER D 78 -32.56 2.40 9.51
N ASP D 79 -31.62 3.26 9.15
CA ASP D 79 -30.19 2.98 9.29
C ASP D 79 -29.41 3.61 8.11
N VAL D 80 -29.94 4.67 7.57
CA VAL D 80 -29.25 5.26 6.40
C VAL D 80 -28.26 6.47 6.67
N ALA D 81 -27.98 6.79 7.94
CA ALA D 81 -27.22 8.03 8.31
C ALA D 81 -26.80 8.07 9.80
N ARG D 82 -25.96 9.06 10.16
CA ARG D 82 -25.77 9.55 11.57
C ARG D 82 -27.12 10.06 12.15
N VAL D 83 -27.31 9.82 13.45
CA VAL D 83 -28.60 10.11 14.12
C VAL D 83 -28.45 10.82 15.46
N GLU D 84 -28.60 12.13 15.35
CA GLU D 84 -28.16 13.12 16.31
C GLU D 84 -28.82 12.90 17.63
N SER D 85 -30.09 12.51 17.65
CA SER D 85 -30.88 12.50 18.92
C SER D 85 -30.27 11.51 19.98
N ARG D 86 -29.47 10.57 19.51
CA ARG D 86 -28.80 9.60 20.37
C ARG D 86 -27.34 9.57 20.21
N THR D 87 -26.73 10.70 19.83
CA THR D 87 -25.29 10.86 19.87
C THR D 87 -24.99 11.73 21.11
N PHE D 88 -24.14 11.24 21.99
CA PHE D 88 -23.87 11.78 23.35
C PHE D 88 -22.40 12.04 23.47
N ILE D 89 -22.07 13.24 23.89
CA ILE D 89 -20.80 13.47 24.48
C ILE D 89 -20.90 13.30 26.00
N CYS D 90 -20.63 12.09 26.53
CA CYS D 90 -20.64 11.79 27.97
C CYS D 90 -19.43 12.21 28.77
N SER D 91 -19.18 13.51 28.83
CA SER D 91 -18.11 14.07 29.66
C SER D 91 -18.67 14.01 31.08
N GLU D 92 -17.86 14.30 32.09
CA GLU D 92 -18.22 14.06 33.50
C GLU D 92 -19.29 15.04 33.92
N LYS D 93 -19.05 16.27 33.44
CA LYS D 93 -19.96 17.39 33.64
C LYS D 93 -20.64 17.97 32.36
N GLU D 94 -21.93 18.27 32.49
CA GLU D 94 -22.67 18.88 31.46
C GLU D 94 -21.88 19.93 30.71
N GLU D 95 -21.17 20.80 31.41
CA GLU D 95 -20.66 22.00 30.75
C GLU D 95 -19.55 21.75 29.73
N ASP D 96 -18.85 20.63 29.94
CA ASP D 96 -17.78 20.13 29.11
C ASP D 96 -18.31 19.57 27.77
N ALA D 97 -19.53 19.06 27.72
CA ALA D 97 -20.27 18.87 26.45
C ALA D 97 -20.67 20.28 25.84
N GLY D 98 -21.17 21.21 26.67
CA GLY D 98 -21.60 22.50 26.16
C GLY D 98 -22.82 22.47 25.19
N PRO D 99 -23.16 23.64 24.58
CA PRO D 99 -24.42 23.87 23.81
C PRO D 99 -24.57 23.21 22.45
N THR D 100 -23.46 22.90 21.79
CA THR D 100 -23.55 22.25 20.48
C THR D 100 -23.75 20.73 20.58
N ASN D 101 -23.57 20.15 21.79
CA ASN D 101 -23.64 18.70 21.97
C ASN D 101 -24.77 18.24 22.87
N ASN D 102 -25.19 16.99 22.67
CA ASN D 102 -26.08 16.36 23.60
C ASN D 102 -25.20 15.81 24.62
N TRP D 103 -25.70 15.84 25.83
CA TRP D 103 -24.98 15.39 26.96
C TRP D 103 -25.88 14.39 27.67
N ALA D 104 -25.25 13.48 28.40
CA ALA D 104 -25.94 12.65 29.40
C ALA D 104 -24.90 12.04 30.33
N PRO D 105 -25.34 11.61 31.55
CA PRO D 105 -24.39 11.23 32.62
C PRO D 105 -23.68 9.92 32.23
N PRO D 106 -22.30 9.93 32.18
CA PRO D 106 -21.43 8.85 31.70
C PRO D 106 -21.70 7.43 32.22
N GLN D 107 -21.92 7.30 33.53
CA GLN D 107 -22.05 6.05 34.26
C GLN D 107 -23.39 5.32 34.00
N ALA D 108 -24.42 6.15 33.90
CA ALA D 108 -25.77 5.75 33.54
C ALA D 108 -25.81 5.37 32.06
N MET D 109 -25.05 6.09 31.25
CA MET D 109 -25.01 5.75 29.82
C MET D 109 -24.20 4.36 29.67
N LYS D 110 -23.01 4.25 30.27
CA LYS D 110 -22.39 2.92 30.38
C LYS D 110 -23.41 1.82 30.68
N ASP D 111 -24.30 2.06 31.66
CA ASP D 111 -25.11 1.03 32.32
C ASP D 111 -26.31 0.66 31.47
N GLU D 112 -26.84 1.66 30.81
CA GLU D 112 -27.92 1.48 29.83
C GLU D 112 -27.36 0.89 28.52
N MET D 113 -26.15 1.27 28.12
CA MET D 113 -25.55 0.59 26.98
C MET D 113 -25.25 -0.91 27.28
N SER D 114 -24.71 -1.28 28.43
CA SER D 114 -24.50 -2.70 28.81
C SER D 114 -25.77 -3.58 28.91
N LYS D 115 -26.92 -2.96 29.19
CA LYS D 115 -28.17 -3.71 29.17
C LYS D 115 -28.50 -4.23 27.77
N HIS D 116 -28.18 -3.41 26.76
CA HIS D 116 -28.45 -3.67 25.35
C HIS D 116 -27.39 -4.57 24.83
N TYR D 117 -26.19 -4.29 25.26
CA TYR D 117 -25.00 -5.12 25.02
C TYR D 117 -25.11 -6.62 25.47
N ALA D 118 -25.39 -6.86 26.76
CA ALA D 118 -25.67 -8.20 27.28
C ALA D 118 -26.23 -9.22 26.29
N GLY D 119 -25.37 -10.13 25.84
CA GLY D 119 -25.83 -11.08 24.85
C GLY D 119 -26.12 -10.66 23.42
N SER D 120 -25.77 -9.40 23.07
CA SER D 120 -26.13 -8.83 21.70
C SER D 120 -25.50 -9.65 20.58
N MET D 121 -24.26 -10.06 20.86
CA MET D 121 -23.35 -10.65 19.89
C MET D 121 -23.48 -12.11 19.86
N LYS D 122 -24.52 -12.61 20.50
CA LYS D 122 -24.96 -14.00 20.39
C LYS D 122 -25.19 -14.36 18.96
N GLY D 123 -24.77 -15.62 18.64
CA GLY D 123 -25.00 -16.23 17.32
C GLY D 123 -24.00 -15.74 16.32
N ARG D 124 -23.00 -15.01 16.82
CA ARG D 124 -22.09 -14.23 15.96
C ARG D 124 -20.62 -14.20 16.39
N THR D 125 -19.77 -13.95 15.39
CA THR D 125 -18.37 -13.59 15.62
C THR D 125 -18.17 -12.13 16.00
N MET D 126 -17.32 -11.89 16.99
CA MET D 126 -16.84 -10.56 17.34
C MET D 126 -15.47 -10.44 16.70
N TYR D 127 -15.20 -9.33 16.07
CA TYR D 127 -13.95 -9.15 15.34
C TYR D 127 -13.30 -8.22 16.23
N VAL D 128 -12.00 -8.42 16.47
CA VAL D 128 -11.14 -7.50 17.17
C VAL D 128 -10.29 -6.73 16.17
N VAL D 129 -10.58 -5.45 15.98
CA VAL D 129 -10.04 -4.65 14.89
C VAL D 129 -9.06 -3.57 15.39
N PRO D 130 -7.76 -3.91 15.32
CA PRO D 130 -6.72 -2.91 15.70
C PRO D 130 -6.50 -1.96 14.53
N PHE D 131 -6.44 -0.69 14.80
CA PHE D 131 -6.27 0.22 13.73
C PHE D 131 -5.43 1.44 14.16
N CYS D 132 -4.92 2.21 13.19
CA CYS D 132 -4.19 3.36 13.58
C CYS D 132 -4.50 4.46 12.66
N MET D 133 -4.74 5.65 13.26
CA MET D 133 -5.09 6.90 12.59
C MET D 133 -3.85 7.71 12.23
N GLY D 134 -3.53 7.74 10.94
CA GLY D 134 -2.31 8.35 10.44
C GLY D 134 -1.29 7.35 9.92
N PRO D 135 -0.29 7.86 9.17
CA PRO D 135 0.77 6.93 8.80
C PRO D 135 1.13 6.02 10.01
N ILE D 136 1.29 4.74 9.72
CA ILE D 136 1.73 3.74 10.68
C ILE D 136 3.19 3.92 11.11
N SER D 137 3.99 4.62 10.28
CA SER D 137 5.42 4.99 10.55
C SER D 137 5.68 6.10 11.55
N ASP D 138 4.62 6.65 12.15
CA ASP D 138 4.80 7.84 12.98
C ASP D 138 5.41 7.33 14.27
N PRO D 139 6.40 8.04 14.88
CA PRO D 139 6.93 7.51 16.12
C PRO D 139 5.82 7.19 17.14
N ASP D 140 4.96 8.17 17.52
CA ASP D 140 3.74 7.96 18.43
C ASP D 140 2.38 8.34 17.71
N PRO D 141 1.65 7.34 17.15
CA PRO D 141 0.57 7.69 16.23
C PRO D 141 -0.88 7.97 16.70
N LYS D 142 -1.35 7.46 17.83
CA LYS D 142 -2.83 7.40 18.11
C LYS D 142 -3.41 6.21 17.46
N LEU D 143 -3.95 5.32 18.27
CA LEU D 143 -4.26 4.05 17.85
C LEU D 143 -5.56 3.71 18.48
N GLY D 144 -6.18 2.63 17.99
CA GLY D 144 -7.49 2.23 18.45
C GLY D 144 -7.74 0.75 18.29
N VAL D 145 -8.71 0.23 19.05
CA VAL D 145 -9.18 -1.10 18.84
C VAL D 145 -10.67 -1.04 18.89
N GLN D 146 -11.37 -1.49 17.84
CA GLN D 146 -12.81 -1.59 17.82
C GLN D 146 -13.18 -3.04 17.82
N LEU D 147 -14.16 -3.42 18.59
CA LEU D 147 -14.58 -4.79 18.63
C LEU D 147 -15.93 -4.69 17.99
N THR D 148 -16.27 -5.58 17.06
CA THR D 148 -17.61 -5.43 16.38
C THR D 148 -18.10 -6.75 16.00
N ASP D 149 -19.37 -6.85 15.59
CA ASP D 149 -20.02 -8.13 15.13
C ASP D 149 -20.19 -8.11 13.64
N SER D 150 -19.77 -6.99 13.02
CA SER D 150 -20.00 -6.76 11.60
C SER D 150 -18.74 -6.76 10.72
N GLU D 151 -18.75 -7.58 9.67
CA GLU D 151 -17.67 -7.66 8.71
C GLU D 151 -17.71 -6.54 7.71
N TYR D 152 -18.92 -6.03 7.41
CA TYR D 152 -19.09 -4.76 6.70
C TYR D 152 -18.23 -3.64 7.31
N VAL D 153 -18.28 -3.39 8.62
CA VAL D 153 -17.25 -2.50 9.25
C VAL D 153 -15.75 -2.95 9.25
N VAL D 154 -15.42 -4.21 9.52
CA VAL D 154 -14.03 -4.62 9.25
C VAL D 154 -13.70 -4.22 7.79
N MET D 155 -14.47 -4.68 6.80
CA MET D 155 -14.16 -4.37 5.40
C MET D 155 -13.94 -2.92 5.18
N SER D 156 -14.93 -2.12 5.61
CA SER D 156 -14.80 -0.65 5.53
C SER D 156 -13.60 -0.05 6.24
N MET D 157 -13.34 -0.54 7.47
CA MET D 157 -12.13 -0.19 8.26
C MET D 157 -10.85 -0.39 7.48
N ARG D 158 -10.82 -1.47 6.72
CA ARG D 158 -9.64 -1.75 5.91
C ARG D 158 -9.27 -0.59 5.02
N ILE D 159 -10.29 -0.02 4.42
CA ILE D 159 -10.03 0.97 3.43
C ILE D 159 -9.89 2.27 4.15
N MET D 160 -10.56 2.45 5.30
CA MET D 160 -10.58 3.80 5.92
C MET D 160 -9.51 4.08 6.95
N THR D 161 -8.93 3.00 7.47
CA THR D 161 -7.82 3.11 8.41
C THR D 161 -6.65 2.22 7.95
N ARG D 162 -5.55 2.26 8.67
CA ARG D 162 -4.51 1.25 8.62
C ARG D 162 -4.86 0.17 9.65
N MET D 163 -5.43 -0.94 9.22
CA MET D 163 -5.97 -1.93 10.14
C MET D 163 -5.11 -3.24 10.17
N GLY D 164 -4.95 -3.86 11.34
CA GLY D 164 -4.44 -5.30 11.47
C GLY D 164 -3.26 -5.49 12.39
N ILE D 165 -2.45 -6.49 12.11
CA ILE D 165 -1.19 -6.74 12.84
C ILE D 165 -0.18 -5.56 12.84
N GLU D 166 -0.14 -4.72 11.81
CA GLU D 166 0.76 -3.59 11.89
C GLU D 166 0.38 -2.60 13.02
N ALA D 167 -0.94 -2.53 13.21
CA ALA D 167 -1.56 -1.58 14.09
C ALA D 167 -1.39 -2.22 15.46
N LEU D 168 -1.58 -3.55 15.53
CA LEU D 168 -1.57 -4.27 16.79
C LEU D 168 -0.11 -4.31 17.29
N ASP D 169 0.80 -4.20 16.34
CA ASP D 169 2.23 -4.07 16.59
C ASP D 169 2.69 -2.63 16.88
N LYS D 170 1.87 -1.65 16.51
CA LYS D 170 2.12 -0.27 16.99
C LYS D 170 1.70 -0.07 18.48
N ILE D 171 0.62 -0.73 18.88
CA ILE D 171 0.16 -0.77 20.23
C ILE D 171 1.19 -1.58 21.10
N GLY D 172 1.44 -2.85 20.74
CA GLY D 172 2.51 -3.59 21.33
C GLY D 172 2.17 -3.87 22.76
N ALA D 173 3.20 -4.11 23.58
CA ALA D 173 3.00 -4.62 24.95
C ALA D 173 2.26 -3.67 25.91
N ASN D 174 2.60 -2.37 25.82
CA ASN D 174 2.26 -1.32 26.77
C ASN D 174 1.56 -0.15 26.07
N GLY D 175 0.99 -0.37 24.91
CA GLY D 175 0.52 0.79 24.20
C GLY D 175 -0.84 1.21 24.68
N SER D 176 -1.13 2.49 24.48
CA SER D 176 -2.46 2.96 24.68
C SER D 176 -3.28 3.12 23.39
N PHE D 177 -4.60 3.15 23.58
CA PHE D 177 -5.56 3.03 22.45
C PHE D 177 -6.98 3.44 22.76
N VAL D 178 -7.54 4.25 21.90
CA VAL D 178 -8.94 4.51 22.03
C VAL D 178 -9.69 3.23 21.82
N ARG D 179 -10.42 2.77 22.85
CA ARG D 179 -11.16 1.50 22.85
C ARG D 179 -12.61 1.70 22.49
N CYS D 180 -13.03 1.10 21.37
CA CYS D 180 -14.39 1.30 20.82
C CYS D 180 -15.16 0.04 20.87
N LEU D 181 -16.48 0.17 21.07
CA LEU D 181 -17.34 -1.02 21.07
C LEU D 181 -18.52 -0.79 20.17
N HIS D 182 -18.74 -1.72 19.25
CA HIS D 182 -19.85 -1.71 18.33
C HIS D 182 -20.59 -3.03 18.33
N SER D 183 -21.93 -2.98 18.30
CA SER D 183 -22.76 -4.10 17.99
C SER D 183 -24.02 -3.64 17.20
N VAL D 184 -24.30 -4.36 16.12
CA VAL D 184 -25.64 -4.17 15.46
C VAL D 184 -26.87 -4.55 16.36
N GLY D 185 -26.70 -5.14 17.53
CA GLY D 185 -27.84 -5.39 18.37
C GLY D 185 -28.73 -6.37 17.66
N ALA D 186 -28.18 -7.43 17.07
CA ALA D 186 -29.06 -8.50 16.56
C ALA D 186 -28.72 -9.98 16.88
N PRO D 187 -28.77 -10.35 18.16
CA PRO D 187 -28.49 -11.73 18.56
C PRO D 187 -29.22 -12.76 17.73
N LEU D 188 -28.53 -13.85 17.36
CA LEU D 188 -29.16 -14.99 16.70
C LEU D 188 -29.29 -16.18 17.65
N GLU D 189 -30.50 -16.73 17.76
CA GLU D 189 -30.76 -17.90 18.61
C GLU D 189 -30.26 -19.16 17.91
N PRO D 190 -29.72 -20.11 18.70
CA PRO D 190 -29.13 -21.32 18.12
C PRO D 190 -29.38 -21.73 16.67
N GLY D 191 -30.62 -21.69 16.15
CA GLY D 191 -30.85 -21.89 14.68
C GLY D 191 -31.34 -20.69 13.84
N GLN D 192 -31.39 -19.50 14.47
CA GLN D 192 -32.08 -18.26 13.99
C GLN D 192 -31.92 -17.71 12.61
N GLU D 193 -31.19 -18.36 11.71
CA GLU D 193 -31.11 -17.96 10.29
C GLU D 193 -31.23 -16.45 10.01
N ASP D 194 -30.10 -15.76 9.81
CA ASP D 194 -29.97 -14.28 9.86
C ASP D 194 -30.65 -13.40 8.80
N VAL D 195 -30.43 -12.07 8.89
CA VAL D 195 -30.93 -11.13 7.88
C VAL D 195 -29.77 -10.51 7.07
N ALA D 196 -30.11 -9.73 6.05
CA ALA D 196 -29.11 -9.18 5.14
C ALA D 196 -28.34 -8.01 5.74
N TRP D 197 -29.06 -7.13 6.44
CA TRP D 197 -28.51 -5.98 7.11
C TRP D 197 -29.01 -5.99 8.55
N PRO D 198 -28.31 -6.64 9.48
CA PRO D 198 -28.78 -6.46 10.86
C PRO D 198 -28.59 -5.09 11.50
N CYS D 199 -29.52 -4.75 12.39
CA CYS D 199 -29.45 -3.55 13.18
C CYS D 199 -30.64 -3.62 14.14
N ASN D 200 -30.73 -2.61 15.01
CA ASN D 200 -31.77 -2.57 16.02
C ASN D 200 -32.57 -1.25 15.98
N ASP D 201 -33.88 -1.32 16.24
CA ASP D 201 -34.71 -0.09 16.49
C ASP D 201 -34.01 0.88 17.42
N THR D 202 -33.53 0.44 18.58
CA THR D 202 -32.85 1.42 19.46
C THR D 202 -31.40 1.53 19.03
N LYS D 203 -30.91 2.77 18.90
CA LYS D 203 -29.59 3.12 18.34
C LYS D 203 -28.87 4.19 19.15
N TYR D 204 -27.62 3.95 19.53
CA TYR D 204 -26.87 4.88 20.40
C TYR D 204 -25.45 5.01 19.95
N ILE D 205 -24.90 6.18 20.22
CA ILE D 205 -23.53 6.44 19.98
C ILE D 205 -22.97 7.41 21.09
N THR D 206 -22.28 6.80 22.07
CA THR D 206 -21.79 7.50 23.19
C THR D 206 -20.28 7.63 23.06
N GLN D 207 -19.80 8.78 23.49
CA GLN D 207 -18.40 9.10 23.47
C GLN D 207 -18.06 9.49 24.89
N PHE D 208 -16.99 8.87 25.39
CA PHE D 208 -16.49 9.11 26.73
C PHE D 208 -15.14 9.77 26.62
N PRO D 209 -15.12 11.12 26.55
CA PRO D 209 -13.97 12.00 26.31
C PRO D 209 -12.81 11.81 27.29
N GLU D 210 -13.12 11.81 28.59
CA GLU D 210 -12.11 11.73 29.67
C GLU D 210 -11.32 10.40 29.65
N THR D 211 -12.01 9.31 29.33
CA THR D 211 -11.41 8.00 29.39
C THR D 211 -11.21 7.37 27.98
N LYS D 212 -11.28 8.25 26.95
CA LYS D 212 -11.06 7.92 25.54
C LYS D 212 -11.79 6.70 25.00
N GLU D 213 -13.12 6.76 25.03
CA GLU D 213 -13.97 5.62 24.77
C GLU D 213 -15.14 5.98 23.87
N ILE D 214 -15.46 5.08 22.95
CA ILE D 214 -16.60 5.32 22.09
C ILE D 214 -17.34 4.05 22.03
N TRP D 215 -18.64 4.08 22.26
CA TRP D 215 -19.50 2.91 22.23
C TRP D 215 -20.72 3.14 21.37
N SER D 216 -20.91 2.39 20.30
CA SER D 216 -22.12 2.44 19.50
C SER D 216 -22.96 1.13 19.55
N TYR D 217 -24.24 1.24 19.22
CA TYR D 217 -25.16 0.15 19.41
C TYR D 217 -26.29 0.42 18.46
N GLY D 218 -26.73 -0.58 17.72
CA GLY D 218 -28.03 -0.48 17.05
C GLY D 218 -27.89 -0.31 15.58
N SER D 219 -26.81 0.37 15.19
CA SER D 219 -26.62 0.79 13.81
C SER D 219 -25.45 0.08 13.12
N GLY D 220 -25.76 -0.63 12.01
CA GLY D 220 -24.72 -1.03 11.07
C GLY D 220 -24.08 0.00 10.12
N TYR D 221 -24.53 1.24 10.17
CA TYR D 221 -24.32 2.18 9.07
C TYR D 221 -23.40 3.35 9.33
N GLY D 222 -22.50 3.56 8.35
CA GLY D 222 -21.72 4.75 8.14
C GLY D 222 -20.84 5.06 9.30
N GLY D 223 -20.81 6.32 9.72
CA GLY D 223 -20.17 6.73 10.92
C GLY D 223 -20.88 6.36 12.20
N ASN D 224 -22.01 5.61 12.18
CA ASN D 224 -22.58 5.08 13.50
C ASN D 224 -21.82 3.84 13.95
N ALA D 225 -21.21 3.18 12.95
CA ALA D 225 -20.70 1.83 13.04
C ALA D 225 -19.19 1.79 12.83
N ILE D 226 -18.72 2.64 11.94
CA ILE D 226 -17.31 2.74 11.62
C ILE D 226 -16.85 3.85 12.49
N LEU D 227 -16.28 3.48 13.64
CA LEU D 227 -16.18 4.42 14.75
C LEU D 227 -15.00 5.33 14.47
N ALA D 228 -14.17 4.90 13.54
CA ALA D 228 -12.92 5.65 13.24
C ALA D 228 -13.20 6.93 12.45
N LYS D 229 -14.22 6.86 11.58
CA LYS D 229 -14.56 7.95 10.63
C LYS D 229 -14.79 9.28 11.38
N LYS D 230 -15.80 9.34 12.25
CA LYS D 230 -16.14 10.62 12.85
C LYS D 230 -15.94 10.59 14.33
N CYS D 231 -16.33 9.52 14.99
CA CYS D 231 -16.21 9.54 16.42
C CYS D 231 -14.79 9.68 16.96
N TYR D 232 -13.85 8.98 16.31
CA TYR D 232 -12.42 9.06 16.72
C TYR D 232 -11.87 10.26 16.02
N ALA D 233 -12.07 10.32 14.71
CA ALA D 233 -11.34 11.29 13.92
C ALA D 233 -11.60 12.73 14.23
N LEU D 234 -12.76 13.02 14.83
CA LEU D 234 -13.07 14.40 15.17
C LEU D 234 -13.58 14.54 16.60
N ARG D 235 -14.44 13.64 17.04
CA ARG D 235 -15.05 13.89 18.38
C ARG D 235 -14.03 13.67 19.49
N ILE D 236 -13.56 12.40 19.71
CA ILE D 236 -12.36 12.05 20.58
C ILE D 236 -11.04 12.78 20.20
N ALA D 237 -10.69 12.87 18.94
CA ALA D 237 -9.51 13.62 18.54
C ALA D 237 -9.49 15.10 18.89
N SER D 238 -10.58 15.83 18.76
CA SER D 238 -10.60 17.24 19.26
C SER D 238 -10.39 17.34 20.79
N VAL D 239 -10.96 16.40 21.55
CA VAL D 239 -10.68 16.24 22.93
C VAL D 239 -9.15 16.04 23.12
N MET D 240 -8.52 15.00 22.52
CA MET D 240 -7.01 14.73 22.62
C MET D 240 -6.23 15.96 22.19
N ALA D 241 -6.71 16.60 21.14
CA ALA D 241 -6.14 17.82 20.60
C ALA D 241 -6.15 18.93 21.61
N ARG D 242 -7.23 19.06 22.40
CA ARG D 242 -7.38 19.99 23.56
C ARG D 242 -6.43 19.68 24.72
N GLU D 243 -6.33 18.40 25.08
CA GLU D 243 -5.46 18.08 26.21
C GLU D 243 -3.98 18.10 25.85
N GLU D 244 -3.67 17.99 24.54
CA GLU D 244 -2.34 17.67 24.03
C GLU D 244 -1.69 18.84 23.33
N GLY D 245 -2.40 19.93 23.06
CA GLY D 245 -1.78 21.01 22.35
C GLY D 245 -1.70 21.03 20.83
N TRP D 246 -2.69 20.46 20.15
CA TRP D 246 -2.72 20.47 18.67
C TRP D 246 -4.20 20.54 18.13
N MET D 247 -4.36 20.47 16.80
CA MET D 247 -5.67 20.68 16.13
C MET D 247 -6.28 19.41 15.50
N ALA D 248 -7.59 19.21 15.66
CA ALA D 248 -8.34 18.20 14.90
C ALA D 248 -9.53 18.84 14.18
N GLU D 249 -9.41 19.02 12.85
CA GLU D 249 -10.27 19.84 12.01
C GLU D 249 -11.02 19.14 10.86
N HIS D 250 -12.19 19.67 10.49
CA HIS D 250 -13.00 19.17 9.35
C HIS D 250 -12.51 19.88 8.09
N MET D 251 -11.40 19.40 7.52
CA MET D 251 -10.63 20.09 6.50
C MET D 251 -10.12 19.05 5.57
N LEU D 252 -10.13 19.45 4.29
CA LEU D 252 -9.54 18.79 3.13
C LEU D 252 -8.15 19.36 3.06
N ILE D 253 -7.20 18.50 2.68
CA ILE D 253 -5.86 18.99 2.50
C ILE D 253 -5.47 18.83 1.06
N LEU D 254 -5.20 19.97 0.43
CA LEU D 254 -4.90 20.02 -1.00
C LEU D 254 -3.46 20.49 -1.36
N LYS D 255 -2.78 19.70 -2.21
CA LYS D 255 -1.51 20.08 -2.87
C LYS D 255 -1.69 20.76 -4.26
N LEU D 256 -1.38 22.06 -4.31
CA LEU D 256 -1.44 22.78 -5.54
C LEU D 256 -0.02 22.99 -6.03
N ILE D 257 0.21 22.68 -7.30
CA ILE D 257 1.49 22.88 -7.94
C ILE D 257 1.32 23.80 -9.13
N ASN D 258 2.25 24.74 -9.24
CA ASN D 258 2.10 25.92 -10.12
C ASN D 258 2.89 25.68 -11.39
N PRO D 259 2.85 26.60 -12.40
CA PRO D 259 3.48 26.11 -13.69
C PRO D 259 4.95 25.65 -13.60
N GLU D 260 5.69 26.20 -12.60
CA GLU D 260 7.14 26.03 -12.27
C GLU D 260 7.56 24.77 -11.45
N GLY D 261 6.57 23.90 -11.18
CA GLY D 261 6.74 22.81 -10.19
C GLY D 261 6.68 23.11 -8.68
N LYS D 262 6.46 24.37 -8.30
CA LYS D 262 6.37 24.76 -6.87
C LYS D 262 5.07 24.29 -6.20
N ALA D 263 5.22 23.68 -5.02
CA ALA D 263 4.06 23.13 -4.32
C ALA D 263 3.64 23.84 -3.03
N TYR D 264 2.32 23.98 -2.92
CA TYR D 264 1.62 24.55 -1.79
C TYR D 264 0.64 23.55 -1.27
N HIS D 265 0.27 23.73 -0.01
CA HIS D 265 -0.81 23.02 0.63
C HIS D 265 -1.73 24.04 1.27
N ILE D 266 -2.99 23.96 0.85
CA ILE D 266 -4.16 24.67 1.41
C ILE D 266 -5.07 23.67 2.15
N ALA D 267 -5.50 24.06 3.34
CA ALA D 267 -6.47 23.35 4.13
C ALA D 267 -7.64 24.29 4.08
N ALA D 268 -8.83 23.71 3.91
CA ALA D 268 -10.10 24.37 3.77
C ALA D 268 -11.21 23.62 4.57
N ALA D 269 -11.95 24.39 5.36
CA ALA D 269 -13.12 23.80 6.03
C ALA D 269 -14.46 24.25 5.42
N PHE D 270 -15.16 23.31 4.74
CA PHE D 270 -16.56 23.56 4.31
C PHE D 270 -17.69 22.71 4.99
N PRO D 271 -18.85 23.32 5.32
CA PRO D 271 -20.05 22.56 5.77
C PRO D 271 -20.84 22.04 4.55
N SER D 272 -20.10 21.56 3.55
CA SER D 272 -20.64 20.87 2.39
C SER D 272 -19.76 19.60 2.39
N ALA D 273 -20.32 18.44 2.73
CA ALA D 273 -19.70 17.20 2.30
C ALA D 273 -19.98 17.27 0.77
N CYS D 274 -19.02 16.92 -0.08
CA CYS D 274 -19.15 17.08 -1.55
C CYS D 274 -18.40 18.34 -2.05
N GLY D 275 -18.67 19.52 -1.45
CA GLY D 275 -17.98 20.78 -1.77
C GLY D 275 -16.50 20.59 -1.48
N LYS D 276 -16.20 20.07 -0.29
CA LYS D 276 -14.86 19.64 0.08
C LYS D 276 -14.36 18.54 -0.87
N THR D 277 -15.20 17.54 -1.17
CA THR D 277 -14.77 16.47 -2.10
C THR D 277 -14.44 17.03 -3.49
N ASN D 278 -15.19 18.05 -3.93
CA ASN D 278 -14.81 18.74 -5.16
C ASN D 278 -13.55 19.60 -5.04
N LEU D 279 -13.34 20.41 -4.00
CA LEU D 279 -12.08 21.12 -3.93
C LEU D 279 -10.77 20.27 -3.71
N ALA D 280 -10.82 19.24 -2.86
CA ALA D 280 -9.65 18.38 -2.51
C ALA D 280 -9.07 17.65 -3.71
N MET D 281 -9.98 17.04 -4.49
CA MET D 281 -9.63 16.08 -5.47
C MET D 281 -10.18 16.56 -6.75
N ILE D 282 -9.44 17.53 -7.29
CA ILE D 282 -9.73 18.26 -8.51
C ILE D 282 -8.57 18.84 -9.36
N THR D 283 -9.03 19.45 -10.46
CA THR D 283 -8.34 19.61 -11.74
C THR D 283 -8.39 21.08 -12.16
N PRO D 284 -7.30 21.82 -11.87
CA PRO D 284 -7.31 23.23 -12.20
C PRO D 284 -7.38 23.34 -13.74
N THR D 285 -8.04 24.41 -14.18
CA THR D 285 -8.30 24.71 -15.58
C THR D 285 -7.28 25.77 -16.10
N ILE D 286 -6.35 26.16 -15.22
CA ILE D 286 -5.32 27.13 -15.60
C ILE D 286 -4.08 26.37 -16.12
N PRO D 287 -3.64 26.67 -17.38
CA PRO D 287 -2.56 25.82 -17.95
C PRO D 287 -1.25 25.87 -17.15
N GLY D 288 -0.63 24.70 -16.99
CA GLY D 288 0.51 24.51 -16.08
C GLY D 288 0.25 24.48 -14.57
N TRP D 289 -0.99 24.53 -14.13
CA TRP D 289 -1.28 24.31 -12.72
C TRP D 289 -1.70 22.86 -12.55
N THR D 290 -1.13 22.24 -11.52
CA THR D 290 -1.46 20.80 -11.24
C THR D 290 -1.86 20.63 -9.75
N ALA D 291 -2.65 19.60 -9.46
CA ALA D 291 -3.22 19.46 -8.15
C ALA D 291 -3.24 18.00 -7.79
N GLN D 292 -2.82 17.66 -6.56
CA GLN D 292 -2.98 16.31 -6.04
C GLN D 292 -3.70 16.38 -4.66
N VAL D 293 -4.33 15.28 -4.27
CA VAL D 293 -5.07 15.24 -2.99
C VAL D 293 -4.28 14.60 -1.81
N VAL D 294 -4.30 15.26 -0.65
CA VAL D 294 -3.76 14.66 0.59
C VAL D 294 -4.94 14.10 1.41
N GLY D 295 -6.03 14.85 1.50
CA GLY D 295 -7.25 14.39 2.15
C GLY D 295 -8.52 15.13 1.69
N ASP D 296 -9.68 14.48 1.88
CA ASP D 296 -10.89 15.25 1.59
C ASP D 296 -11.95 15.39 2.72
N ASP D 297 -11.54 15.10 3.97
CA ASP D 297 -12.42 15.25 5.08
C ASP D 297 -11.80 15.79 6.36
N ILE D 298 -10.72 15.18 6.80
CA ILE D 298 -10.11 15.40 8.13
C ILE D 298 -8.62 15.80 8.15
N ALA D 299 -8.25 16.76 9.01
CA ALA D 299 -6.87 17.20 9.12
C ALA D 299 -6.53 17.33 10.62
N TRP D 300 -5.46 16.66 11.04
CA TRP D 300 -4.88 16.85 12.36
C TRP D 300 -3.73 17.79 12.14
N LEU D 301 -3.74 18.82 12.92
CA LEU D 301 -2.68 19.79 12.68
C LEU D 301 -1.85 20.10 13.98
N LYS D 302 -0.65 20.63 13.77
CA LYS D 302 0.24 20.94 14.89
C LYS D 302 1.43 21.77 14.44
N LEU D 303 1.89 22.59 15.35
CA LEU D 303 3.08 23.41 15.14
C LEU D 303 4.44 22.69 15.15
N ARG D 304 5.24 23.00 14.15
CA ARG D 304 6.63 22.60 14.11
C ARG D 304 7.51 23.82 13.84
N GLU D 305 8.82 23.59 13.88
CA GLU D 305 9.79 24.68 13.88
C GLU D 305 9.39 25.78 12.96
N ASP D 306 8.94 25.47 11.74
CA ASP D 306 8.68 26.49 10.71
C ASP D 306 7.19 26.78 10.26
N GLY D 307 6.19 26.26 10.97
CA GLY D 307 4.79 26.43 10.55
C GLY D 307 3.91 25.36 11.15
N LEU D 308 2.66 25.29 10.68
CA LEU D 308 1.64 24.36 11.13
C LEU D 308 1.52 23.23 10.08
N TYR D 309 1.69 22.00 10.49
CA TYR D 309 1.66 20.87 9.53
C TYR D 309 0.43 20.01 9.73
N ALA D 310 -0.17 19.53 8.64
CA ALA D 310 -1.28 18.62 8.74
C ALA D 310 -0.96 17.23 8.21
N VAL D 311 -1.59 16.23 8.81
CA VAL D 311 -1.70 14.90 8.35
C VAL D 311 -3.23 14.47 8.29
N ASN D 312 -3.52 13.70 7.28
CA ASN D 312 -4.74 13.02 7.11
C ASN D 312 -4.72 11.71 8.00
N PRO D 313 -5.56 11.66 9.06
CA PRO D 313 -5.65 10.50 9.93
C PRO D 313 -6.35 9.32 9.21
N GLU D 314 -6.81 9.54 7.97
CA GLU D 314 -7.49 8.44 7.24
C GLU D 314 -6.76 7.83 6.04
N ASN D 315 -7.19 6.60 5.66
CA ASN D 315 -6.58 5.70 4.60
C ASN D 315 -7.52 5.53 3.38
N GLY D 316 -8.75 5.98 3.49
CA GLY D 316 -9.63 6.02 2.29
C GLY D 316 -10.61 7.17 2.14
N PHE D 317 -11.28 7.26 1.00
CA PHE D 317 -12.44 8.12 0.78
C PHE D 317 -13.76 7.38 0.98
N PHE D 318 -14.73 8.13 1.48
CA PHE D 318 -16.03 7.67 1.91
C PHE D 318 -16.89 8.81 1.46
N GLY D 319 -17.05 8.93 0.17
CA GLY D 319 -17.61 10.13 -0.41
C GLY D 319 -19.07 9.91 -0.66
N VAL D 320 -19.77 11.03 -0.75
CA VAL D 320 -21.22 11.03 -1.02
C VAL D 320 -21.31 10.74 -2.50
N ALA D 321 -22.07 9.74 -2.91
CA ALA D 321 -21.98 9.42 -4.37
C ALA D 321 -22.85 10.26 -5.37
N PRO D 322 -24.20 10.45 -5.11
CA PRO D 322 -25.08 11.38 -5.88
C PRO D 322 -24.42 12.72 -6.19
N GLY D 323 -24.36 13.02 -7.50
CA GLY D 323 -23.74 14.21 -8.11
C GLY D 323 -22.29 14.08 -8.48
N THR D 324 -21.75 12.86 -8.37
CA THR D 324 -20.34 12.56 -8.72
C THR D 324 -20.41 12.03 -10.16
N ASN D 325 -19.61 12.69 -11.01
CA ASN D 325 -19.50 12.37 -12.40
C ASN D 325 -18.20 13.01 -12.97
N TYR D 326 -17.86 12.70 -14.23
CA TYR D 326 -16.60 13.13 -14.87
C TYR D 326 -16.47 14.59 -15.16
N ALA D 327 -17.51 15.24 -15.64
CA ALA D 327 -17.52 16.70 -15.79
C ALA D 327 -18.00 17.38 -14.47
N SER D 328 -17.16 17.80 -13.53
CA SER D 328 -17.67 17.90 -12.15
C SER D 328 -16.71 17.37 -11.08
N ASN D 329 -16.36 16.08 -11.20
CA ASN D 329 -15.31 15.40 -10.34
C ASN D 329 -14.63 14.15 -10.98
N PRO D 330 -13.92 14.35 -12.14
CA PRO D 330 -13.34 13.24 -12.95
C PRO D 330 -12.32 12.38 -12.17
N ILE D 331 -11.76 13.02 -11.14
CA ILE D 331 -10.81 12.42 -10.26
C ILE D 331 -11.37 11.38 -9.28
N ALA D 332 -12.51 11.67 -8.63
CA ALA D 332 -13.27 10.66 -7.94
C ALA D 332 -13.59 9.51 -8.83
N MET D 333 -13.99 9.85 -10.05
CA MET D 333 -14.44 8.85 -10.98
C MET D 333 -13.26 7.94 -11.36
N LYS D 334 -12.08 8.51 -11.66
CA LYS D 334 -10.89 7.67 -11.98
C LYS D 334 -10.41 6.79 -10.79
N THR D 335 -10.21 7.40 -9.63
CA THR D 335 -9.92 6.69 -8.41
C THR D 335 -10.67 5.37 -8.35
N MET D 336 -11.98 5.37 -8.62
CA MET D 336 -12.79 4.14 -8.43
C MET D 336 -12.86 3.37 -9.70
N GLU D 337 -12.25 3.90 -10.75
CA GLU D 337 -11.95 3.18 -12.02
C GLU D 337 -11.34 1.78 -11.93
N PRO D 338 -10.16 1.56 -11.24
CA PRO D 338 -9.73 0.13 -10.98
C PRO D 338 -10.68 -0.76 -10.21
N GLY D 339 -11.75 -0.22 -9.62
CA GLY D 339 -12.60 -1.09 -8.75
C GLY D 339 -12.13 -0.93 -7.29
N ASN D 340 -12.15 -2.03 -6.52
CA ASN D 340 -11.69 -1.99 -5.13
C ASN D 340 -12.50 -1.03 -4.16
N THR D 341 -13.68 -0.63 -4.70
CA THR D 341 -14.67 0.21 -4.10
C THR D 341 -15.80 -0.59 -3.41
N LEU D 342 -16.14 -0.19 -2.18
CA LEU D 342 -17.38 -0.55 -1.46
C LEU D 342 -18.40 0.54 -1.61
N PHE D 343 -19.41 0.35 -2.48
CA PHE D 343 -20.61 1.29 -2.61
C PHE D 343 -21.68 0.92 -1.63
N THR D 344 -22.29 1.96 -1.06
CA THR D 344 -23.38 1.79 -0.12
C THR D 344 -24.65 2.50 -0.51
N ASN D 345 -25.72 1.73 -0.80
CA ASN D 345 -27.05 2.26 -1.18
C ASN D 345 -27.06 3.08 -2.45
N VAL D 346 -26.27 2.72 -3.43
CA VAL D 346 -26.48 3.26 -4.80
C VAL D 346 -27.32 2.21 -5.62
N ALA D 347 -27.61 2.51 -6.91
CA ALA D 347 -28.47 1.59 -7.68
C ALA D 347 -27.75 0.49 -8.52
N LEU D 348 -28.35 -0.69 -8.61
CA LEU D 348 -27.80 -1.74 -9.54
C LEU D 348 -28.34 -1.68 -10.98
N THR D 349 -27.39 -1.88 -11.88
CA THR D 349 -27.60 -1.78 -13.29
C THR D 349 -27.85 -3.21 -13.85
N ASP D 350 -28.75 -3.30 -14.85
CA ASP D 350 -28.98 -4.51 -15.73
C ASP D 350 -27.68 -5.24 -16.09
N ASP D 351 -26.62 -4.48 -16.34
CA ASP D 351 -25.25 -5.02 -16.56
C ASP D 351 -24.36 -5.26 -15.27
N GLY D 352 -24.94 -5.18 -14.08
CA GLY D 352 -24.18 -5.36 -12.84
C GLY D 352 -23.23 -4.25 -12.40
N ASP D 353 -23.26 -3.08 -13.00
CA ASP D 353 -22.46 -1.91 -12.54
C ASP D 353 -23.25 -1.15 -11.42
N ILE D 354 -22.86 0.10 -11.08
CA ILE D 354 -23.67 0.95 -10.21
C ILE D 354 -24.17 2.24 -10.89
N TRP D 355 -25.15 2.90 -10.30
CA TRP D 355 -25.62 4.22 -10.78
C TRP D 355 -26.08 5.05 -9.61
N TRP D 356 -26.06 6.38 -9.79
CA TRP D 356 -26.67 7.35 -8.87
C TRP D 356 -27.03 8.66 -9.56
N GLU D 357 -27.95 9.40 -8.95
CA GLU D 357 -28.34 10.69 -9.54
C GLU D 357 -27.09 11.54 -9.83
N GLY D 358 -27.03 12.13 -11.05
CA GLY D 358 -25.83 12.93 -11.47
C GLY D 358 -24.71 12.15 -12.21
N MET D 359 -24.70 10.81 -12.13
CA MET D 359 -23.90 10.05 -13.04
C MET D 359 -24.09 10.66 -14.42
N ASP D 360 -23.00 10.85 -15.17
CA ASP D 360 -22.96 11.64 -16.44
C ASP D 360 -24.12 11.45 -17.40
N GLY D 361 -24.39 10.22 -17.81
CA GLY D 361 -25.29 10.06 -18.93
C GLY D 361 -26.77 10.01 -18.65
N ASP D 362 -27.51 9.86 -19.76
CA ASP D 362 -28.77 9.08 -19.86
C ASP D 362 -29.76 9.03 -18.68
N ALA D 363 -29.51 8.09 -17.75
CA ALA D 363 -30.47 7.64 -16.73
C ALA D 363 -31.17 6.43 -17.32
N PRO D 364 -30.69 5.24 -16.94
CA PRO D 364 -31.01 3.95 -17.56
C PRO D 364 -32.50 3.61 -17.47
N ALA D 365 -33.06 2.99 -18.50
CA ALA D 365 -34.49 2.67 -18.50
C ALA D 365 -34.84 1.77 -17.32
N HIS D 366 -33.98 0.81 -16.97
CA HIS D 366 -34.27 0.06 -15.77
C HIS D 366 -33.13 0.11 -14.74
N LEU D 367 -33.47 0.10 -13.45
CA LEU D 367 -32.51 -0.15 -12.35
C LEU D 367 -33.10 -0.99 -11.24
N ILE D 368 -32.25 -1.49 -10.36
CA ILE D 368 -32.72 -1.96 -9.06
C ILE D 368 -32.16 -0.92 -8.12
N ASP D 369 -33.08 -0.32 -7.38
CA ASP D 369 -32.74 0.81 -6.57
C ASP D 369 -32.25 0.27 -5.23
N TRP D 370 -31.85 1.20 -4.38
CA TRP D 370 -31.17 0.86 -3.14
C TRP D 370 -32.00 0.02 -2.17
N MET D 371 -33.31 -0.06 -2.40
CA MET D 371 -34.18 -0.80 -1.53
C MET D 371 -34.46 -2.18 -2.10
N GLY D 372 -33.95 -2.47 -3.28
CA GLY D 372 -34.18 -3.79 -3.87
C GLY D 372 -35.11 -3.71 -5.07
N ASN D 373 -35.99 -2.71 -5.06
CA ASN D 373 -37.12 -2.62 -6.01
C ASN D 373 -36.71 -2.15 -7.36
N ASP D 374 -37.47 -2.59 -8.37
CA ASP D 374 -37.32 -2.11 -9.75
C ASP D 374 -37.61 -0.65 -9.74
N TRP D 375 -37.01 0.10 -10.66
CA TRP D 375 -37.03 1.53 -10.61
C TRP D 375 -36.85 1.89 -12.07
N THR D 376 -37.46 2.96 -12.49
CA THR D 376 -37.28 3.47 -13.85
C THR D 376 -37.33 5.00 -13.63
N PRO D 377 -36.94 5.84 -14.63
CA PRO D 377 -36.90 7.29 -14.48
C PRO D 377 -38.27 7.97 -14.34
N GLU D 378 -39.34 7.16 -14.41
CA GLU D 378 -40.68 7.63 -14.06
C GLU D 378 -40.84 7.89 -12.59
N SER D 379 -40.31 6.98 -11.77
CA SER D 379 -40.48 7.00 -10.29
C SER D 379 -39.99 8.31 -9.71
N ASP D 380 -40.62 8.82 -8.66
CA ASP D 380 -40.20 10.11 -8.02
C ASP D 380 -39.24 9.92 -6.83
N GLU D 381 -39.12 8.70 -6.31
CA GLU D 381 -38.17 8.47 -5.23
C GLU D 381 -36.79 8.15 -5.88
N ASN D 382 -35.69 8.69 -5.33
CA ASN D 382 -34.31 8.38 -5.82
C ASN D 382 -33.91 6.85 -5.97
N ALA D 383 -33.17 6.56 -7.05
CA ALA D 383 -32.44 5.29 -7.23
C ALA D 383 -31.36 5.17 -6.13
N ALA D 384 -30.41 6.12 -6.09
CA ALA D 384 -29.39 6.13 -5.05
C ALA D 384 -29.84 7.01 -3.87
N HIS D 385 -29.80 6.47 -2.63
CA HIS D 385 -30.11 7.29 -1.47
C HIS D 385 -29.24 8.52 -1.60
N PRO D 386 -29.77 9.73 -1.29
CA PRO D 386 -28.95 10.97 -1.30
C PRO D 386 -27.71 10.89 -0.39
N ASN D 387 -27.80 10.12 0.69
CA ASN D 387 -26.60 9.95 1.60
C ASN D 387 -25.64 8.73 1.21
N SER D 388 -25.77 8.22 -0.01
CA SER D 388 -25.13 7.01 -0.42
C SER D 388 -23.67 7.28 -0.69
N ARG D 389 -22.87 6.23 -0.47
CA ARG D 389 -21.40 6.43 -0.42
C ARG D 389 -20.65 5.47 -1.31
N TYR D 390 -19.52 5.95 -1.82
CA TYR D 390 -18.43 5.09 -2.21
C TYR D 390 -17.31 5.12 -1.15
N CYS D 391 -16.69 3.96 -0.94
CA CYS D 391 -15.57 3.87 -0.06
C CYS D 391 -14.40 3.25 -0.84
N VAL D 392 -13.28 3.96 -0.98
CA VAL D 392 -12.21 3.48 -1.77
C VAL D 392 -10.84 4.02 -1.31
N ALA D 393 -9.78 3.22 -1.54
CA ALA D 393 -8.47 3.62 -0.98
C ALA D 393 -7.95 4.92 -1.64
N ILE D 394 -7.27 5.71 -0.87
CA ILE D 394 -6.67 6.96 -1.36
C ILE D 394 -5.54 6.74 -2.35
N ASP D 395 -4.71 5.71 -2.13
CA ASP D 395 -3.61 5.22 -3.04
C ASP D 395 -3.99 4.93 -4.47
N GLN D 396 -5.19 4.37 -4.57
CA GLN D 396 -5.89 4.07 -5.82
C GLN D 396 -6.14 5.35 -6.62
N SER D 397 -6.07 6.53 -5.97
CA SER D 397 -6.28 7.79 -6.69
C SER D 397 -5.09 8.09 -7.53
N PRO D 398 -5.32 8.45 -8.81
CA PRO D 398 -4.18 8.88 -9.58
C PRO D 398 -3.74 10.22 -9.00
N ALA D 399 -4.69 11.04 -8.54
CA ALA D 399 -4.36 12.34 -7.92
C ALA D 399 -3.90 12.30 -6.46
N ALA D 400 -3.55 11.13 -5.94
CA ALA D 400 -3.13 11.04 -4.52
C ALA D 400 -1.75 11.71 -4.40
N ALA D 401 -1.59 12.64 -3.48
CA ALA D 401 -0.29 13.26 -3.30
C ALA D 401 0.65 12.23 -2.75
N PRO D 402 1.90 12.24 -3.27
CA PRO D 402 2.91 11.27 -2.81
C PRO D 402 3.18 11.35 -1.29
N GLU D 403 3.01 12.54 -0.63
CA GLU D 403 3.14 12.67 0.85
C GLU D 403 1.95 12.24 1.67
N PHE D 404 0.76 12.12 1.11
CA PHE D 404 -0.39 11.88 1.98
C PHE D 404 -0.08 10.82 3.06
N ASN D 405 0.70 9.79 2.72
CA ASN D 405 1.18 8.82 3.68
C ASN D 405 2.47 9.19 4.46
N ASP D 406 2.89 10.43 4.35
CA ASP D 406 4.12 10.80 5.00
C ASP D 406 3.88 11.36 6.42
N TRP D 407 4.52 10.73 7.45
CA TRP D 407 4.23 10.89 8.92
C TRP D 407 4.46 12.31 9.42
N GLU D 408 5.57 12.88 8.95
CA GLU D 408 5.94 14.28 9.11
C GLU D 408 4.90 15.24 8.61
N GLY D 409 4.31 14.99 7.42
CA GLY D 409 3.16 15.74 6.98
C GLY D 409 3.51 16.99 6.24
N VAL D 410 2.49 17.84 6.03
CA VAL D 410 2.59 18.90 4.99
C VAL D 410 2.31 20.24 5.58
N LYS D 411 3.12 21.26 5.19
CA LYS D 411 2.93 22.62 5.69
C LYS D 411 1.79 23.36 5.09
N ILE D 412 0.92 23.78 6.01
CA ILE D 412 -0.27 24.53 5.61
C ILE D 412 0.18 25.95 5.33
N ASP D 413 -0.10 26.42 4.11
CA ASP D 413 0.29 27.68 3.55
C ASP D 413 -0.94 28.60 3.52
N ALA D 414 -2.15 28.02 3.42
CA ALA D 414 -3.37 28.79 3.66
C ALA D 414 -4.48 27.94 4.25
N ILE D 415 -5.43 28.60 4.95
CA ILE D 415 -6.66 27.95 5.42
C ILE D 415 -7.89 28.72 5.00
N LEU D 416 -8.73 28.09 4.19
CA LEU D 416 -9.97 28.61 3.69
C LEU D 416 -11.16 28.07 4.51
N PHE D 417 -12.04 28.99 4.96
CA PHE D 417 -13.44 28.65 5.34
C PHE D 417 -14.30 29.08 4.21
N GLY D 418 -15.29 28.26 3.89
CA GLY D 418 -16.24 28.65 2.89
C GLY D 418 -17.61 28.18 3.26
N GLY D 419 -18.53 29.15 3.24
CA GLY D 419 -19.97 28.93 3.19
C GLY D 419 -20.59 29.25 1.80
N ARG D 420 -21.70 28.51 1.53
CA ARG D 420 -22.62 28.64 0.39
C ARG D 420 -23.62 29.80 0.64
N ARG D 421 -23.24 31.03 0.27
CA ARG D 421 -24.09 32.25 0.43
C ARG D 421 -24.35 32.91 -0.91
N ALA D 422 -25.66 33.13 -1.16
CA ALA D 422 -26.24 33.60 -2.41
C ALA D 422 -26.01 35.12 -2.60
N ASP D 423 -25.59 35.79 -1.53
CA ASP D 423 -25.28 37.22 -1.52
C ASP D 423 -24.28 37.49 -0.37
N THR D 424 -24.21 38.73 0.15
CA THR D 424 -23.30 39.22 1.23
C THR D 424 -21.78 38.93 1.25
N VAL D 425 -21.39 37.67 1.08
CA VAL D 425 -19.97 37.28 1.27
C VAL D 425 -19.18 37.33 -0.06
N PRO D 426 -18.04 38.09 -0.11
CA PRO D 426 -17.28 38.23 -1.37
C PRO D 426 -16.63 36.90 -1.81
N LEU D 427 -16.40 36.71 -3.11
CA LEU D 427 -15.79 35.46 -3.66
C LEU D 427 -14.49 34.98 -2.94
N VAL D 428 -13.57 35.92 -2.64
CA VAL D 428 -12.35 35.56 -1.85
C VAL D 428 -12.00 36.73 -1.03
N THR D 429 -11.72 36.53 0.26
CA THR D 429 -11.18 37.60 1.11
C THR D 429 -10.15 37.09 2.14
N GLN D 430 -9.01 37.80 2.22
CA GLN D 430 -7.99 37.57 3.22
C GLN D 430 -8.31 38.25 4.56
N THR D 431 -8.39 37.41 5.58
CA THR D 431 -8.64 37.94 6.93
C THR D 431 -7.34 38.50 7.50
N TYR D 432 -7.49 39.38 8.50
CA TYR D 432 -6.43 40.29 8.94
C TYR D 432 -5.26 39.59 9.55
N ASP D 433 -5.55 38.46 10.21
CA ASP D 433 -4.62 37.67 11.01
C ASP D 433 -5.35 36.44 11.63
N TRP D 434 -4.70 35.69 12.52
CA TRP D 434 -5.25 34.40 13.01
C TRP D 434 -6.55 34.57 13.87
N GLU D 435 -6.40 35.43 14.88
CA GLU D 435 -7.47 35.90 15.73
C GLU D 435 -8.68 36.46 14.94
N HIS D 436 -8.41 37.24 13.91
CA HIS D 436 -9.51 37.67 13.06
C HIS D 436 -10.21 36.45 12.45
N GLY D 437 -9.39 35.51 11.89
CA GLY D 437 -9.84 34.31 11.17
C GLY D 437 -10.54 33.25 12.03
N THR D 438 -10.24 33.22 13.33
CA THR D 438 -10.99 32.42 14.29
C THR D 438 -12.41 33.00 14.40
N MET D 439 -12.53 34.33 14.45
CA MET D 439 -13.85 34.93 14.49
C MET D 439 -14.69 34.55 13.26
N VAL D 440 -14.07 34.70 12.10
CA VAL D 440 -14.59 34.33 10.78
C VAL D 440 -15.11 32.91 10.68
N GLY D 441 -14.26 31.98 11.13
CA GLY D 441 -14.57 30.56 11.32
C GLY D 441 -15.77 30.31 12.20
N ALA D 442 -15.77 30.96 13.37
CA ALA D 442 -16.86 30.95 14.34
C ALA D 442 -18.23 31.28 13.74
N LEU D 443 -18.20 32.16 12.75
CA LEU D 443 -19.39 32.75 12.11
C LEU D 443 -19.79 32.14 10.78
N LEU D 444 -19.11 31.04 10.44
CA LEU D 444 -19.39 30.34 9.19
C LEU D 444 -20.87 29.98 8.98
N ALA D 445 -21.48 30.50 7.92
CA ALA D 445 -22.86 30.18 7.67
C ALA D 445 -23.29 29.95 6.23
N SER D 446 -24.52 29.37 6.14
CA SER D 446 -25.28 28.90 4.95
C SER D 446 -24.55 28.01 4.00
N THR D 459 -32.66 31.32 10.91
CA THR D 459 -32.60 31.67 9.48
C THR D 459 -31.31 31.35 8.66
N LEU D 460 -30.16 31.93 9.09
CA LEU D 460 -28.77 31.65 8.59
C LEU D 460 -28.26 30.44 9.32
N ARG D 461 -27.85 29.43 8.55
CA ARG D 461 -27.47 28.09 9.09
C ARG D 461 -25.98 28.19 9.42
N HIS D 462 -25.68 28.21 10.70
CA HIS D 462 -24.34 28.48 11.17
C HIS D 462 -23.74 27.10 11.33
N ASP D 463 -22.44 27.02 11.11
CA ASP D 463 -21.66 25.79 11.27
C ASP D 463 -20.27 26.29 11.57
N PRO D 464 -20.00 26.65 12.83
CA PRO D 464 -18.69 27.13 13.18
C PRO D 464 -17.59 26.18 12.68
N MET D 465 -16.59 26.78 12.01
CA MET D 465 -15.40 26.10 11.44
C MET D 465 -15.79 24.84 10.72
N ALA D 466 -17.03 24.74 10.26
CA ALA D 466 -17.58 23.50 9.65
C ALA D 466 -17.51 22.29 10.57
N MET D 467 -17.46 22.53 11.88
CA MET D 467 -17.28 21.42 12.83
C MET D 467 -18.59 20.98 13.53
N LEU D 468 -19.65 21.77 13.48
CA LEU D 468 -20.78 21.70 14.48
C LEU D 468 -21.23 20.28 14.85
N PRO D 469 -21.43 19.42 13.84
CA PRO D 469 -21.81 18.18 14.51
C PRO D 469 -20.67 17.51 15.37
N PHE D 470 -19.41 17.94 15.21
CA PHE D 470 -18.22 17.08 15.57
C PHE D 470 -17.23 17.73 16.52
N ILE D 471 -17.63 18.78 17.21
CA ILE D 471 -16.73 19.31 18.28
C ILE D 471 -16.89 18.41 19.55
N GLY D 472 -15.83 17.83 20.08
CA GLY D 472 -16.08 16.82 21.11
C GLY D 472 -16.16 17.35 22.53
N TYR D 473 -16.01 18.67 22.66
CA TYR D 473 -16.04 19.27 24.00
C TYR D 473 -16.72 20.62 23.88
N ASN D 474 -16.76 21.40 24.96
CA ASN D 474 -17.37 22.70 24.91
C ASN D 474 -16.92 23.55 23.73
N ALA D 475 -17.86 23.96 22.88
CA ALA D 475 -17.55 24.69 21.66
C ALA D 475 -16.87 26.02 21.83
N GLY D 476 -17.07 26.72 22.98
CA GLY D 476 -16.48 28.05 23.14
C GLY D 476 -15.03 27.92 23.50
N GLU D 477 -14.77 26.91 24.30
CA GLU D 477 -13.45 26.42 24.60
C GLU D 477 -12.77 25.94 23.30
N TYR D 478 -13.49 25.20 22.46
CA TYR D 478 -12.87 24.77 21.17
C TYR D 478 -12.37 25.95 20.37
N LEU D 479 -13.12 27.06 20.40
CA LEU D 479 -12.65 28.36 19.86
C LEU D 479 -11.46 28.89 20.69
N GLN D 480 -11.44 28.62 22.00
CA GLN D 480 -10.30 29.07 22.87
C GLN D 480 -9.03 28.40 22.33
N ASN D 481 -9.12 27.05 22.12
CA ASN D 481 -8.06 26.28 21.40
C ASN D 481 -7.52 26.89 20.17
N TRP D 482 -8.40 27.32 19.26
CA TRP D 482 -7.96 28.06 18.08
C TRP D 482 -7.12 29.27 18.42
N ILE D 483 -7.61 30.12 19.35
CA ILE D 483 -6.86 31.29 19.89
C ILE D 483 -5.46 30.95 20.52
N ASP D 484 -5.38 29.91 21.34
CA ASP D 484 -4.13 29.43 21.98
C ASP D 484 -3.09 29.07 20.94
N MET D 485 -3.52 28.11 20.11
CA MET D 485 -2.77 27.65 19.05
C MET D 485 -2.18 28.83 18.31
N GLY D 486 -3.00 29.84 18.00
CA GLY D 486 -2.56 31.03 17.26
C GLY D 486 -1.56 31.94 17.96
N ASN D 487 -1.44 31.76 19.29
CA ASN D 487 -0.51 32.46 20.16
C ASN D 487 0.77 31.64 20.40
N LYS D 488 0.61 30.32 20.37
CA LYS D 488 1.74 29.35 20.36
C LYS D 488 2.59 29.57 19.10
N GLY D 489 2.02 30.06 18.01
CA GLY D 489 2.73 30.39 16.75
C GLY D 489 2.48 31.86 16.48
N GLY D 490 2.97 32.39 15.38
CA GLY D 490 2.82 33.82 15.17
C GLY D 490 3.01 34.10 13.71
N ASP D 491 4.25 34.52 13.38
CA ASP D 491 4.84 34.33 12.03
C ASP D 491 4.58 32.92 11.47
N LYS D 492 4.40 31.97 12.38
CA LYS D 492 4.32 30.58 12.01
C LYS D 492 2.99 30.21 11.34
N MET D 493 1.89 30.84 11.76
CA MET D 493 0.53 30.50 11.28
C MET D 493 0.24 30.89 9.81
N PRO D 494 -0.35 29.95 9.00
CA PRO D 494 -0.87 30.17 7.61
C PRO D 494 -2.01 31.18 7.59
N SER D 495 -2.19 31.86 6.48
CA SER D 495 -3.22 32.89 6.36
C SER D 495 -4.62 32.23 6.35
N ILE D 496 -5.57 32.86 7.00
CA ILE D 496 -6.95 32.42 6.93
C ILE D 496 -7.72 33.25 5.94
N PHE D 497 -8.37 32.55 5.00
CA PHE D 497 -9.14 33.14 3.90
C PHE D 497 -10.59 32.75 4.00
N LEU D 498 -11.46 33.60 3.42
CA LEU D 498 -12.89 33.37 3.35
C LEU D 498 -13.39 33.32 1.92
N VAL D 499 -13.98 32.17 1.56
CA VAL D 499 -14.42 31.91 0.23
C VAL D 499 -15.96 31.69 0.17
N ASN D 500 -16.47 31.92 -1.04
CA ASN D 500 -17.88 31.80 -1.37
C ASN D 500 -17.99 31.66 -2.88
N TRP D 501 -18.20 30.40 -3.27
CA TRP D 501 -18.36 29.96 -4.67
C TRP D 501 -19.65 30.37 -5.29
N PHE D 502 -20.62 30.71 -4.41
CA PHE D 502 -22.09 30.60 -4.72
C PHE D 502 -22.92 31.89 -4.77
N ARG D 503 -22.25 33.05 -4.80
CA ARG D 503 -22.94 34.34 -5.05
C ARG D 503 -23.90 34.30 -6.25
N ARG D 504 -25.06 34.94 -6.10
CA ARG D 504 -26.10 34.91 -7.15
C ARG D 504 -26.35 36.32 -7.70
N GLY D 505 -26.86 36.39 -8.91
CA GLY D 505 -27.25 37.65 -9.56
C GLY D 505 -28.76 37.80 -9.44
N GLU D 506 -29.29 38.89 -9.99
CA GLU D 506 -30.75 39.07 -10.02
C GLU D 506 -31.11 38.51 -11.35
N ASP D 507 -31.56 37.26 -11.36
CA ASP D 507 -31.39 36.37 -12.52
C ASP D 507 -30.29 36.70 -13.58
N GLY D 508 -29.18 37.27 -13.08
CA GLY D 508 -27.83 37.30 -13.73
C GLY D 508 -27.11 35.98 -13.42
N ARG D 509 -27.80 35.18 -12.58
CA ARG D 509 -27.53 33.80 -12.08
C ARG D 509 -26.25 33.52 -11.20
N PHE D 510 -25.71 32.30 -11.26
CA PHE D 510 -24.48 31.99 -10.53
C PHE D 510 -23.29 32.75 -11.09
N LEU D 511 -22.77 33.68 -10.31
CA LEU D 511 -21.75 34.64 -10.79
C LEU D 511 -20.33 34.03 -10.97
N TRP D 512 -20.16 32.82 -10.45
CA TRP D 512 -18.91 32.13 -10.53
C TRP D 512 -19.17 30.71 -11.04
N PRO D 513 -18.50 30.31 -12.14
CA PRO D 513 -18.74 28.94 -12.60
C PRO D 513 -18.25 27.86 -11.61
N GLY D 514 -17.39 28.23 -10.66
CA GLY D 514 -16.81 27.29 -9.67
C GLY D 514 -16.27 26.06 -10.35
N PHE D 515 -16.42 24.91 -9.68
CA PHE D 515 -15.86 23.62 -10.03
C PHE D 515 -14.33 23.70 -10.32
N GLY D 516 -13.91 23.50 -11.56
CA GLY D 516 -12.46 23.52 -11.90
C GLY D 516 -11.84 24.92 -11.82
N ASP D 517 -12.60 25.90 -12.31
CA ASP D 517 -12.30 27.34 -12.38
C ASP D 517 -12.10 27.89 -11.00
N ASN D 518 -12.25 27.04 -10.00
CA ASN D 518 -12.07 27.49 -8.66
C ASN D 518 -10.57 27.70 -8.35
N SER D 519 -9.73 27.09 -9.18
CA SER D 519 -8.26 27.21 -9.10
C SER D 519 -7.82 28.65 -9.33
N ARG D 520 -8.60 29.38 -10.11
CA ARG D 520 -8.34 30.76 -10.31
C ARG D 520 -8.37 31.52 -8.95
N VAL D 521 -9.34 31.17 -8.04
CA VAL D 521 -9.40 31.72 -6.64
C VAL D 521 -8.17 31.27 -5.84
N LEU D 522 -7.85 30.00 -6.02
CA LEU D 522 -6.78 29.38 -5.26
C LEU D 522 -5.38 29.91 -5.68
N LYS D 523 -5.29 30.19 -7.00
CA LYS D 523 -4.28 31.00 -7.69
C LYS D 523 -4.11 32.32 -6.96
N TRP D 524 -5.22 32.92 -6.54
CA TRP D 524 -5.17 34.26 -5.86
C TRP D 524 -4.69 34.20 -4.36
N VAL D 525 -5.27 33.28 -3.60
CA VAL D 525 -4.72 32.90 -2.31
C VAL D 525 -3.16 32.77 -2.37
N ILE D 526 -2.60 31.97 -3.28
CA ILE D 526 -1.14 31.85 -3.32
C ILE D 526 -0.37 33.15 -3.62
N ASP D 527 -0.81 33.91 -4.63
CA ASP D 527 -0.26 35.25 -4.92
C ASP D 527 -0.29 36.16 -3.68
N ARG D 528 -1.25 35.97 -2.78
CA ARG D 528 -1.45 36.87 -1.63
C ARG D 528 -0.58 36.57 -0.44
N ILE D 529 -0.39 35.31 -0.10
CA ILE D 529 0.54 34.99 0.98
C ILE D 529 1.98 35.30 0.53
N GLU D 530 2.16 35.48 -0.78
CA GLU D 530 3.45 35.79 -1.39
C GLU D 530 3.53 37.25 -1.87
N GLY D 531 2.60 38.11 -1.43
CA GLY D 531 2.69 39.53 -1.72
C GLY D 531 2.99 39.96 -3.16
N HIS D 532 2.41 39.26 -4.16
CA HIS D 532 2.36 39.74 -5.56
C HIS D 532 0.95 40.15 -5.97
N VAL D 533 0.04 40.35 -5.00
CA VAL D 533 -1.32 40.92 -5.27
C VAL D 533 -1.86 41.75 -4.11
N GLY D 534 -2.46 42.89 -4.44
CA GLY D 534 -3.19 43.69 -3.47
C GLY D 534 -4.60 43.18 -3.25
N ALA D 535 -5.35 43.98 -2.52
CA ALA D 535 -6.71 43.67 -2.16
C ALA D 535 -7.50 44.95 -1.99
N ASP D 536 -8.81 44.86 -2.21
CA ASP D 536 -9.75 45.90 -1.81
C ASP D 536 -10.14 45.73 -0.36
N GLU D 537 -9.80 46.71 0.47
CA GLU D 537 -10.29 46.73 1.83
C GLU D 537 -11.80 46.69 1.76
N THR D 538 -12.40 45.73 2.44
CA THR D 538 -13.87 45.61 2.44
C THR D 538 -14.26 45.53 3.89
N VAL D 539 -15.58 45.50 4.13
CA VAL D 539 -16.08 45.32 5.51
C VAL D 539 -15.56 44.04 6.17
N VAL D 540 -15.61 42.93 5.43
CA VAL D 540 -15.07 41.60 5.75
C VAL D 540 -13.57 41.41 6.00
N GLY D 541 -12.75 42.08 5.18
CA GLY D 541 -11.25 42.07 5.26
C GLY D 541 -10.61 42.45 3.91
N HIS D 542 -9.37 41.99 3.64
CA HIS D 542 -8.69 42.21 2.32
C HIS D 542 -9.32 41.42 1.14
N THR D 543 -9.97 42.08 0.20
CA THR D 543 -10.69 41.29 -0.81
C THR D 543 -10.11 41.34 -2.19
N ALA D 544 -10.19 40.21 -2.89
CA ALA D 544 -9.74 40.11 -4.30
C ALA D 544 -10.21 41.29 -5.12
N LYS D 545 -9.24 41.90 -5.81
CA LYS D 545 -9.48 43.06 -6.67
C LYS D 545 -10.32 42.76 -7.96
N ALA D 546 -10.45 41.48 -8.35
CA ALA D 546 -11.25 41.01 -9.54
C ALA D 546 -10.39 41.06 -10.78
N GLU D 547 -9.67 42.17 -10.86
CA GLU D 547 -8.73 42.46 -11.90
C GLU D 547 -7.40 41.75 -11.65
N ASP D 548 -7.18 41.30 -10.40
CA ASP D 548 -6.06 40.44 -10.05
C ASP D 548 -6.36 38.91 -10.19
N LEU D 549 -7.55 38.59 -10.67
CA LEU D 549 -7.94 37.23 -10.82
C LEU D 549 -7.49 36.81 -12.23
N ASP D 550 -7.06 35.56 -12.35
CA ASP D 550 -6.78 34.99 -13.66
C ASP D 550 -8.03 34.39 -14.40
N LEU D 551 -8.58 35.22 -15.29
CA LEU D 551 -9.84 34.99 -15.95
C LEU D 551 -9.57 34.61 -17.39
N ASP D 552 -8.37 35.00 -17.87
CA ASP D 552 -7.86 34.63 -19.19
C ASP D 552 -8.39 33.26 -19.58
N GLY D 553 -9.47 33.23 -20.36
CA GLY D 553 -10.04 31.97 -20.87
C GLY D 553 -11.41 31.57 -20.32
N LEU D 554 -12.10 32.52 -19.66
CA LEU D 554 -13.39 32.33 -18.97
C LEU D 554 -14.66 32.79 -19.71
N ASP D 555 -15.43 31.78 -20.12
CA ASP D 555 -16.41 31.84 -21.20
C ASP D 555 -17.86 31.90 -20.74
N ILE D 558 -19.74 36.18 -17.66
CA ILE D 558 -18.41 36.64 -17.22
C ILE D 558 -18.27 38.19 -17.29
N GLU D 559 -17.36 38.68 -16.45
CA GLU D 559 -17.32 40.04 -15.83
C GLU D 559 -18.44 40.40 -14.73
N ASP D 560 -19.17 39.35 -14.34
CA ASP D 560 -20.08 39.26 -13.17
C ASP D 560 -19.17 39.12 -11.93
N VAL D 561 -17.88 39.20 -12.19
CA VAL D 561 -16.86 38.93 -11.20
C VAL D 561 -16.75 40.01 -10.17
N LYS D 562 -16.92 41.26 -10.61
CA LYS D 562 -16.79 42.42 -9.72
C LYS D 562 -17.96 42.39 -8.75
N GLU D 563 -19.07 41.84 -9.24
CA GLU D 563 -20.34 41.66 -8.51
C GLU D 563 -20.25 40.59 -7.41
N ALA D 564 -19.90 39.34 -7.76
CA ALA D 564 -19.64 38.29 -6.75
C ALA D 564 -18.59 38.72 -5.65
N LEU D 565 -17.66 39.60 -6.01
CA LEU D 565 -16.57 40.03 -5.13
C LEU D 565 -16.96 41.15 -4.16
N THR D 566 -18.22 41.59 -4.20
CA THR D 566 -18.69 42.69 -3.35
C THR D 566 -19.09 42.29 -1.91
N ALA D 567 -18.77 43.16 -0.94
CA ALA D 567 -19.25 43.03 0.46
C ALA D 567 -20.19 44.18 0.96
N PRO D 568 -21.46 44.24 0.42
CA PRO D 568 -22.40 45.36 0.73
C PRO D 568 -22.74 45.48 2.22
N ALA D 569 -22.46 46.66 2.79
CA ALA D 569 -22.70 47.01 4.22
C ALA D 569 -24.18 46.91 4.73
N GLU D 570 -25.14 47.22 3.87
CA GLU D 570 -26.51 47.03 4.25
C GLU D 570 -26.72 45.52 4.41
N GLN D 571 -25.96 44.74 3.66
CA GLN D 571 -26.02 43.28 3.69
C GLN D 571 -25.30 42.63 4.91
N TRP D 572 -24.27 43.28 5.43
CA TRP D 572 -23.52 42.84 6.58
C TRP D 572 -24.12 43.32 7.92
N ALA D 573 -24.84 44.44 7.81
CA ALA D 573 -25.58 45.09 8.89
C ALA D 573 -26.82 44.23 9.20
N ASN D 574 -27.33 43.66 8.12
CA ASN D 574 -28.35 42.64 7.97
C ASN D 574 -28.04 41.36 8.86
N ASP D 575 -26.78 40.97 9.06
CA ASP D 575 -26.59 39.72 9.88
C ASP D 575 -26.07 39.95 11.25
N VAL D 576 -25.79 41.19 11.58
CA VAL D 576 -25.22 41.49 12.87
C VAL D 576 -25.97 40.89 14.07
N GLU D 577 -27.30 41.04 14.10
CA GLU D 577 -28.09 40.51 15.20
C GLU D 577 -27.97 38.98 15.33
N ASP D 578 -28.11 38.26 14.22
CA ASP D 578 -27.94 36.81 14.17
C ASP D 578 -26.54 36.36 14.65
N ASN D 579 -25.50 36.89 14.00
CA ASN D 579 -24.11 36.75 14.46
C ASN D 579 -23.86 37.01 15.98
N ALA D 580 -24.27 38.16 16.53
CA ALA D 580 -24.21 38.38 17.98
C ALA D 580 -24.92 37.37 18.88
N GLU D 581 -26.13 36.92 18.51
CA GLU D 581 -26.81 35.89 19.36
C GLU D 581 -26.10 34.54 19.28
N TYR D 582 -25.64 34.21 18.07
CA TYR D 582 -24.77 33.06 17.82
C TYR D 582 -23.53 33.03 18.77
N LEU D 583 -22.61 34.02 18.70
CA LEU D 583 -21.51 34.14 19.71
C LEU D 583 -21.96 33.93 21.15
N THR D 584 -23.10 34.49 21.53
CA THR D 584 -23.63 34.39 22.89
C THR D 584 -24.11 32.96 23.07
N PHE D 585 -24.84 32.46 22.06
CA PHE D 585 -25.27 31.03 22.11
C PHE D 585 -24.06 30.13 22.46
N LEU D 586 -22.93 30.33 21.75
CA LEU D 586 -21.71 29.48 21.96
C LEU D 586 -21.24 29.51 23.41
N GLY D 587 -21.64 30.55 24.14
CA GLY D 587 -21.75 30.43 25.57
C GLY D 587 -20.59 31.05 26.34
N PRO D 588 -20.51 30.76 27.66
CA PRO D 588 -19.68 31.43 28.65
C PRO D 588 -18.14 31.38 28.32
N ARG D 589 -17.71 30.24 27.78
CA ARG D 589 -16.32 29.95 27.47
C ARG D 589 -15.80 30.60 26.18
N VAL D 590 -16.65 31.30 25.42
CA VAL D 590 -16.17 31.88 24.18
C VAL D 590 -15.03 32.88 24.39
N PRO D 591 -13.88 32.71 23.67
CA PRO D 591 -12.78 33.68 23.84
C PRO D 591 -13.22 35.09 23.91
N ALA D 592 -12.75 35.80 24.90
CA ALA D 592 -12.93 37.22 24.98
C ALA D 592 -12.19 38.04 23.85
N GLU D 593 -11.36 37.36 23.03
CA GLU D 593 -10.77 37.91 21.77
C GLU D 593 -11.72 37.62 20.62
N VAL D 594 -12.57 36.60 20.75
CA VAL D 594 -13.56 36.38 19.68
C VAL D 594 -14.52 37.58 19.79
N HIS D 595 -14.91 37.91 21.02
CA HIS D 595 -15.84 39.06 21.28
C HIS D 595 -15.28 40.40 20.80
N SER D 596 -14.02 40.69 21.16
CA SER D 596 -13.24 41.82 20.60
C SER D 596 -13.36 42.09 19.07
N GLN D 597 -13.12 41.05 18.26
CA GLN D 597 -13.19 41.10 16.80
C GLN D 597 -14.58 41.37 16.13
N PHE D 598 -15.63 40.68 16.63
CA PHE D 598 -17.00 40.91 16.27
C PHE D 598 -17.39 42.37 16.54
N ASP D 599 -16.89 42.95 17.64
CA ASP D 599 -17.07 44.38 17.89
C ASP D 599 -16.35 45.23 16.81
N ALA D 600 -15.08 44.92 16.54
CA ALA D 600 -14.35 45.53 15.44
C ALA D 600 -15.05 45.34 14.12
N LEU D 601 -15.68 44.17 13.90
CA LEU D 601 -16.47 43.89 12.66
C LEU D 601 -17.65 44.80 12.65
N LYS D 602 -18.32 44.88 13.79
CA LYS D 602 -19.54 45.64 13.91
C LYS D 602 -19.22 47.06 13.58
N ALA D 603 -18.16 47.63 14.23
CA ALA D 603 -17.64 48.97 13.85
C ALA D 603 -17.28 49.05 12.33
N ARG D 604 -16.60 48.03 11.76
CA ARG D 604 -16.43 48.04 10.29
C ARG D 604 -17.74 48.38 9.64
N ILE D 605 -18.79 47.64 9.97
CA ILE D 605 -20.09 47.84 9.31
C ILE D 605 -20.76 49.23 9.40
N SER D 606 -20.87 49.78 10.60
CA SER D 606 -21.54 51.09 10.72
C SER D 606 -20.69 52.32 10.25
#